data_7EFJ
# 
_entry.id   7EFJ 
# 
_audit_conform.dict_name       mmcif_pdbx.dic 
_audit_conform.dict_version    5.397 
_audit_conform.dict_location   http://mmcif.pdb.org/dictionaries/ascii/mmcif_pdbx.dic 
# 
loop_
_database_2.database_id 
_database_2.database_code 
_database_2.pdbx_database_accession 
_database_2.pdbx_DOI 
PDB   7EFJ         pdb_00007efj 10.2210/pdb7efj/pdb 
WWPDB D_1300021317 ?            ?                   
# 
loop_
_pdbx_audit_revision_history.ordinal 
_pdbx_audit_revision_history.data_content_type 
_pdbx_audit_revision_history.major_revision 
_pdbx_audit_revision_history.minor_revision 
_pdbx_audit_revision_history.revision_date 
1 'Structure model' 1 0 2022-02-16 
2 'Structure model' 1 1 2022-02-23 
3 'Structure model' 1 2 2023-11-29 
4 'Structure model' 1 3 2024-10-09 
# 
_pdbx_audit_revision_details.ordinal             1 
_pdbx_audit_revision_details.revision_ordinal    1 
_pdbx_audit_revision_details.data_content_type   'Structure model' 
_pdbx_audit_revision_details.provider            repository 
_pdbx_audit_revision_details.type                'Initial release' 
_pdbx_audit_revision_details.description         ? 
_pdbx_audit_revision_details.details             ? 
# 
loop_
_pdbx_audit_revision_group.ordinal 
_pdbx_audit_revision_group.revision_ordinal 
_pdbx_audit_revision_group.data_content_type 
_pdbx_audit_revision_group.group 
1 2 'Structure model' 'Database references'    
2 3 'Structure model' 'Data collection'        
3 3 'Structure model' 'Refinement description' 
4 4 'Structure model' 'Structure summary'      
# 
loop_
_pdbx_audit_revision_category.ordinal 
_pdbx_audit_revision_category.revision_ordinal 
_pdbx_audit_revision_category.data_content_type 
_pdbx_audit_revision_category.category 
1 2 'Structure model' citation                      
2 2 'Structure model' citation_author               
3 3 'Structure model' chem_comp_atom                
4 3 'Structure model' chem_comp_bond                
5 3 'Structure model' pdbx_initial_refinement_model 
6 4 'Structure model' pdbx_entry_details            
7 4 'Structure model' pdbx_modification_feature     
# 
loop_
_pdbx_audit_revision_item.ordinal 
_pdbx_audit_revision_item.revision_ordinal 
_pdbx_audit_revision_item.data_content_type 
_pdbx_audit_revision_item.item 
1 2 'Structure model' '_citation.journal_volume'                     
2 2 'Structure model' '_citation.page_first'                         
3 2 'Structure model' '_citation.page_last'                          
4 2 'Structure model' '_citation_author.identifier_ORCID'            
5 4 'Structure model' '_pdbx_entry_details.has_protein_modification' 
# 
_pdbx_database_status.status_code                     REL 
_pdbx_database_status.status_code_sf                  REL 
_pdbx_database_status.status_code_mr                  ? 
_pdbx_database_status.entry_id                        7EFJ 
_pdbx_database_status.recvd_initial_deposition_date   2021-03-21 
_pdbx_database_status.SG_entry                        N 
_pdbx_database_status.deposit_site                    PDBJ 
_pdbx_database_status.process_site                    PDBJ 
_pdbx_database_status.status_code_cs                  ? 
_pdbx_database_status.status_code_nmr_data            ? 
_pdbx_database_status.methods_development_category    ? 
_pdbx_database_status.pdb_format_compatible           Y 
# 
loop_
_audit_author.name 
_audit_author.pdbx_ordinal 
_audit_author.identifier_ORCID 
'Liu, L.' 1 ? 
'Li, J.'  2 ? 
# 
_citation.abstract                  ? 
_citation.abstract_id_CAS           ? 
_citation.book_id_ISBN              ? 
_citation.book_publisher            ? 
_citation.book_publisher_city       ? 
_citation.book_title                ? 
_citation.coordinate_linkage        ? 
_citation.country                   US 
_citation.database_id_Medline       ? 
_citation.details                   ? 
_citation.id                        primary 
_citation.journal_abbrev            J.Med.Chem. 
_citation.journal_id_ASTM           JMCMAR 
_citation.journal_id_CSD            0151 
_citation.journal_id_ISSN           0022-2623 
_citation.journal_full              ? 
_citation.journal_issue             ? 
_citation.journal_volume            65 
_citation.language                  ? 
_citation.page_first                2174 
_citation.page_last                 2190 
_citation.title                     
;Computational and Structure-Based Development of High Potent Cell-Active Covalent Inhibitor Targeting the Peptidyl-Prolyl Isomerase NIMA-Interacting-1 (Pin1).
;
_citation.year                      2022 
_citation.database_id_CSD           ? 
_citation.pdbx_database_id_DOI      10.1021/acs.jmedchem.1c01686 
_citation.pdbx_database_id_PubMed   35089030 
_citation.pdbx_database_id_patent   ? 
_citation.unpublished_flag          ? 
# 
loop_
_citation_author.citation_id 
_citation_author.name 
_citation_author.ordinal 
_citation_author.identifier_ORCID 
primary 'Liu, L.'   1  ? 
primary 'Zhu, R.'   2  ? 
primary 'Li, J.'    3  ? 
primary 'Pei, Y.'   4  ? 
primary 'Wang, S.'  5  ? 
primary 'Xu, P.'    6  ? 
primary 'Wang, M.'  7  ? 
primary 'Wen, Y.'   8  ? 
primary 'Zhang, H.' 9  ? 
primary 'Du, D.'    10 ? 
primary 'Ding, H.'  11 ? 
primary 'Jiang, H.' 12 ? 
primary 'Chen, K.'  13 ? 
primary 'Zhou, B.'  14 ? 
primary 'Yu, L.'    15 ? 
primary 'Luo, C.'   16 ? 
# 
loop_
_entity.id 
_entity.type 
_entity.src_method 
_entity.pdbx_description 
_entity.formula_weight 
_entity.pdbx_number_of_molecules 
_entity.pdbx_ec 
_entity.pdbx_mutation 
_entity.pdbx_fragment 
_entity.details 
1 polymer     man 'Peptidyl-prolyl cis-trans isomerase NIMA-interacting 1'                        20356.572 1   5.2.1.8 R14A ? ? 
2 non-polymer syn '8-(2-chloroacetyl)-4-(furan-2-ylmethyl)-1-thia-4,8-diazaspiro[4.5]decan-3-one' 328.814   1   ?       ?    ? ? 
3 non-polymer syn 3,6,9,12,15,18,21-HEPTAOXATRICOSANE-1,23-DIOL                                   370.436   1   ?       ?    ? ? 
4 water       nat water                                                                           18.015    104 ?       ?    ? ? 
# 
_entity_name_com.entity_id   1 
_entity_name_com.name        'Peptidyl-prolyl cis-trans isomerase Pin1,PPIase Pin1,Rotamase Pin1' 
# 
_entity_poly.entity_id                      1 
_entity_poly.type                           'polypeptide(L)' 
_entity_poly.nstd_linkage                   no 
_entity_poly.nstd_monomer                   no 
_entity_poly.pdbx_seq_one_letter_code       
;MGSSHHHHHHSSGLVPRGSHMADEEKLPPGWEKAMSRSSGRVYYFNHITNASQWERPSGNSSSGGKNGQGEPARVRCSHL
LVKHSQSRRPSSWRQEKITRTKEEALELINGYIQKIKSGEEDFESLASQFSDCSSAKARGDLGAFSRGQMQKPFEDASFA
LRTGEMSGPVFTDSGIHIILRTE
;
_entity_poly.pdbx_seq_one_letter_code_can   
;MGSSHHHHHHSSGLVPRGSHMADEEKLPPGWEKAMSRSSGRVYYFNHITNASQWERPSGNSSSGGKNGQGEPARVRCSHL
LVKHSQSRRPSSWRQEKITRTKEEALELINGYIQKIKSGEEDFESLASQFSDCSSAKARGDLGAFSRGQMQKPFEDASFA
LRTGEMSGPVFTDSGIHIILRTE
;
_entity_poly.pdbx_strand_id                 A 
_entity_poly.pdbx_target_identifier         ? 
# 
loop_
_pdbx_entity_nonpoly.entity_id 
_pdbx_entity_nonpoly.name 
_pdbx_entity_nonpoly.comp_id 
2 '8-(2-chloroacetyl)-4-(furan-2-ylmethyl)-1-thia-4,8-diazaspiro[4.5]decan-3-one' J2C 
3 3,6,9,12,15,18,21-HEPTAOXATRICOSANE-1,23-DIOL                                   PE8 
4 water                                                                           HOH 
# 
loop_
_entity_poly_seq.entity_id 
_entity_poly_seq.num 
_entity_poly_seq.mon_id 
_entity_poly_seq.hetero 
1 1   MET n 
1 2   GLY n 
1 3   SER n 
1 4   SER n 
1 5   HIS n 
1 6   HIS n 
1 7   HIS n 
1 8   HIS n 
1 9   HIS n 
1 10  HIS n 
1 11  SER n 
1 12  SER n 
1 13  GLY n 
1 14  LEU n 
1 15  VAL n 
1 16  PRO n 
1 17  ARG n 
1 18  GLY n 
1 19  SER n 
1 20  HIS n 
1 21  MET n 
1 22  ALA n 
1 23  ASP n 
1 24  GLU n 
1 25  GLU n 
1 26  LYS n 
1 27  LEU n 
1 28  PRO n 
1 29  PRO n 
1 30  GLY n 
1 31  TRP n 
1 32  GLU n 
1 33  LYS n 
1 34  ALA n 
1 35  MET n 
1 36  SER n 
1 37  ARG n 
1 38  SER n 
1 39  SER n 
1 40  GLY n 
1 41  ARG n 
1 42  VAL n 
1 43  TYR n 
1 44  TYR n 
1 45  PHE n 
1 46  ASN n 
1 47  HIS n 
1 48  ILE n 
1 49  THR n 
1 50  ASN n 
1 51  ALA n 
1 52  SER n 
1 53  GLN n 
1 54  TRP n 
1 55  GLU n 
1 56  ARG n 
1 57  PRO n 
1 58  SER n 
1 59  GLY n 
1 60  ASN n 
1 61  SER n 
1 62  SER n 
1 63  SER n 
1 64  GLY n 
1 65  GLY n 
1 66  LYS n 
1 67  ASN n 
1 68  GLY n 
1 69  GLN n 
1 70  GLY n 
1 71  GLU n 
1 72  PRO n 
1 73  ALA n 
1 74  ARG n 
1 75  VAL n 
1 76  ARG n 
1 77  CYS n 
1 78  SER n 
1 79  HIS n 
1 80  LEU n 
1 81  LEU n 
1 82  VAL n 
1 83  LYS n 
1 84  HIS n 
1 85  SER n 
1 86  GLN n 
1 87  SER n 
1 88  ARG n 
1 89  ARG n 
1 90  PRO n 
1 91  SER n 
1 92  SER n 
1 93  TRP n 
1 94  ARG n 
1 95  GLN n 
1 96  GLU n 
1 97  LYS n 
1 98  ILE n 
1 99  THR n 
1 100 ARG n 
1 101 THR n 
1 102 LYS n 
1 103 GLU n 
1 104 GLU n 
1 105 ALA n 
1 106 LEU n 
1 107 GLU n 
1 108 LEU n 
1 109 ILE n 
1 110 ASN n 
1 111 GLY n 
1 112 TYR n 
1 113 ILE n 
1 114 GLN n 
1 115 LYS n 
1 116 ILE n 
1 117 LYS n 
1 118 SER n 
1 119 GLY n 
1 120 GLU n 
1 121 GLU n 
1 122 ASP n 
1 123 PHE n 
1 124 GLU n 
1 125 SER n 
1 126 LEU n 
1 127 ALA n 
1 128 SER n 
1 129 GLN n 
1 130 PHE n 
1 131 SER n 
1 132 ASP n 
1 133 CYS n 
1 134 SER n 
1 135 SER n 
1 136 ALA n 
1 137 LYS n 
1 138 ALA n 
1 139 ARG n 
1 140 GLY n 
1 141 ASP n 
1 142 LEU n 
1 143 GLY n 
1 144 ALA n 
1 145 PHE n 
1 146 SER n 
1 147 ARG n 
1 148 GLY n 
1 149 GLN n 
1 150 MET n 
1 151 GLN n 
1 152 LYS n 
1 153 PRO n 
1 154 PHE n 
1 155 GLU n 
1 156 ASP n 
1 157 ALA n 
1 158 SER n 
1 159 PHE n 
1 160 ALA n 
1 161 LEU n 
1 162 ARG n 
1 163 THR n 
1 164 GLY n 
1 165 GLU n 
1 166 MET n 
1 167 SER n 
1 168 GLY n 
1 169 PRO n 
1 170 VAL n 
1 171 PHE n 
1 172 THR n 
1 173 ASP n 
1 174 SER n 
1 175 GLY n 
1 176 ILE n 
1 177 HIS n 
1 178 ILE n 
1 179 ILE n 
1 180 LEU n 
1 181 ARG n 
1 182 THR n 
1 183 GLU n 
# 
_entity_src_gen.entity_id                          1 
_entity_src_gen.pdbx_src_id                        1 
_entity_src_gen.pdbx_alt_source_flag               sample 
_entity_src_gen.pdbx_seq_type                      'Biological sequence' 
_entity_src_gen.pdbx_beg_seq_num                   1 
_entity_src_gen.pdbx_end_seq_num                   183 
_entity_src_gen.gene_src_common_name               Human 
_entity_src_gen.gene_src_genus                     ? 
_entity_src_gen.pdbx_gene_src_gene                 PIN1 
_entity_src_gen.gene_src_species                   ? 
_entity_src_gen.gene_src_strain                    ? 
_entity_src_gen.gene_src_tissue                    ? 
_entity_src_gen.gene_src_tissue_fraction           ? 
_entity_src_gen.gene_src_details                   ? 
_entity_src_gen.pdbx_gene_src_fragment             ? 
_entity_src_gen.pdbx_gene_src_scientific_name      'Homo sapiens' 
_entity_src_gen.pdbx_gene_src_ncbi_taxonomy_id     9606 
_entity_src_gen.pdbx_gene_src_variant              ? 
_entity_src_gen.pdbx_gene_src_cell_line            ? 
_entity_src_gen.pdbx_gene_src_atcc                 ? 
_entity_src_gen.pdbx_gene_src_organ                ? 
_entity_src_gen.pdbx_gene_src_organelle            ? 
_entity_src_gen.pdbx_gene_src_cell                 ? 
_entity_src_gen.pdbx_gene_src_cellular_location    ? 
_entity_src_gen.host_org_common_name               ? 
_entity_src_gen.pdbx_host_org_scientific_name      'Escherichia coli' 
_entity_src_gen.pdbx_host_org_ncbi_taxonomy_id     562 
_entity_src_gen.host_org_genus                     ? 
_entity_src_gen.pdbx_host_org_gene                 ? 
_entity_src_gen.pdbx_host_org_organ                ? 
_entity_src_gen.host_org_species                   ? 
_entity_src_gen.pdbx_host_org_tissue               ? 
_entity_src_gen.pdbx_host_org_tissue_fraction      ? 
_entity_src_gen.pdbx_host_org_strain               ? 
_entity_src_gen.pdbx_host_org_variant              ? 
_entity_src_gen.pdbx_host_org_cell_line            ? 
_entity_src_gen.pdbx_host_org_atcc                 ? 
_entity_src_gen.pdbx_host_org_culture_collection   ? 
_entity_src_gen.pdbx_host_org_cell                 ? 
_entity_src_gen.pdbx_host_org_organelle            ? 
_entity_src_gen.pdbx_host_org_cellular_location    ? 
_entity_src_gen.pdbx_host_org_vector_type          ? 
_entity_src_gen.pdbx_host_org_vector               ? 
_entity_src_gen.host_org_details                   ? 
_entity_src_gen.expression_system_id               ? 
_entity_src_gen.plasmid_name                       ? 
_entity_src_gen.plasmid_details                    ? 
_entity_src_gen.pdbx_description                   ? 
# 
loop_
_chem_comp.id 
_chem_comp.type 
_chem_comp.mon_nstd_flag 
_chem_comp.name 
_chem_comp.pdbx_synonyms 
_chem_comp.formula 
_chem_comp.formula_weight 
ALA 'L-peptide linking' y ALANINE                                                                         ? 'C3 H7 N O2'         
89.093  
ARG 'L-peptide linking' y ARGININE                                                                        ? 'C6 H15 N4 O2 1'     
175.209 
ASN 'L-peptide linking' y ASPARAGINE                                                                      ? 'C4 H8 N2 O3'        
132.118 
ASP 'L-peptide linking' y 'ASPARTIC ACID'                                                                 ? 'C4 H7 N O4'         
133.103 
CYS 'L-peptide linking' y CYSTEINE                                                                        ? 'C3 H7 N O2 S'       
121.158 
GLN 'L-peptide linking' y GLUTAMINE                                                                       ? 'C5 H10 N2 O3'       
146.144 
GLU 'L-peptide linking' y 'GLUTAMIC ACID'                                                                 ? 'C5 H9 N O4'         
147.129 
GLY 'peptide linking'   y GLYCINE                                                                         ? 'C2 H5 N O2'         
75.067  
HIS 'L-peptide linking' y HISTIDINE                                                                       ? 'C6 H10 N3 O2 1'     
156.162 
HOH non-polymer         . WATER                                                                           ? 'H2 O'               
18.015  
ILE 'L-peptide linking' y ISOLEUCINE                                                                      ? 'C6 H13 N O2'        
131.173 
J2C non-polymer         . '8-(2-chloroacetyl)-4-(furan-2-ylmethyl)-1-thia-4,8-diazaspiro[4.5]decan-3-one' ? 'C14 H17 Cl N2 O3 S' 
328.814 
LEU 'L-peptide linking' y LEUCINE                                                                         ? 'C6 H13 N O2'        
131.173 
LYS 'L-peptide linking' y LYSINE                                                                          ? 'C6 H15 N2 O2 1'     
147.195 
MET 'L-peptide linking' y METHIONINE                                                                      ? 'C5 H11 N O2 S'      
149.211 
PE8 non-polymer         . 3,6,9,12,15,18,21-HEPTAOXATRICOSANE-1,23-DIOL                                   ? 'C16 H34 O9'         
370.436 
PHE 'L-peptide linking' y PHENYLALANINE                                                                   ? 'C9 H11 N O2'        
165.189 
PRO 'L-peptide linking' y PROLINE                                                                         ? 'C5 H9 N O2'         
115.130 
SER 'L-peptide linking' y SERINE                                                                          ? 'C3 H7 N O3'         
105.093 
THR 'L-peptide linking' y THREONINE                                                                       ? 'C4 H9 N O3'         
119.119 
TRP 'L-peptide linking' y TRYPTOPHAN                                                                      ? 'C11 H12 N2 O2'      
204.225 
TYR 'L-peptide linking' y TYROSINE                                                                        ? 'C9 H11 N O3'        
181.189 
VAL 'L-peptide linking' y VALINE                                                                          ? 'C5 H11 N O2'        
117.146 
# 
loop_
_pdbx_poly_seq_scheme.asym_id 
_pdbx_poly_seq_scheme.entity_id 
_pdbx_poly_seq_scheme.seq_id 
_pdbx_poly_seq_scheme.mon_id 
_pdbx_poly_seq_scheme.ndb_seq_num 
_pdbx_poly_seq_scheme.pdb_seq_num 
_pdbx_poly_seq_scheme.auth_seq_num 
_pdbx_poly_seq_scheme.pdb_mon_id 
_pdbx_poly_seq_scheme.auth_mon_id 
_pdbx_poly_seq_scheme.pdb_strand_id 
_pdbx_poly_seq_scheme.pdb_ins_code 
_pdbx_poly_seq_scheme.hetero 
A 1 1   MET 1   -19 ?   ?   ?   A . n 
A 1 2   GLY 2   -18 ?   ?   ?   A . n 
A 1 3   SER 3   -17 ?   ?   ?   A . n 
A 1 4   SER 4   -16 ?   ?   ?   A . n 
A 1 5   HIS 5   -15 ?   ?   ?   A . n 
A 1 6   HIS 6   -14 ?   ?   ?   A . n 
A 1 7   HIS 7   -13 ?   ?   ?   A . n 
A 1 8   HIS 8   -12 ?   ?   ?   A . n 
A 1 9   HIS 9   -11 ?   ?   ?   A . n 
A 1 10  HIS 10  -10 ?   ?   ?   A . n 
A 1 11  SER 11  -9  ?   ?   ?   A . n 
A 1 12  SER 12  -8  ?   ?   ?   A . n 
A 1 13  GLY 13  -7  ?   ?   ?   A . n 
A 1 14  LEU 14  -6  ?   ?   ?   A . n 
A 1 15  VAL 15  -5  ?   ?   ?   A . n 
A 1 16  PRO 16  -4  ?   ?   ?   A . n 
A 1 17  ARG 17  -3  ?   ?   ?   A . n 
A 1 18  GLY 18  -2  ?   ?   ?   A . n 
A 1 19  SER 19  -1  ?   ?   ?   A . n 
A 1 20  HIS 20  0   ?   ?   ?   A . n 
A 1 21  MET 21  1   ?   ?   ?   A . n 
A 1 22  ALA 22  2   ?   ?   ?   A . n 
A 1 23  ASP 23  3   ?   ?   ?   A . n 
A 1 24  GLU 24  4   ?   ?   ?   A . n 
A 1 25  GLU 25  5   ?   ?   ?   A . n 
A 1 26  LYS 26  6   6   LYS LYS A . n 
A 1 27  LEU 27  7   7   LEU LEU A . n 
A 1 28  PRO 28  8   8   PRO PRO A . n 
A 1 29  PRO 29  9   9   PRO PRO A . n 
A 1 30  GLY 30  10  10  GLY GLY A . n 
A 1 31  TRP 31  11  11  TRP TRP A . n 
A 1 32  GLU 32  12  12  GLU GLU A . n 
A 1 33  LYS 33  13  13  LYS LYS A . n 
A 1 34  ALA 34  14  14  ALA ALA A . n 
A 1 35  MET 35  15  15  MET MET A . n 
A 1 36  SER 36  16  16  SER SER A . n 
A 1 37  ARG 37  17  17  ARG ARG A . n 
A 1 38  SER 38  18  18  SER SER A . n 
A 1 39  SER 39  19  19  SER SER A . n 
A 1 40  GLY 40  20  20  GLY GLY A . n 
A 1 41  ARG 41  21  21  ARG ARG A . n 
A 1 42  VAL 42  22  22  VAL VAL A . n 
A 1 43  TYR 43  23  23  TYR TYR A . n 
A 1 44  TYR 44  24  24  TYR TYR A . n 
A 1 45  PHE 45  25  25  PHE PHE A . n 
A 1 46  ASN 46  26  26  ASN ASN A . n 
A 1 47  HIS 47  27  27  HIS HIS A . n 
A 1 48  ILE 48  28  28  ILE ILE A . n 
A 1 49  THR 49  29  29  THR THR A . n 
A 1 50  ASN 50  30  30  ASN ASN A . n 
A 1 51  ALA 51  31  31  ALA ALA A . n 
A 1 52  SER 52  32  32  SER SER A . n 
A 1 53  GLN 53  33  33  GLN GLN A . n 
A 1 54  TRP 54  34  34  TRP TRP A . n 
A 1 55  GLU 55  35  35  GLU GLU A . n 
A 1 56  ARG 56  36  36  ARG ARG A . n 
A 1 57  PRO 57  37  37  PRO PRO A . n 
A 1 58  SER 58  38  38  SER SER A . n 
A 1 59  GLY 59  39  ?   ?   ?   A . n 
A 1 60  ASN 60  40  ?   ?   ?   A . n 
A 1 61  SER 61  41  ?   ?   ?   A . n 
A 1 62  SER 62  42  ?   ?   ?   A . n 
A 1 63  SER 63  43  ?   ?   ?   A . n 
A 1 64  GLY 64  44  ?   ?   ?   A . n 
A 1 65  GLY 65  45  ?   ?   ?   A . n 
A 1 66  LYS 66  46  ?   ?   ?   A . n 
A 1 67  ASN 67  47  ?   ?   ?   A . n 
A 1 68  GLY 68  48  ?   ?   ?   A . n 
A 1 69  GLN 69  49  ?   ?   ?   A . n 
A 1 70  GLY 70  50  50  GLY GLY A . n 
A 1 71  GLU 71  51  51  GLU GLU A . n 
A 1 72  PRO 72  52  52  PRO PRO A . n 
A 1 73  ALA 73  53  53  ALA ALA A . n 
A 1 74  ARG 74  54  54  ARG ARG A . n 
A 1 75  VAL 75  55  55  VAL VAL A . n 
A 1 76  ARG 76  56  56  ARG ARG A . n 
A 1 77  CYS 77  57  57  CYS CYS A . n 
A 1 78  SER 78  58  58  SER SER A . n 
A 1 79  HIS 79  59  59  HIS HIS A . n 
A 1 80  LEU 80  60  60  LEU LEU A . n 
A 1 81  LEU 81  61  61  LEU LEU A . n 
A 1 82  VAL 82  62  62  VAL VAL A . n 
A 1 83  LYS 83  63  63  LYS LYS A . n 
A 1 84  HIS 84  64  64  HIS HIS A . n 
A 1 85  SER 85  65  65  SER SER A . n 
A 1 86  GLN 86  66  66  GLN GLN A . n 
A 1 87  SER 87  67  67  SER SER A . n 
A 1 88  ARG 88  68  68  ARG ARG A . n 
A 1 89  ARG 89  69  69  ARG ARG A . n 
A 1 90  PRO 90  70  70  PRO PRO A . n 
A 1 91  SER 91  71  71  SER SER A . n 
A 1 92  SER 92  72  72  SER SER A . n 
A 1 93  TRP 93  73  73  TRP TRP A . n 
A 1 94  ARG 94  74  74  ARG ARG A . n 
A 1 95  GLN 95  75  75  GLN GLN A . n 
A 1 96  GLU 96  76  76  GLU GLU A . n 
A 1 97  LYS 97  77  77  LYS LYS A . n 
A 1 98  ILE 98  78  78  ILE ILE A . n 
A 1 99  THR 99  79  79  THR THR A . n 
A 1 100 ARG 100 80  80  ARG ARG A . n 
A 1 101 THR 101 81  81  THR THR A . n 
A 1 102 LYS 102 82  82  LYS LYS A . n 
A 1 103 GLU 103 83  83  GLU GLU A . n 
A 1 104 GLU 104 84  84  GLU GLU A . n 
A 1 105 ALA 105 85  85  ALA ALA A . n 
A 1 106 LEU 106 86  86  LEU LEU A . n 
A 1 107 GLU 107 87  87  GLU GLU A . n 
A 1 108 LEU 108 88  88  LEU LEU A . n 
A 1 109 ILE 109 89  89  ILE ILE A . n 
A 1 110 ASN 110 90  90  ASN ASN A . n 
A 1 111 GLY 111 91  91  GLY GLY A . n 
A 1 112 TYR 112 92  92  TYR TYR A . n 
A 1 113 ILE 113 93  93  ILE ILE A . n 
A 1 114 GLN 114 94  94  GLN GLN A . n 
A 1 115 LYS 115 95  95  LYS LYS A . n 
A 1 116 ILE 116 96  96  ILE ILE A . n 
A 1 117 LYS 117 97  97  LYS LYS A . n 
A 1 118 SER 118 98  98  SER SER A . n 
A 1 119 GLY 119 99  99  GLY GLY A . n 
A 1 120 GLU 120 100 100 GLU GLU A . n 
A 1 121 GLU 121 101 101 GLU GLU A . n 
A 1 122 ASP 122 102 102 ASP ASP A . n 
A 1 123 PHE 123 103 103 PHE PHE A . n 
A 1 124 GLU 124 104 104 GLU GLU A . n 
A 1 125 SER 125 105 105 SER SER A . n 
A 1 126 LEU 126 106 106 LEU LEU A . n 
A 1 127 ALA 127 107 107 ALA ALA A . n 
A 1 128 SER 128 108 108 SER SER A . n 
A 1 129 GLN 129 109 109 GLN GLN A . n 
A 1 130 PHE 130 110 110 PHE PHE A . n 
A 1 131 SER 131 111 111 SER SER A . n 
A 1 132 ASP 132 112 112 ASP ASP A . n 
A 1 133 CYS 133 113 113 CYS CYS A . n 
A 1 134 SER 134 114 114 SER SER A . n 
A 1 135 SER 135 115 115 SER SER A . n 
A 1 136 ALA 136 116 116 ALA ALA A . n 
A 1 137 LYS 137 117 117 LYS LYS A . n 
A 1 138 ALA 138 118 118 ALA ALA A . n 
A 1 139 ARG 139 119 119 ARG ARG A . n 
A 1 140 GLY 140 120 120 GLY GLY A . n 
A 1 141 ASP 141 121 121 ASP ASP A . n 
A 1 142 LEU 142 122 122 LEU LEU A . n 
A 1 143 GLY 143 123 123 GLY GLY A . n 
A 1 144 ALA 144 124 124 ALA ALA A . n 
A 1 145 PHE 145 125 125 PHE PHE A . n 
A 1 146 SER 146 126 126 SER SER A . n 
A 1 147 ARG 147 127 127 ARG ARG A . n 
A 1 148 GLY 148 128 128 GLY GLY A . n 
A 1 149 GLN 149 129 129 GLN GLN A . n 
A 1 150 MET 150 130 130 MET MET A . n 
A 1 151 GLN 151 131 131 GLN GLN A . n 
A 1 152 LYS 152 132 132 LYS LYS A . n 
A 1 153 PRO 153 133 133 PRO PRO A . n 
A 1 154 PHE 154 134 134 PHE PHE A . n 
A 1 155 GLU 155 135 135 GLU GLU A . n 
A 1 156 ASP 156 136 136 ASP ASP A . n 
A 1 157 ALA 157 137 137 ALA ALA A . n 
A 1 158 SER 158 138 138 SER SER A . n 
A 1 159 PHE 159 139 139 PHE PHE A . n 
A 1 160 ALA 160 140 140 ALA ALA A . n 
A 1 161 LEU 161 141 141 LEU LEU A . n 
A 1 162 ARG 162 142 142 ARG ARG A . n 
A 1 163 THR 163 143 143 THR THR A . n 
A 1 164 GLY 164 144 144 GLY GLY A . n 
A 1 165 GLU 165 145 145 GLU GLU A . n 
A 1 166 MET 166 146 146 MET MET A . n 
A 1 167 SER 167 147 147 SER SER A . n 
A 1 168 GLY 168 148 148 GLY GLY A . n 
A 1 169 PRO 169 149 149 PRO PRO A . n 
A 1 170 VAL 170 150 150 VAL VAL A . n 
A 1 171 PHE 171 151 151 PHE PHE A . n 
A 1 172 THR 172 152 152 THR THR A . n 
A 1 173 ASP 173 153 153 ASP ASP A . n 
A 1 174 SER 174 154 154 SER SER A . n 
A 1 175 GLY 175 155 155 GLY GLY A . n 
A 1 176 ILE 176 156 156 ILE ILE A . n 
A 1 177 HIS 177 157 157 HIS HIS A . n 
A 1 178 ILE 178 158 158 ILE ILE A . n 
A 1 179 ILE 179 159 159 ILE ILE A . n 
A 1 180 LEU 180 160 160 LEU LEU A . n 
A 1 181 ARG 181 161 161 ARG ARG A . n 
A 1 182 THR 182 162 162 THR THR A . n 
A 1 183 GLU 183 163 163 GLU GLU A . n 
# 
_pdbx_entity_instance_feature.ordinal        1 
_pdbx_entity_instance_feature.comp_id        J2C 
_pdbx_entity_instance_feature.asym_id        ? 
_pdbx_entity_instance_feature.seq_num        ? 
_pdbx_entity_instance_feature.auth_comp_id   J2C 
_pdbx_entity_instance_feature.auth_asym_id   ? 
_pdbx_entity_instance_feature.auth_seq_num   ? 
_pdbx_entity_instance_feature.feature_type   'SUBJECT OF INVESTIGATION' 
_pdbx_entity_instance_feature.details        ? 
# 
loop_
_pdbx_nonpoly_scheme.asym_id 
_pdbx_nonpoly_scheme.entity_id 
_pdbx_nonpoly_scheme.mon_id 
_pdbx_nonpoly_scheme.ndb_seq_num 
_pdbx_nonpoly_scheme.pdb_seq_num 
_pdbx_nonpoly_scheme.auth_seq_num 
_pdbx_nonpoly_scheme.pdb_mon_id 
_pdbx_nonpoly_scheme.auth_mon_id 
_pdbx_nonpoly_scheme.pdb_strand_id 
_pdbx_nonpoly_scheme.pdb_ins_code 
B 2 J2C 1   201 1   J2C P01 A . 
C 3 PE8 1   202 1   PE8 PE8 A . 
D 4 HOH 1   301 8   HOH HOH A . 
D 4 HOH 2   302 19  HOH HOH A . 
D 4 HOH 3   303 4   HOH HOH A . 
D 4 HOH 4   304 55  HOH HOH A . 
D 4 HOH 5   305 21  HOH HOH A . 
D 4 HOH 6   306 16  HOH HOH A . 
D 4 HOH 7   307 47  HOH HOH A . 
D 4 HOH 8   308 15  HOH HOH A . 
D 4 HOH 9   309 3   HOH HOH A . 
D 4 HOH 10  310 56  HOH HOH A . 
D 4 HOH 11  311 27  HOH HOH A . 
D 4 HOH 12  312 39  HOH HOH A . 
D 4 HOH 13  313 23  HOH HOH A . 
D 4 HOH 14  314 12  HOH HOH A . 
D 4 HOH 15  315 12  HOH HOH A . 
D 4 HOH 16  316 30  HOH HOH A . 
D 4 HOH 17  317 61  HOH HOH A . 
D 4 HOH 18  318 63  HOH HOH A . 
D 4 HOH 19  319 3   HOH HOH A . 
D 4 HOH 20  320 69  HOH HOH A . 
D 4 HOH 21  321 25  HOH HOH A . 
D 4 HOH 22  322 68  HOH HOH A . 
D 4 HOH 23  323 43  HOH HOH A . 
D 4 HOH 24  324 46  HOH HOH A . 
D 4 HOH 25  325 10  HOH HOH A . 
D 4 HOH 26  326 107 HOH HOH A . 
D 4 HOH 27  327 5   HOH HOH A . 
D 4 HOH 28  328 2   HOH HOH A . 
D 4 HOH 29  329 28  HOH HOH A . 
D 4 HOH 30  330 1   HOH HOH A . 
D 4 HOH 31  331 26  HOH HOH A . 
D 4 HOH 32  332 19  HOH HOH A . 
D 4 HOH 33  333 20  HOH HOH A . 
D 4 HOH 34  334 24  HOH HOH A . 
D 4 HOH 35  335 108 HOH HOH A . 
D 4 HOH 36  336 32  HOH HOH A . 
D 4 HOH 37  337 9   HOH HOH A . 
D 4 HOH 38  338 14  HOH HOH A . 
D 4 HOH 39  339 53  HOH HOH A . 
D 4 HOH 40  340 10  HOH HOH A . 
D 4 HOH 41  341 6   HOH HOH A . 
D 4 HOH 42  342 13  HOH HOH A . 
D 4 HOH 43  343 42  HOH HOH A . 
D 4 HOH 44  344 23  HOH HOH A . 
D 4 HOH 45  345 57  HOH HOH A . 
D 4 HOH 46  346 79  HOH HOH A . 
D 4 HOH 47  347 17  HOH HOH A . 
D 4 HOH 48  348 63  HOH HOH A . 
D 4 HOH 49  349 92  HOH HOH A . 
D 4 HOH 50  350 37  HOH HOH A . 
D 4 HOH 51  351 73  HOH HOH A . 
D 4 HOH 52  352 18  HOH HOH A . 
D 4 HOH 53  353 35  HOH HOH A . 
D 4 HOH 54  354 1   HOH HOH A . 
D 4 HOH 55  355 37  HOH HOH A . 
D 4 HOH 56  356 68  HOH HOH A . 
D 4 HOH 57  357 7   HOH HOH A . 
D 4 HOH 58  358 103 HOH HOH A . 
D 4 HOH 59  359 31  HOH HOH A . 
D 4 HOH 60  360 8   HOH HOH A . 
D 4 HOH 61  361 5   HOH HOH A . 
D 4 HOH 62  362 36  HOH HOH A . 
D 4 HOH 63  363 4   HOH HOH A . 
D 4 HOH 64  364 82  HOH HOH A . 
D 4 HOH 65  365 40  HOH HOH A . 
D 4 HOH 66  366 60  HOH HOH A . 
D 4 HOH 67  367 25  HOH HOH A . 
D 4 HOH 68  368 67  HOH HOH A . 
D 4 HOH 69  369 59  HOH HOH A . 
D 4 HOH 70  370 95  HOH HOH A . 
D 4 HOH 71  371 29  HOH HOH A . 
D 4 HOH 72  372 41  HOH HOH A . 
D 4 HOH 73  373 38  HOH HOH A . 
D 4 HOH 74  374 50  HOH HOH A . 
D 4 HOH 75  375 86  HOH HOH A . 
D 4 HOH 76  376 54  HOH HOH A . 
D 4 HOH 77  377 3   HOH HOH A . 
D 4 HOH 78  378 67  HOH HOH A . 
D 4 HOH 79  379 69  HOH HOH A . 
D 4 HOH 80  380 64  HOH HOH A . 
D 4 HOH 81  381 53  HOH HOH A . 
D 4 HOH 82  382 57  HOH HOH A . 
D 4 HOH 83  383 110 HOH HOH A . 
D 4 HOH 84  384 65  HOH HOH A . 
D 4 HOH 85  385 61  HOH HOH A . 
D 4 HOH 86  386 70  HOH HOH A . 
D 4 HOH 87  387 64  HOH HOH A . 
D 4 HOH 88  388 85  HOH HOH A . 
D 4 HOH 89  389 66  HOH HOH A . 
D 4 HOH 90  390 56  HOH HOH A . 
D 4 HOH 91  391 54  HOH HOH A . 
D 4 HOH 92  392 78  HOH HOH A . 
D 4 HOH 93  393 72  HOH HOH A . 
D 4 HOH 94  394 60  HOH HOH A . 
D 4 HOH 95  395 112 HOH HOH A . 
D 4 HOH 96  396 29  HOH HOH A . 
D 4 HOH 97  397 69  HOH HOH A . 
D 4 HOH 98  398 62  HOH HOH A . 
D 4 HOH 99  399 58  HOH HOH A . 
D 4 HOH 100 400 52  HOH HOH A . 
D 4 HOH 101 401 50  HOH HOH A . 
D 4 HOH 102 402 115 HOH HOH A . 
D 4 HOH 103 403 109 HOH HOH A . 
D 4 HOH 104 404 57  HOH HOH A . 
# 
loop_
_software.citation_id 
_software.classification 
_software.compiler_name 
_software.compiler_version 
_software.contact_author 
_software.contact_author_email 
_software.date 
_software.description 
_software.dependencies 
_software.hardware 
_software.language 
_software.location 
_software.mods 
_software.name 
_software.os 
_software.os_version 
_software.type 
_software.version 
_software.pdbx_ordinal 
? refinement        ? ? ? ? ? ? ? ? ? ? ? PHENIX      ? ? ? 1.12 1 
? refinement        ? ? ? ? ? ? ? ? ? ? ? REFMAC      ? ? ? v1.0 2 
? 'data reduction'  ? ? ? ? ? ? ? ? ? ? ? XDS         ? ? ? .    3 
? 'data scaling'    ? ? ? ? ? ? ? ? ? ? ? XSCALE      ? ? ? .    4 
? 'data extraction' ? ? ? ? ? ? ? ? ? ? ? PDB_EXTRACT ? ? ? 3.27 5 
? phasing           ? ? ? ? ? ? ? ? ? ? ? PHASER      ? ? ? .    6 
# 
_cell.angle_alpha                  90.000 
_cell.angle_alpha_esd              ? 
_cell.angle_beta                   90.000 
_cell.angle_beta_esd               ? 
_cell.angle_gamma                  120.000 
_cell.angle_gamma_esd              ? 
_cell.entry_id                     7EFJ 
_cell.details                      ? 
_cell.formula_units_Z              ? 
_cell.length_a                     68.177 
_cell.length_a_esd                 ? 
_cell.length_b                     68.177 
_cell.length_b_esd                 ? 
_cell.length_c                     79.724 
_cell.length_c_esd                 ? 
_cell.volume                       ? 
_cell.volume_esd                   ? 
_cell.Z_PDB                        6 
_cell.reciprocal_angle_alpha       ? 
_cell.reciprocal_angle_beta        ? 
_cell.reciprocal_angle_gamma       ? 
_cell.reciprocal_angle_alpha_esd   ? 
_cell.reciprocal_angle_beta_esd    ? 
_cell.reciprocal_angle_gamma_esd   ? 
_cell.reciprocal_length_a          ? 
_cell.reciprocal_length_b          ? 
_cell.reciprocal_length_c          ? 
_cell.reciprocal_length_a_esd      ? 
_cell.reciprocal_length_b_esd      ? 
_cell.reciprocal_length_c_esd      ? 
_cell.pdbx_unique_axis             ? 
# 
_symmetry.entry_id                         7EFJ 
_symmetry.cell_setting                     ? 
_symmetry.Int_Tables_number                152 
_symmetry.space_group_name_Hall            ? 
_symmetry.space_group_name_H-M             'P 31 2 1' 
_symmetry.pdbx_full_space_group_name_H-M   ? 
# 
_exptl.absorpt_coefficient_mu     ? 
_exptl.absorpt_correction_T_max   ? 
_exptl.absorpt_correction_T_min   ? 
_exptl.absorpt_correction_type    ? 
_exptl.absorpt_process_details    ? 
_exptl.entry_id                   7EFJ 
_exptl.crystals_number            1 
_exptl.details                    ? 
_exptl.method                     'X-RAY DIFFRACTION' 
_exptl.method_details             ? 
# 
_exptl_crystal.colour                      ? 
_exptl_crystal.density_diffrn              ? 
_exptl_crystal.density_Matthews            2.63 
_exptl_crystal.density_method              ? 
_exptl_crystal.density_percent_sol         57.53 
_exptl_crystal.description                 ? 
_exptl_crystal.F_000                       ? 
_exptl_crystal.id                          1 
_exptl_crystal.preparation                 ? 
_exptl_crystal.size_max                    ? 
_exptl_crystal.size_mid                    ? 
_exptl_crystal.size_min                    ? 
_exptl_crystal.size_rad                    ? 
_exptl_crystal.colour_lustre               ? 
_exptl_crystal.colour_modifier             ? 
_exptl_crystal.colour_primary              ? 
_exptl_crystal.density_meas                ? 
_exptl_crystal.density_meas_esd            ? 
_exptl_crystal.density_meas_gt             ? 
_exptl_crystal.density_meas_lt             ? 
_exptl_crystal.density_meas_temp           ? 
_exptl_crystal.density_meas_temp_esd       ? 
_exptl_crystal.density_meas_temp_gt        ? 
_exptl_crystal.density_meas_temp_lt        ? 
_exptl_crystal.pdbx_crystal_image_url      ? 
_exptl_crystal.pdbx_crystal_image_format   ? 
_exptl_crystal.pdbx_mosaicity              ? 
_exptl_crystal.pdbx_mosaicity_esd          ? 
# 
_exptl_crystal_grow.apparatus       ? 
_exptl_crystal_grow.atmosphere      ? 
_exptl_crystal_grow.crystal_id      1 
_exptl_crystal_grow.details         ? 
_exptl_crystal_grow.method          'VAPOR DIFFUSION, HANGING DROP' 
_exptl_crystal_grow.method_ref      ? 
_exptl_crystal_grow.pH              7.4 
_exptl_crystal_grow.pressure        ? 
_exptl_crystal_grow.pressure_esd    ? 
_exptl_crystal_grow.seeding         ? 
_exptl_crystal_grow.seeding_ref     ? 
_exptl_crystal_grow.temp            277.15 
_exptl_crystal_grow.temp_details    ? 
_exptl_crystal_grow.temp_esd        ? 
_exptl_crystal_grow.time            ? 
_exptl_crystal_grow.pdbx_details    '2M Ammonium Sulfate, 1% PEG400, 100mM HEPES, pH 7.5' 
_exptl_crystal_grow.pdbx_pH_range   7.4-7.6 
# 
_diffrn.ambient_environment              ? 
_diffrn.ambient_temp                     100 
_diffrn.ambient_temp_details             ? 
_diffrn.ambient_temp_esd                 ? 
_diffrn.crystal_id                       1 
_diffrn.crystal_support                  ? 
_diffrn.crystal_treatment                ? 
_diffrn.details                          ? 
_diffrn.id                               1 
_diffrn.ambient_pressure                 ? 
_diffrn.ambient_pressure_esd             ? 
_diffrn.ambient_pressure_gt              ? 
_diffrn.ambient_pressure_lt              ? 
_diffrn.ambient_temp_gt                  ? 
_diffrn.ambient_temp_lt                  ? 
_diffrn.pdbx_serial_crystal_experiment   N 
# 
_diffrn_detector.details                      ? 
_diffrn_detector.detector                     PIXEL 
_diffrn_detector.diffrn_id                    1 
_diffrn_detector.type                         'DECTRIS PILATUS 6M' 
_diffrn_detector.area_resol_mean              ? 
_diffrn_detector.dtime                        ? 
_diffrn_detector.pdbx_frames_total            ? 
_diffrn_detector.pdbx_collection_time_total   ? 
_diffrn_detector.pdbx_collection_date         2019-03-23 
_diffrn_detector.pdbx_frequency               ? 
# 
_diffrn_radiation.collimation                      ? 
_diffrn_radiation.diffrn_id                        1 
_diffrn_radiation.filter_edge                      ? 
_diffrn_radiation.inhomogeneity                    ? 
_diffrn_radiation.monochromator                    ? 
_diffrn_radiation.polarisn_norm                    ? 
_diffrn_radiation.polarisn_ratio                   ? 
_diffrn_radiation.probe                            ? 
_diffrn_radiation.type                             ? 
_diffrn_radiation.xray_symbol                      ? 
_diffrn_radiation.wavelength_id                    1 
_diffrn_radiation.pdbx_monochromatic_or_laue_m_l   M 
_diffrn_radiation.pdbx_wavelength_list             ? 
_diffrn_radiation.pdbx_wavelength                  ? 
_diffrn_radiation.pdbx_diffrn_protocol             'SINGLE WAVELENGTH' 
_diffrn_radiation.pdbx_analyzer                    ? 
_diffrn_radiation.pdbx_scattering_type             x-ray 
# 
_diffrn_radiation_wavelength.id           1 
_diffrn_radiation_wavelength.wavelength   0.9785 
_diffrn_radiation_wavelength.wt           1.0 
# 
_diffrn_source.current                     ? 
_diffrn_source.details                     ? 
_diffrn_source.diffrn_id                   1 
_diffrn_source.power                       ? 
_diffrn_source.size                        ? 
_diffrn_source.source                      SYNCHROTRON 
_diffrn_source.target                      ? 
_diffrn_source.type                        'SSRF BEAMLINE BL19U1' 
_diffrn_source.voltage                     ? 
_diffrn_source.take-off_angle              ? 
_diffrn_source.pdbx_wavelength_list        0.9785 
_diffrn_source.pdbx_wavelength             ? 
_diffrn_source.pdbx_synchrotron_beamline   BL19U1 
_diffrn_source.pdbx_synchrotron_site       SSRF 
# 
_reflns.B_iso_Wilson_estimate                          ? 
_reflns.entry_id                                       7EFJ 
_reflns.data_reduction_details                         ? 
_reflns.data_reduction_method                          ? 
_reflns.d_resolution_high                              1.99 
_reflns.d_resolution_low                               47.45 
_reflns.details                                        ? 
_reflns.limit_h_max                                    ? 
_reflns.limit_h_min                                    ? 
_reflns.limit_k_max                                    ? 
_reflns.limit_k_min                                    ? 
_reflns.limit_l_max                                    ? 
_reflns.limit_l_min                                    ? 
_reflns.number_all                                     ? 
_reflns.number_obs                                     15079 
_reflns.observed_criterion                             ? 
_reflns.observed_criterion_F_max                       ? 
_reflns.observed_criterion_F_min                       ? 
_reflns.observed_criterion_I_max                       ? 
_reflns.observed_criterion_I_min                       ? 
_reflns.observed_criterion_sigma_F                     ? 
_reflns.observed_criterion_sigma_I                     ? 
_reflns.percent_possible_obs                           99.7 
_reflns.R_free_details                                 ? 
_reflns.Rmerge_F_all                                   ? 
_reflns.Rmerge_F_obs                                   ? 
_reflns.Friedel_coverage                               ? 
_reflns.number_gt                                      ? 
_reflns.threshold_expression                           ? 
_reflns.pdbx_redundancy                                17.1 
_reflns.pdbx_Rmerge_I_obs                              0.056 
_reflns.pdbx_Rmerge_I_all                              ? 
_reflns.pdbx_Rsym_value                                ? 
_reflns.pdbx_netI_over_av_sigmaI                       ? 
_reflns.pdbx_netI_over_sigmaI                          32.6 
_reflns.pdbx_res_netI_over_av_sigmaI_2                 ? 
_reflns.pdbx_res_netI_over_sigmaI_2                    ? 
_reflns.pdbx_chi_squared                               ? 
_reflns.pdbx_scaling_rejects                           ? 
_reflns.pdbx_d_res_high_opt                            ? 
_reflns.pdbx_d_res_low_opt                             ? 
_reflns.pdbx_d_res_opt_method                          ? 
_reflns.phase_calculation_details                      ? 
_reflns.pdbx_Rrim_I_all                                ? 
_reflns.pdbx_Rpim_I_all                                ? 
_reflns.pdbx_d_opt                                     ? 
_reflns.pdbx_number_measured_all                       ? 
_reflns.pdbx_diffrn_id                                 1 
_reflns.pdbx_ordinal                                   1 
_reflns.pdbx_CC_half                                   ? 
_reflns.pdbx_CC_star                                   ? 
_reflns.pdbx_R_split                                   ? 
_reflns.pdbx_aniso_diffraction_limit_axis_1_ortho[1]   ? 
_reflns.pdbx_aniso_diffraction_limit_axis_1_ortho[2]   ? 
_reflns.pdbx_aniso_diffraction_limit_axis_1_ortho[3]   ? 
_reflns.pdbx_aniso_diffraction_limit_axis_2_ortho[1]   ? 
_reflns.pdbx_aniso_diffraction_limit_axis_2_ortho[2]   ? 
_reflns.pdbx_aniso_diffraction_limit_axis_2_ortho[3]   ? 
_reflns.pdbx_aniso_diffraction_limit_axis_3_ortho[1]   ? 
_reflns.pdbx_aniso_diffraction_limit_axis_3_ortho[2]   ? 
_reflns.pdbx_aniso_diffraction_limit_axis_3_ortho[3]   ? 
_reflns.pdbx_aniso_diffraction_limit_1                 ? 
_reflns.pdbx_aniso_diffraction_limit_2                 ? 
_reflns.pdbx_aniso_diffraction_limit_3                 ? 
_reflns.pdbx_aniso_B_tensor_eigenvector_1_ortho[1]     ? 
_reflns.pdbx_aniso_B_tensor_eigenvector_1_ortho[2]     ? 
_reflns.pdbx_aniso_B_tensor_eigenvector_1_ortho[3]     ? 
_reflns.pdbx_aniso_B_tensor_eigenvector_2_ortho[1]     ? 
_reflns.pdbx_aniso_B_tensor_eigenvector_2_ortho[2]     ? 
_reflns.pdbx_aniso_B_tensor_eigenvector_2_ortho[3]     ? 
_reflns.pdbx_aniso_B_tensor_eigenvector_3_ortho[1]     ? 
_reflns.pdbx_aniso_B_tensor_eigenvector_3_ortho[2]     ? 
_reflns.pdbx_aniso_B_tensor_eigenvector_3_ortho[3]     ? 
_reflns.pdbx_aniso_B_tensor_eigenvalue_1               ? 
_reflns.pdbx_aniso_B_tensor_eigenvalue_2               ? 
_reflns.pdbx_aniso_B_tensor_eigenvalue_3               ? 
_reflns.pdbx_orthogonalization_convention              ? 
_reflns.pdbx_percent_possible_ellipsoidal              ? 
_reflns.pdbx_percent_possible_spherical                ? 
_reflns.pdbx_percent_possible_ellipsoidal_anomalous    ? 
_reflns.pdbx_percent_possible_spherical_anomalous      ? 
_reflns.pdbx_redundancy_anomalous                      ? 
_reflns.pdbx_CC_half_anomalous                         ? 
_reflns.pdbx_absDiff_over_sigma_anomalous              ? 
_reflns.pdbx_percent_possible_anomalous                ? 
_reflns.pdbx_observed_signal_threshold                 ? 
_reflns.pdbx_signal_type                               ? 
_reflns.pdbx_signal_details                            ? 
_reflns.pdbx_signal_software_id                        ? 
# 
_reflns_shell.d_res_high                                    1.99 
_reflns_shell.d_res_low                                     2.04 
_reflns_shell.meanI_over_sigI_all                           ? 
_reflns_shell.meanI_over_sigI_obs                           ? 
_reflns_shell.number_measured_all                           ? 
_reflns_shell.number_measured_obs                           ? 
_reflns_shell.number_possible                               ? 
_reflns_shell.number_unique_all                             ? 
_reflns_shell.number_unique_obs                             1053 
_reflns_shell.percent_possible_all                          ? 
_reflns_shell.percent_possible_obs                          ? 
_reflns_shell.Rmerge_F_all                                  ? 
_reflns_shell.Rmerge_F_obs                                  ? 
_reflns_shell.Rmerge_I_all                                  ? 
_reflns_shell.Rmerge_I_obs                                  0.231 
_reflns_shell.meanI_over_sigI_gt                            ? 
_reflns_shell.meanI_over_uI_all                             ? 
_reflns_shell.meanI_over_uI_gt                              ? 
_reflns_shell.number_measured_gt                            ? 
_reflns_shell.number_unique_gt                              ? 
_reflns_shell.percent_possible_gt                           ? 
_reflns_shell.Rmerge_F_gt                                   ? 
_reflns_shell.Rmerge_I_gt                                   ? 
_reflns_shell.pdbx_redundancy                               ? 
_reflns_shell.pdbx_Rsym_value                               ? 
_reflns_shell.pdbx_chi_squared                              ? 
_reflns_shell.pdbx_netI_over_sigmaI_all                     ? 
_reflns_shell.pdbx_netI_over_sigmaI_obs                     ? 
_reflns_shell.pdbx_Rrim_I_all                               ? 
_reflns_shell.pdbx_Rpim_I_all                               ? 
_reflns_shell.pdbx_rejects                                  ? 
_reflns_shell.pdbx_ordinal                                  1 
_reflns_shell.pdbx_diffrn_id                                1 
_reflns_shell.pdbx_CC_half                                  ? 
_reflns_shell.pdbx_CC_star                                  ? 
_reflns_shell.pdbx_R_split                                  ? 
_reflns_shell.pdbx_percent_possible_ellipsoidal             ? 
_reflns_shell.pdbx_percent_possible_spherical               ? 
_reflns_shell.pdbx_percent_possible_ellipsoidal_anomalous   ? 
_reflns_shell.pdbx_percent_possible_spherical_anomalous     ? 
_reflns_shell.pdbx_redundancy_anomalous                     ? 
_reflns_shell.pdbx_CC_half_anomalous                        ? 
_reflns_shell.pdbx_absDiff_over_sigma_anomalous             ? 
_reflns_shell.pdbx_percent_possible_anomalous               ? 
# 
_refine.aniso_B[1][1]                            ? 
_refine.aniso_B[1][2]                            ? 
_refine.aniso_B[1][3]                            ? 
_refine.aniso_B[2][2]                            ? 
_refine.aniso_B[2][3]                            ? 
_refine.aniso_B[3][3]                            ? 
_refine.B_iso_max                                83.070 
_refine.B_iso_mean                               31.3126 
_refine.B_iso_min                                16.250 
_refine.correlation_coeff_Fo_to_Fc               ? 
_refine.correlation_coeff_Fo_to_Fc_free          ? 
_refine.details                                  ? 
_refine.diff_density_max                         ? 
_refine.diff_density_max_esd                     ? 
_refine.diff_density_min                         ? 
_refine.diff_density_min_esd                     ? 
_refine.diff_density_rms                         ? 
_refine.diff_density_rms_esd                     ? 
_refine.entry_id                                 7EFJ 
_refine.pdbx_refine_id                           'X-RAY DIFFRACTION' 
_refine.ls_abs_structure_details                 ? 
_refine.ls_abs_structure_Flack                   ? 
_refine.ls_abs_structure_Flack_esd               ? 
_refine.ls_abs_structure_Rogers                  ? 
_refine.ls_abs_structure_Rogers_esd              ? 
_refine.ls_d_res_high                            1.992 
_refine.ls_d_res_low                             33.04 
_refine.ls_extinction_coef                       ? 
_refine.ls_extinction_coef_esd                   ? 
_refine.ls_extinction_expression                 ? 
_refine.ls_extinction_method                     ? 
_refine.ls_goodness_of_fit_all                   ? 
_refine.ls_goodness_of_fit_all_esd               ? 
_refine.ls_goodness_of_fit_obs                   ? 
_refine.ls_goodness_of_fit_obs_esd               ? 
_refine.ls_hydrogen_treatment                    ? 
_refine.ls_matrix_type                           ? 
_refine.ls_number_constraints                    ? 
_refine.ls_number_parameters                     ? 
_refine.ls_number_reflns_all                     ? 
_refine.ls_number_reflns_obs                     15050 
_refine.ls_number_reflns_R_free                  ? 
_refine.ls_number_reflns_R_work                  ? 
_refine.ls_number_restraints                     ? 
_refine.ls_percent_reflns_obs                    99.64 
_refine.ls_percent_reflns_R_free                 ? 
_refine.ls_R_factor_all                          ? 
_refine.ls_R_factor_obs                          ? 
_refine.ls_R_factor_R_free                       0.2210 
_refine.ls_R_factor_R_free_error                 ? 
_refine.ls_R_factor_R_free_error_details         ? 
_refine.ls_R_factor_R_work                       0.1896 
_refine.ls_R_Fsqd_factor_obs                     ? 
_refine.ls_R_I_factor_obs                        ? 
_refine.ls_redundancy_reflns_all                 ? 
_refine.ls_redundancy_reflns_obs                 ? 
_refine.ls_restrained_S_all                      ? 
_refine.ls_restrained_S_obs                      ? 
_refine.ls_shift_over_esd_max                    ? 
_refine.ls_shift_over_esd_mean                   ? 
_refine.ls_structure_factor_coef                 ? 
_refine.ls_weighting_details                     ? 
_refine.ls_weighting_scheme                      ? 
_refine.ls_wR_factor_all                         ? 
_refine.ls_wR_factor_obs                         ? 
_refine.ls_wR_factor_R_free                      ? 
_refine.ls_wR_factor_R_work                      ? 
_refine.occupancy_max                            ? 
_refine.occupancy_min                            ? 
_refine.solvent_model_details                    ? 
_refine.solvent_model_param_bsol                 ? 
_refine.solvent_model_param_ksol                 ? 
_refine.pdbx_R_complete                          ? 
_refine.ls_R_factor_gt                           ? 
_refine.ls_goodness_of_fit_gt                    ? 
_refine.ls_goodness_of_fit_ref                   ? 
_refine.ls_shift_over_su_max                     ? 
_refine.ls_shift_over_su_max_lt                  ? 
_refine.ls_shift_over_su_mean                    ? 
_refine.ls_shift_over_su_mean_lt                 ? 
_refine.pdbx_ls_sigma_I                          ? 
_refine.pdbx_ls_sigma_F                          ? 
_refine.pdbx_ls_sigma_Fsqd                       ? 
_refine.pdbx_data_cutoff_high_absF               ? 
_refine.pdbx_data_cutoff_high_rms_absF           ? 
_refine.pdbx_data_cutoff_low_absF                ? 
_refine.pdbx_isotropic_thermal_model             ? 
_refine.pdbx_ls_cross_valid_method               'FREE R-VALUE' 
_refine.pdbx_method_to_determine_struct          'MOLECULAR REPLACEMENT' 
_refine.pdbx_starting_model                      3NTP 
_refine.pdbx_stereochemistry_target_values       ? 
_refine.pdbx_R_Free_selection_details            ? 
_refine.pdbx_stereochem_target_val_spec_case     ? 
_refine.pdbx_overall_ESU_R                       ? 
_refine.pdbx_overall_ESU_R_Free                  ? 
_refine.pdbx_solvent_vdw_probe_radii             ? 
_refine.pdbx_solvent_ion_probe_radii             ? 
_refine.pdbx_solvent_shrinkage_radii             ? 
_refine.pdbx_real_space_R                        ? 
_refine.pdbx_density_correlation                 ? 
_refine.pdbx_pd_number_of_powder_patterns        ? 
_refine.pdbx_pd_number_of_points                 ? 
_refine.pdbx_pd_meas_number_of_points            ? 
_refine.pdbx_pd_proc_ls_prof_R_factor            ? 
_refine.pdbx_pd_proc_ls_prof_wR_factor           ? 
_refine.pdbx_pd_Marquardt_correlation_coeff      ? 
_refine.pdbx_pd_Fsqrd_R_factor                   ? 
_refine.pdbx_pd_ls_matrix_band_width             ? 
_refine.pdbx_overall_phase_error                 ? 
_refine.pdbx_overall_SU_R_free_Cruickshank_DPI   ? 
_refine.pdbx_overall_SU_R_free_Blow_DPI          ? 
_refine.pdbx_overall_SU_R_Blow_DPI               ? 
_refine.pdbx_TLS_residual_ADP_flag               ? 
_refine.pdbx_diffrn_id                           1 
_refine.overall_SU_B                             ? 
_refine.overall_SU_ML                            ? 
_refine.overall_SU_R_Cruickshank_DPI             ? 
_refine.overall_SU_R_free                        ? 
_refine.overall_FOM_free_R_set                   ? 
_refine.overall_FOM_work_R_set                   ? 
_refine.pdbx_average_fsc_overall                 ? 
_refine.pdbx_average_fsc_work                    ? 
_refine.pdbx_average_fsc_free                    ? 
# 
_refine_hist.pdbx_refine_id                   'X-RAY DIFFRACTION' 
_refine_hist.cycle_id                         LAST 
_refine_hist.details                          ? 
_refine_hist.d_res_high                       1.992 
_refine_hist.d_res_low                        33.04 
_refine_hist.number_atoms_solvent             104 
_refine_hist.number_atoms_total               1318 
_refine_hist.number_reflns_all                ? 
_refine_hist.number_reflns_obs                ? 
_refine_hist.number_reflns_R_free             ? 
_refine_hist.number_reflns_R_work             ? 
_refine_hist.R_factor_all                     ? 
_refine_hist.R_factor_obs                     ? 
_refine_hist.R_factor_R_free                  ? 
_refine_hist.R_factor_R_work                  ? 
_refine_hist.pdbx_number_residues_total       ? 
_refine_hist.pdbx_B_iso_mean_ligand           ? 
_refine_hist.pdbx_B_iso_mean_solvent          ? 
_refine_hist.pdbx_number_atoms_protein        1169 
_refine_hist.pdbx_number_atoms_nucleic_acid   0 
_refine_hist.pdbx_number_atoms_ligand         45 
_refine_hist.pdbx_number_atoms_lipid          ? 
_refine_hist.pdbx_number_atoms_carb           ? 
_refine_hist.pdbx_pseudo_atom_details         ? 
# 
_refine_ls_shell.pdbx_refine_id                   'X-RAY DIFFRACTION' 
_refine_ls_shell.d_res_high                       1.992 
_refine_ls_shell.d_res_low                        2.063 
_refine_ls_shell.number_reflns_all                ? 
_refine_ls_shell.number_reflns_obs                ? 
_refine_ls_shell.number_reflns_R_free             ? 
_refine_ls_shell.number_reflns_R_work             1451 
_refine_ls_shell.percent_reflns_obs               97.32 
_refine_ls_shell.percent_reflns_R_free            ? 
_refine_ls_shell.R_factor_all                     ? 
_refine_ls_shell.R_factor_obs                     ? 
_refine_ls_shell.R_factor_R_free                  0.1986 
_refine_ls_shell.R_factor_R_free_error            ? 
_refine_ls_shell.R_factor_R_work                  0.1944 
_refine_ls_shell.redundancy_reflns_all            ? 
_refine_ls_shell.redundancy_reflns_obs            ? 
_refine_ls_shell.wR_factor_all                    ? 
_refine_ls_shell.wR_factor_obs                    ? 
_refine_ls_shell.wR_factor_R_free                 ? 
_refine_ls_shell.wR_factor_R_work                 ? 
_refine_ls_shell.pdbx_R_complete                  ? 
_refine_ls_shell.pdbx_total_number_of_bins_used   ? 
_refine_ls_shell.pdbx_phase_error                 ? 
_refine_ls_shell.pdbx_fsc_work                    ? 
_refine_ls_shell.pdbx_fsc_free                    ? 
# 
_struct.entry_id                     7EFJ 
_struct.title                        'Crystal Structure Analysis of human PIN1' 
_struct.pdbx_model_details           ? 
_struct.pdbx_formula_weight          ? 
_struct.pdbx_formula_weight_method   ? 
_struct.pdbx_model_type_details      ? 
_struct.pdbx_CASP_flag               N 
# 
_struct_keywords.entry_id        7EFJ 
_struct_keywords.text            'inhibitor, Complex, isomerase' 
_struct_keywords.pdbx_keywords   ISOMERASE 
# 
loop_
_struct_asym.id 
_struct_asym.pdbx_blank_PDB_chainid_flag 
_struct_asym.pdbx_modified 
_struct_asym.entity_id 
_struct_asym.details 
A N N 1 ? 
B N N 2 ? 
C N N 3 ? 
D N N 4 ? 
# 
_struct_ref.id                         1 
_struct_ref.db_name                    UNP 
_struct_ref.db_code                    PIN1_HUMAN 
_struct_ref.pdbx_db_accession          Q13526 
_struct_ref.pdbx_db_isoform            ? 
_struct_ref.entity_id                  1 
_struct_ref.pdbx_seq_one_letter_code   
;MADEEKLPPGWEKRMSRSSGRVYYFNHITNASQWERPSGNSSSGGKNGQGEPARVRCSHLLVKHSQSRRPSSWRQEKITR
TKEEALELINGYIQKIKSGEEDFESLASQFSDCSSAKARGDLGAFSRGQMQKPFEDASFALRTGEMSGPVFTDSGIHIIL
RTE
;
_struct_ref.pdbx_align_begin           1 
# 
_struct_ref_seq.align_id                      1 
_struct_ref_seq.ref_id                        1 
_struct_ref_seq.pdbx_PDB_id_code              7EFJ 
_struct_ref_seq.pdbx_strand_id                A 
_struct_ref_seq.seq_align_beg                 21 
_struct_ref_seq.pdbx_seq_align_beg_ins_code   ? 
_struct_ref_seq.seq_align_end                 183 
_struct_ref_seq.pdbx_seq_align_end_ins_code   ? 
_struct_ref_seq.pdbx_db_accession             Q13526 
_struct_ref_seq.db_align_beg                  1 
_struct_ref_seq.pdbx_db_align_beg_ins_code    ? 
_struct_ref_seq.db_align_end                  163 
_struct_ref_seq.pdbx_db_align_end_ins_code    ? 
_struct_ref_seq.pdbx_auth_seq_align_beg       1 
_struct_ref_seq.pdbx_auth_seq_align_end       163 
# 
loop_
_struct_ref_seq_dif.align_id 
_struct_ref_seq_dif.pdbx_pdb_id_code 
_struct_ref_seq_dif.mon_id 
_struct_ref_seq_dif.pdbx_pdb_strand_id 
_struct_ref_seq_dif.seq_num 
_struct_ref_seq_dif.pdbx_pdb_ins_code 
_struct_ref_seq_dif.pdbx_seq_db_name 
_struct_ref_seq_dif.pdbx_seq_db_accession_code 
_struct_ref_seq_dif.db_mon_id 
_struct_ref_seq_dif.pdbx_seq_db_seq_num 
_struct_ref_seq_dif.details 
_struct_ref_seq_dif.pdbx_auth_seq_num 
_struct_ref_seq_dif.pdbx_ordinal 
1 7EFJ MET A 1  ? UNP Q13526 ?   ?  'expression tag'      -19 1  
1 7EFJ GLY A 2  ? UNP Q13526 ?   ?  'expression tag'      -18 2  
1 7EFJ SER A 3  ? UNP Q13526 ?   ?  'expression tag'      -17 3  
1 7EFJ SER A 4  ? UNP Q13526 ?   ?  'expression tag'      -16 4  
1 7EFJ HIS A 5  ? UNP Q13526 ?   ?  'expression tag'      -15 5  
1 7EFJ HIS A 6  ? UNP Q13526 ?   ?  'expression tag'      -14 6  
1 7EFJ HIS A 7  ? UNP Q13526 ?   ?  'expression tag'      -13 7  
1 7EFJ HIS A 8  ? UNP Q13526 ?   ?  'expression tag'      -12 8  
1 7EFJ HIS A 9  ? UNP Q13526 ?   ?  'expression tag'      -11 9  
1 7EFJ HIS A 10 ? UNP Q13526 ?   ?  'expression tag'      -10 10 
1 7EFJ SER A 11 ? UNP Q13526 ?   ?  'expression tag'      -9  11 
1 7EFJ SER A 12 ? UNP Q13526 ?   ?  'expression tag'      -8  12 
1 7EFJ GLY A 13 ? UNP Q13526 ?   ?  'expression tag'      -7  13 
1 7EFJ LEU A 14 ? UNP Q13526 ?   ?  'expression tag'      -6  14 
1 7EFJ VAL A 15 ? UNP Q13526 ?   ?  'expression tag'      -5  15 
1 7EFJ PRO A 16 ? UNP Q13526 ?   ?  'expression tag'      -4  16 
1 7EFJ ARG A 17 ? UNP Q13526 ?   ?  'expression tag'      -3  17 
1 7EFJ GLY A 18 ? UNP Q13526 ?   ?  'expression tag'      -2  18 
1 7EFJ SER A 19 ? UNP Q13526 ?   ?  'expression tag'      -1  19 
1 7EFJ HIS A 20 ? UNP Q13526 ?   ?  'expression tag'      0   20 
1 7EFJ ALA A 34 ? UNP Q13526 ARG 14 'engineered mutation' 14  21 
# 
_pdbx_struct_assembly.id                   1 
_pdbx_struct_assembly.details              author_defined_assembly 
_pdbx_struct_assembly.method_details       ? 
_pdbx_struct_assembly.oligomeric_details   monomeric 
_pdbx_struct_assembly.oligomeric_count     1 
# 
loop_
_pdbx_struct_assembly_prop.biol_id 
_pdbx_struct_assembly_prop.type 
_pdbx_struct_assembly_prop.value 
_pdbx_struct_assembly_prop.details 
1 'ABSA (A^2)' 760  ? 
1 MORE         4    ? 
1 'SSA (A^2)'  8180 ? 
# 
_pdbx_struct_assembly_gen.assembly_id       1 
_pdbx_struct_assembly_gen.oper_expression   1 
_pdbx_struct_assembly_gen.asym_id_list      A,B,C,D 
# 
_pdbx_struct_assembly_auth_evidence.id                     1 
_pdbx_struct_assembly_auth_evidence.assembly_id            1 
_pdbx_struct_assembly_auth_evidence.experimental_support   'gel filtration' 
_pdbx_struct_assembly_auth_evidence.details                ? 
# 
_pdbx_struct_oper_list.id                   1 
_pdbx_struct_oper_list.type                 'identity operation' 
_pdbx_struct_oper_list.name                 1_555 
_pdbx_struct_oper_list.symmetry_operation   x,y,z 
_pdbx_struct_oper_list.matrix[1][1]         1.0000000000 
_pdbx_struct_oper_list.matrix[1][2]         0.0000000000 
_pdbx_struct_oper_list.matrix[1][3]         0.0000000000 
_pdbx_struct_oper_list.vector[1]            0.0000000000 
_pdbx_struct_oper_list.matrix[2][1]         0.0000000000 
_pdbx_struct_oper_list.matrix[2][2]         1.0000000000 
_pdbx_struct_oper_list.matrix[2][3]         0.0000000000 
_pdbx_struct_oper_list.vector[2]            0.0000000000 
_pdbx_struct_oper_list.matrix[3][1]         0.0000000000 
_pdbx_struct_oper_list.matrix[3][2]         0.0000000000 
_pdbx_struct_oper_list.matrix[3][3]         1.0000000000 
_pdbx_struct_oper_list.vector[3]            0.0000000000 
# 
loop_
_struct_conf.conf_type_id 
_struct_conf.id 
_struct_conf.pdbx_PDB_helix_id 
_struct_conf.beg_label_comp_id 
_struct_conf.beg_label_asym_id 
_struct_conf.beg_label_seq_id 
_struct_conf.pdbx_beg_PDB_ins_code 
_struct_conf.end_label_comp_id 
_struct_conf.end_label_asym_id 
_struct_conf.end_label_seq_id 
_struct_conf.pdbx_end_PDB_ins_code 
_struct_conf.beg_auth_comp_id 
_struct_conf.beg_auth_asym_id 
_struct_conf.beg_auth_seq_id 
_struct_conf.end_auth_comp_id 
_struct_conf.end_auth_asym_id 
_struct_conf.end_auth_seq_id 
_struct_conf.pdbx_PDB_helix_class 
_struct_conf.details 
_struct_conf.pdbx_PDB_helix_length 
HELX_P HELX_P1 AA1 THR A 101 ? SER A 118 ? THR A 81  SER A 98  1 ? 18 
HELX_P HELX_P2 AA2 ASP A 122 ? SER A 131 ? ASP A 102 SER A 111 1 ? 10 
HELX_P HELX_P3 AA3 CYS A 133 ? ARG A 139 ? CYS A 113 ARG A 119 5 ? 7  
HELX_P HELX_P4 AA4 GLN A 151 ? LEU A 161 ? GLN A 131 LEU A 141 1 ? 11 
# 
_struct_conf_type.id          HELX_P 
_struct_conf_type.criteria    ? 
_struct_conf_type.reference   ? 
# 
_struct_conn.id                            covale1 
_struct_conn.conn_type_id                  covale 
_struct_conn.pdbx_leaving_atom_flag        none 
_struct_conn.pdbx_PDB_id                   ? 
_struct_conn.ptnr1_label_asym_id           A 
_struct_conn.ptnr1_label_comp_id           CYS 
_struct_conn.ptnr1_label_seq_id            133 
_struct_conn.ptnr1_label_atom_id           SG 
_struct_conn.pdbx_ptnr1_label_alt_id       ? 
_struct_conn.pdbx_ptnr1_PDB_ins_code       ? 
_struct_conn.pdbx_ptnr1_standard_comp_id   ? 
_struct_conn.ptnr1_symmetry                1_555 
_struct_conn.ptnr2_label_asym_id           B 
_struct_conn.ptnr2_label_comp_id           J2C 
_struct_conn.ptnr2_label_seq_id            . 
_struct_conn.ptnr2_label_atom_id           C19 
_struct_conn.pdbx_ptnr2_label_alt_id       ? 
_struct_conn.pdbx_ptnr2_PDB_ins_code       ? 
_struct_conn.ptnr1_auth_asym_id            A 
_struct_conn.ptnr1_auth_comp_id            CYS 
_struct_conn.ptnr1_auth_seq_id             113 
_struct_conn.ptnr2_auth_asym_id            A 
_struct_conn.ptnr2_auth_comp_id            J2C 
_struct_conn.ptnr2_auth_seq_id             201 
_struct_conn.ptnr2_symmetry                1_555 
_struct_conn.pdbx_ptnr3_label_atom_id      ? 
_struct_conn.pdbx_ptnr3_label_seq_id       ? 
_struct_conn.pdbx_ptnr3_label_comp_id      ? 
_struct_conn.pdbx_ptnr3_label_asym_id      ? 
_struct_conn.pdbx_ptnr3_label_alt_id       ? 
_struct_conn.pdbx_ptnr3_PDB_ins_code       ? 
_struct_conn.details                       ? 
_struct_conn.pdbx_dist_value               1.839 
_struct_conn.pdbx_value_order              ? 
_struct_conn.pdbx_role                     ? 
# 
_struct_conn_type.id          covale 
_struct_conn_type.criteria    ? 
_struct_conn_type.reference   ? 
# 
_pdbx_modification_feature.ordinal                            1 
_pdbx_modification_feature.label_comp_id                      J2C 
_pdbx_modification_feature.label_asym_id                      B 
_pdbx_modification_feature.label_seq_id                       . 
_pdbx_modification_feature.label_alt_id                       ? 
_pdbx_modification_feature.modified_residue_label_comp_id     CYS 
_pdbx_modification_feature.modified_residue_label_asym_id     A 
_pdbx_modification_feature.modified_residue_label_seq_id      133 
_pdbx_modification_feature.modified_residue_label_alt_id      ? 
_pdbx_modification_feature.auth_comp_id                       J2C 
_pdbx_modification_feature.auth_asym_id                       A 
_pdbx_modification_feature.auth_seq_id                        201 
_pdbx_modification_feature.PDB_ins_code                       ? 
_pdbx_modification_feature.symmetry                           1_555 
_pdbx_modification_feature.modified_residue_auth_comp_id      CYS 
_pdbx_modification_feature.modified_residue_auth_asym_id      A 
_pdbx_modification_feature.modified_residue_auth_seq_id       113 
_pdbx_modification_feature.modified_residue_PDB_ins_code      ? 
_pdbx_modification_feature.modified_residue_symmetry          1_555 
_pdbx_modification_feature.comp_id_linking_atom               C19 
_pdbx_modification_feature.modified_residue_id_linking_atom   SG 
_pdbx_modification_feature.modified_residue_id                CYS 
_pdbx_modification_feature.ref_pcm_id                         1 
_pdbx_modification_feature.ref_comp_id                        J2C 
_pdbx_modification_feature.type                               None 
_pdbx_modification_feature.category                           'Covalent chemical modification' 
# 
loop_
_struct_sheet.id 
_struct_sheet.type 
_struct_sheet.number_strands 
_struct_sheet.details 
AA1 ? 3 ? 
AA2 ? 4 ? 
# 
loop_
_struct_sheet_order.sheet_id 
_struct_sheet_order.range_id_1 
_struct_sheet_order.range_id_2 
_struct_sheet_order.offset 
_struct_sheet_order.sense 
AA1 1 2 ? anti-parallel 
AA1 2 3 ? anti-parallel 
AA2 1 2 ? anti-parallel 
AA2 2 3 ? anti-parallel 
AA2 3 4 ? anti-parallel 
# 
loop_
_struct_sheet_range.sheet_id 
_struct_sheet_range.id 
_struct_sheet_range.beg_label_comp_id 
_struct_sheet_range.beg_label_asym_id 
_struct_sheet_range.beg_label_seq_id 
_struct_sheet_range.pdbx_beg_PDB_ins_code 
_struct_sheet_range.end_label_comp_id 
_struct_sheet_range.end_label_asym_id 
_struct_sheet_range.end_label_seq_id 
_struct_sheet_range.pdbx_end_PDB_ins_code 
_struct_sheet_range.beg_auth_comp_id 
_struct_sheet_range.beg_auth_asym_id 
_struct_sheet_range.beg_auth_seq_id 
_struct_sheet_range.end_auth_comp_id 
_struct_sheet_range.end_auth_asym_id 
_struct_sheet_range.end_auth_seq_id 
AA1 1 TRP A 31  ? MET A 35  ? TRP A 11  MET A 15  
AA1 2 VAL A 42  ? ASN A 46  ? VAL A 22  ASN A 26  
AA1 3 SER A 52  ? GLN A 53  ? SER A 32  GLN A 33  
AA2 1 ASP A 141 ? SER A 146 ? ASP A 121 SER A 126 
AA2 2 ARG A 74  ? VAL A 82  ? ARG A 54  VAL A 62  
AA2 3 GLY A 175 ? GLU A 183 ? GLY A 155 GLU A 163 
AA2 4 VAL A 170 ? THR A 172 ? VAL A 150 THR A 152 
# 
loop_
_pdbx_struct_sheet_hbond.sheet_id 
_pdbx_struct_sheet_hbond.range_id_1 
_pdbx_struct_sheet_hbond.range_id_2 
_pdbx_struct_sheet_hbond.range_1_label_atom_id 
_pdbx_struct_sheet_hbond.range_1_label_comp_id 
_pdbx_struct_sheet_hbond.range_1_label_asym_id 
_pdbx_struct_sheet_hbond.range_1_label_seq_id 
_pdbx_struct_sheet_hbond.range_1_PDB_ins_code 
_pdbx_struct_sheet_hbond.range_1_auth_atom_id 
_pdbx_struct_sheet_hbond.range_1_auth_comp_id 
_pdbx_struct_sheet_hbond.range_1_auth_asym_id 
_pdbx_struct_sheet_hbond.range_1_auth_seq_id 
_pdbx_struct_sheet_hbond.range_2_label_atom_id 
_pdbx_struct_sheet_hbond.range_2_label_comp_id 
_pdbx_struct_sheet_hbond.range_2_label_asym_id 
_pdbx_struct_sheet_hbond.range_2_label_seq_id 
_pdbx_struct_sheet_hbond.range_2_PDB_ins_code 
_pdbx_struct_sheet_hbond.range_2_auth_atom_id 
_pdbx_struct_sheet_hbond.range_2_auth_comp_id 
_pdbx_struct_sheet_hbond.range_2_auth_asym_id 
_pdbx_struct_sheet_hbond.range_2_auth_seq_id 
AA1 1 2 N GLU A 32  ? N GLU A 12  O PHE A 45  ? O PHE A 25  
AA1 2 3 N TYR A 44  ? N TYR A 24  O GLN A 53  ? O GLN A 33  
AA2 1 2 O LEU A 142 ? O LEU A 122 N CYS A 77  ? N CYS A 57  
AA2 2 3 N VAL A 82  ? N VAL A 62  O ILE A 176 ? O ILE A 156 
AA2 3 4 O HIS A 177 ? O HIS A 157 N VAL A 170 ? N VAL A 150 
# 
_pdbx_entry_details.entry_id                   7EFJ 
_pdbx_entry_details.nonpolymer_details         ? 
_pdbx_entry_details.sequence_details           ? 
_pdbx_entry_details.compound_details           ? 
_pdbx_entry_details.source_details             ? 
_pdbx_entry_details.has_ligand_of_interest     Y 
_pdbx_entry_details.has_protein_modification   Y 
# 
_pdbx_validate_symm_contact.id                1 
_pdbx_validate_symm_contact.PDB_model_num     1 
_pdbx_validate_symm_contact.auth_atom_id_1    O1 
_pdbx_validate_symm_contact.auth_asym_id_1    A 
_pdbx_validate_symm_contact.auth_comp_id_1    PE8 
_pdbx_validate_symm_contact.auth_seq_id_1     202 
_pdbx_validate_symm_contact.PDB_ins_code_1    ? 
_pdbx_validate_symm_contact.label_alt_id_1    ? 
_pdbx_validate_symm_contact.site_symmetry_1   1_555 
_pdbx_validate_symm_contact.auth_atom_id_2    O1 
_pdbx_validate_symm_contact.auth_asym_id_2    A 
_pdbx_validate_symm_contact.auth_comp_id_2    PE8 
_pdbx_validate_symm_contact.auth_seq_id_2     202 
_pdbx_validate_symm_contact.PDB_ins_code_2    ? 
_pdbx_validate_symm_contact.label_alt_id_2    ? 
_pdbx_validate_symm_contact.site_symmetry_2   4_557 
_pdbx_validate_symm_contact.dist              2.00 
# 
loop_
_pdbx_validate_torsion.id 
_pdbx_validate_torsion.PDB_model_num 
_pdbx_validate_torsion.auth_comp_id 
_pdbx_validate_torsion.auth_asym_id 
_pdbx_validate_torsion.auth_seq_id 
_pdbx_validate_torsion.PDB_ins_code 
_pdbx_validate_torsion.label_alt_id 
_pdbx_validate_torsion.phi 
_pdbx_validate_torsion.psi 
1 1 LEU A 7   ? ? 74.88  129.99 
2 1 ASP A 112 ? ? -87.31 40.15  
# 
_pdbx_validate_planes.id              1 
_pdbx_validate_planes.PDB_model_num   1 
_pdbx_validate_planes.auth_comp_id    ARG 
_pdbx_validate_planes.auth_asym_id    A 
_pdbx_validate_planes.auth_seq_id     69 
_pdbx_validate_planes.PDB_ins_code    ? 
_pdbx_validate_planes.label_alt_id    ? 
_pdbx_validate_planes.rmsd            0.236 
_pdbx_validate_planes.type            'SIDE CHAIN' 
# 
_pdbx_struct_special_symmetry.id              1 
_pdbx_struct_special_symmetry.PDB_model_num   1 
_pdbx_struct_special_symmetry.auth_asym_id    A 
_pdbx_struct_special_symmetry.auth_comp_id    HOH 
_pdbx_struct_special_symmetry.auth_seq_id     399 
_pdbx_struct_special_symmetry.PDB_ins_code    ? 
_pdbx_struct_special_symmetry.label_asym_id   D 
_pdbx_struct_special_symmetry.label_comp_id   HOH 
_pdbx_struct_special_symmetry.label_seq_id    . 
# 
loop_
_pdbx_unobs_or_zero_occ_residues.id 
_pdbx_unobs_or_zero_occ_residues.PDB_model_num 
_pdbx_unobs_or_zero_occ_residues.polymer_flag 
_pdbx_unobs_or_zero_occ_residues.occupancy_flag 
_pdbx_unobs_or_zero_occ_residues.auth_asym_id 
_pdbx_unobs_or_zero_occ_residues.auth_comp_id 
_pdbx_unobs_or_zero_occ_residues.auth_seq_id 
_pdbx_unobs_or_zero_occ_residues.PDB_ins_code 
_pdbx_unobs_or_zero_occ_residues.label_asym_id 
_pdbx_unobs_or_zero_occ_residues.label_comp_id 
_pdbx_unobs_or_zero_occ_residues.label_seq_id 
1  1 Y 1 A MET -19 ? A MET 1  
2  1 Y 1 A GLY -18 ? A GLY 2  
3  1 Y 1 A SER -17 ? A SER 3  
4  1 Y 1 A SER -16 ? A SER 4  
5  1 Y 1 A HIS -15 ? A HIS 5  
6  1 Y 1 A HIS -14 ? A HIS 6  
7  1 Y 1 A HIS -13 ? A HIS 7  
8  1 Y 1 A HIS -12 ? A HIS 8  
9  1 Y 1 A HIS -11 ? A HIS 9  
10 1 Y 1 A HIS -10 ? A HIS 10 
11 1 Y 1 A SER -9  ? A SER 11 
12 1 Y 1 A SER -8  ? A SER 12 
13 1 Y 1 A GLY -7  ? A GLY 13 
14 1 Y 1 A LEU -6  ? A LEU 14 
15 1 Y 1 A VAL -5  ? A VAL 15 
16 1 Y 1 A PRO -4  ? A PRO 16 
17 1 Y 1 A ARG -3  ? A ARG 17 
18 1 Y 1 A GLY -2  ? A GLY 18 
19 1 Y 1 A SER -1  ? A SER 19 
20 1 Y 1 A HIS 0   ? A HIS 20 
21 1 Y 1 A MET 1   ? A MET 21 
22 1 Y 1 A ALA 2   ? A ALA 22 
23 1 Y 1 A ASP 3   ? A ASP 23 
24 1 Y 1 A GLU 4   ? A GLU 24 
25 1 Y 1 A GLU 5   ? A GLU 25 
26 1 Y 1 A GLY 39  ? A GLY 59 
27 1 Y 1 A ASN 40  ? A ASN 60 
28 1 Y 1 A SER 41  ? A SER 61 
29 1 Y 1 A SER 42  ? A SER 62 
30 1 Y 1 A SER 43  ? A SER 63 
31 1 Y 1 A GLY 44  ? A GLY 64 
32 1 Y 1 A GLY 45  ? A GLY 65 
33 1 Y 1 A LYS 46  ? A LYS 66 
34 1 Y 1 A ASN 47  ? A ASN 67 
35 1 Y 1 A GLY 48  ? A GLY 68 
36 1 Y 1 A GLN 49  ? A GLN 69 
# 
loop_
_chem_comp_atom.comp_id 
_chem_comp_atom.atom_id 
_chem_comp_atom.type_symbol 
_chem_comp_atom.pdbx_aromatic_flag 
_chem_comp_atom.pdbx_stereo_config 
_chem_comp_atom.pdbx_ordinal 
ALA N    N  N N 1   
ALA CA   C  N S 2   
ALA C    C  N N 3   
ALA O    O  N N 4   
ALA CB   C  N N 5   
ALA OXT  O  N N 6   
ALA H    H  N N 7   
ALA H2   H  N N 8   
ALA HA   H  N N 9   
ALA HB1  H  N N 10  
ALA HB2  H  N N 11  
ALA HB3  H  N N 12  
ALA HXT  H  N N 13  
ARG N    N  N N 14  
ARG CA   C  N S 15  
ARG C    C  N N 16  
ARG O    O  N N 17  
ARG CB   C  N N 18  
ARG CG   C  N N 19  
ARG CD   C  N N 20  
ARG NE   N  N N 21  
ARG CZ   C  N N 22  
ARG NH1  N  N N 23  
ARG NH2  N  N N 24  
ARG OXT  O  N N 25  
ARG H    H  N N 26  
ARG H2   H  N N 27  
ARG HA   H  N N 28  
ARG HB2  H  N N 29  
ARG HB3  H  N N 30  
ARG HG2  H  N N 31  
ARG HG3  H  N N 32  
ARG HD2  H  N N 33  
ARG HD3  H  N N 34  
ARG HE   H  N N 35  
ARG HH11 H  N N 36  
ARG HH12 H  N N 37  
ARG HH21 H  N N 38  
ARG HH22 H  N N 39  
ARG HXT  H  N N 40  
ASN N    N  N N 41  
ASN CA   C  N S 42  
ASN C    C  N N 43  
ASN O    O  N N 44  
ASN CB   C  N N 45  
ASN CG   C  N N 46  
ASN OD1  O  N N 47  
ASN ND2  N  N N 48  
ASN OXT  O  N N 49  
ASN H    H  N N 50  
ASN H2   H  N N 51  
ASN HA   H  N N 52  
ASN HB2  H  N N 53  
ASN HB3  H  N N 54  
ASN HD21 H  N N 55  
ASN HD22 H  N N 56  
ASN HXT  H  N N 57  
ASP N    N  N N 58  
ASP CA   C  N S 59  
ASP C    C  N N 60  
ASP O    O  N N 61  
ASP CB   C  N N 62  
ASP CG   C  N N 63  
ASP OD1  O  N N 64  
ASP OD2  O  N N 65  
ASP OXT  O  N N 66  
ASP H    H  N N 67  
ASP H2   H  N N 68  
ASP HA   H  N N 69  
ASP HB2  H  N N 70  
ASP HB3  H  N N 71  
ASP HD2  H  N N 72  
ASP HXT  H  N N 73  
CYS N    N  N N 74  
CYS CA   C  N R 75  
CYS C    C  N N 76  
CYS O    O  N N 77  
CYS CB   C  N N 78  
CYS SG   S  N N 79  
CYS OXT  O  N N 80  
CYS H    H  N N 81  
CYS H2   H  N N 82  
CYS HA   H  N N 83  
CYS HB2  H  N N 84  
CYS HB3  H  N N 85  
CYS HG   H  N N 86  
CYS HXT  H  N N 87  
GLN N    N  N N 88  
GLN CA   C  N S 89  
GLN C    C  N N 90  
GLN O    O  N N 91  
GLN CB   C  N N 92  
GLN CG   C  N N 93  
GLN CD   C  N N 94  
GLN OE1  O  N N 95  
GLN NE2  N  N N 96  
GLN OXT  O  N N 97  
GLN H    H  N N 98  
GLN H2   H  N N 99  
GLN HA   H  N N 100 
GLN HB2  H  N N 101 
GLN HB3  H  N N 102 
GLN HG2  H  N N 103 
GLN HG3  H  N N 104 
GLN HE21 H  N N 105 
GLN HE22 H  N N 106 
GLN HXT  H  N N 107 
GLU N    N  N N 108 
GLU CA   C  N S 109 
GLU C    C  N N 110 
GLU O    O  N N 111 
GLU CB   C  N N 112 
GLU CG   C  N N 113 
GLU CD   C  N N 114 
GLU OE1  O  N N 115 
GLU OE2  O  N N 116 
GLU OXT  O  N N 117 
GLU H    H  N N 118 
GLU H2   H  N N 119 
GLU HA   H  N N 120 
GLU HB2  H  N N 121 
GLU HB3  H  N N 122 
GLU HG2  H  N N 123 
GLU HG3  H  N N 124 
GLU HE2  H  N N 125 
GLU HXT  H  N N 126 
GLY N    N  N N 127 
GLY CA   C  N N 128 
GLY C    C  N N 129 
GLY O    O  N N 130 
GLY OXT  O  N N 131 
GLY H    H  N N 132 
GLY H2   H  N N 133 
GLY HA2  H  N N 134 
GLY HA3  H  N N 135 
GLY HXT  H  N N 136 
HIS N    N  N N 137 
HIS CA   C  N S 138 
HIS C    C  N N 139 
HIS O    O  N N 140 
HIS CB   C  N N 141 
HIS CG   C  Y N 142 
HIS ND1  N  Y N 143 
HIS CD2  C  Y N 144 
HIS CE1  C  Y N 145 
HIS NE2  N  Y N 146 
HIS OXT  O  N N 147 
HIS H    H  N N 148 
HIS H2   H  N N 149 
HIS HA   H  N N 150 
HIS HB2  H  N N 151 
HIS HB3  H  N N 152 
HIS HD1  H  N N 153 
HIS HD2  H  N N 154 
HIS HE1  H  N N 155 
HIS HE2  H  N N 156 
HIS HXT  H  N N 157 
HOH O    O  N N 158 
HOH H1   H  N N 159 
HOH H2   H  N N 160 
ILE N    N  N N 161 
ILE CA   C  N S 162 
ILE C    C  N N 163 
ILE O    O  N N 164 
ILE CB   C  N S 165 
ILE CG1  C  N N 166 
ILE CG2  C  N N 167 
ILE CD1  C  N N 168 
ILE OXT  O  N N 169 
ILE H    H  N N 170 
ILE H2   H  N N 171 
ILE HA   H  N N 172 
ILE HB   H  N N 173 
ILE HG12 H  N N 174 
ILE HG13 H  N N 175 
ILE HG21 H  N N 176 
ILE HG22 H  N N 177 
ILE HG23 H  N N 178 
ILE HD11 H  N N 179 
ILE HD12 H  N N 180 
ILE HD13 H  N N 181 
ILE HXT  H  N N 182 
J2C C12  C  N N 183 
J2C N01  N  N N 184 
J2C C02  C  N N 185 
J2C C03  C  N N 186 
J2C C04  C  N N 187 
J2C C05  C  N N 188 
J2C C06  C  N N 189 
J2C N07  N  N N 190 
J2C C08  C  N N 191 
J2C C09  C  N N 192 
J2C S10  S  N N 193 
J2C O11  O  N N 194 
J2C C13  C  Y N 195 
J2C C14  C  Y N 196 
J2C C15  C  Y N 197 
J2C C16  C  Y N 198 
J2C O17  O  Y N 199 
J2C C18  C  N N 200 
J2C C19  C  N N 201 
J2C O20  O  N N 202 
J2C H1   H  N N 203 
J2C H2   H  N N 204 
J2C H3   H  N N 205 
J2C H4   H  N N 206 
J2C H5   H  N N 207 
J2C H6   H  N N 208 
J2C H7   H  N N 209 
J2C H8   H  N N 210 
J2C H9   H  N N 211 
J2C H10  H  N N 212 
J2C H11  H  N N 213 
J2C H12  H  N N 214 
J2C H13  H  N N 215 
J2C H14  H  N N 216 
J2C H15  H  N N 217 
J2C H16  H  N N 218 
J2C H17  H  N N 219 
J2C CL1  CL N N 220 
LEU N    N  N N 221 
LEU CA   C  N S 222 
LEU C    C  N N 223 
LEU O    O  N N 224 
LEU CB   C  N N 225 
LEU CG   C  N N 226 
LEU CD1  C  N N 227 
LEU CD2  C  N N 228 
LEU OXT  O  N N 229 
LEU H    H  N N 230 
LEU H2   H  N N 231 
LEU HA   H  N N 232 
LEU HB2  H  N N 233 
LEU HB3  H  N N 234 
LEU HG   H  N N 235 
LEU HD11 H  N N 236 
LEU HD12 H  N N 237 
LEU HD13 H  N N 238 
LEU HD21 H  N N 239 
LEU HD22 H  N N 240 
LEU HD23 H  N N 241 
LEU HXT  H  N N 242 
LYS N    N  N N 243 
LYS CA   C  N S 244 
LYS C    C  N N 245 
LYS O    O  N N 246 
LYS CB   C  N N 247 
LYS CG   C  N N 248 
LYS CD   C  N N 249 
LYS CE   C  N N 250 
LYS NZ   N  N N 251 
LYS OXT  O  N N 252 
LYS H    H  N N 253 
LYS H2   H  N N 254 
LYS HA   H  N N 255 
LYS HB2  H  N N 256 
LYS HB3  H  N N 257 
LYS HG2  H  N N 258 
LYS HG3  H  N N 259 
LYS HD2  H  N N 260 
LYS HD3  H  N N 261 
LYS HE2  H  N N 262 
LYS HE3  H  N N 263 
LYS HZ1  H  N N 264 
LYS HZ2  H  N N 265 
LYS HZ3  H  N N 266 
LYS HXT  H  N N 267 
MET N    N  N N 268 
MET CA   C  N S 269 
MET C    C  N N 270 
MET O    O  N N 271 
MET CB   C  N N 272 
MET CG   C  N N 273 
MET SD   S  N N 274 
MET CE   C  N N 275 
MET OXT  O  N N 276 
MET H    H  N N 277 
MET H2   H  N N 278 
MET HA   H  N N 279 
MET HB2  H  N N 280 
MET HB3  H  N N 281 
MET HG2  H  N N 282 
MET HG3  H  N N 283 
MET HE1  H  N N 284 
MET HE2  H  N N 285 
MET HE3  H  N N 286 
MET HXT  H  N N 287 
PE8 O1   O  N N 288 
PE8 C2   C  N N 289 
PE8 C3   C  N N 290 
PE8 O4   O  N N 291 
PE8 C5   C  N N 292 
PE8 C6   C  N N 293 
PE8 O7   O  N N 294 
PE8 C8   C  N N 295 
PE8 C9   C  N N 296 
PE8 O10  O  N N 297 
PE8 C11  C  N N 298 
PE8 C12  C  N N 299 
PE8 O13  O  N N 300 
PE8 C14  C  N N 301 
PE8 C15  C  N N 302 
PE8 O16  O  N N 303 
PE8 C17  C  N N 304 
PE8 C18  C  N N 305 
PE8 O19  O  N N 306 
PE8 C20  C  N N 307 
PE8 C21  C  N N 308 
PE8 O22  O  N N 309 
PE8 C23  C  N N 310 
PE8 C24  C  N N 311 
PE8 O25  O  N N 312 
PE8 HO1  H  N N 313 
PE8 H21  H  N N 314 
PE8 H22  H  N N 315 
PE8 H31  H  N N 316 
PE8 H32  H  N N 317 
PE8 H51  H  N N 318 
PE8 H52  H  N N 319 
PE8 H61  H  N N 320 
PE8 H62  H  N N 321 
PE8 H81  H  N N 322 
PE8 H82  H  N N 323 
PE8 H91  H  N N 324 
PE8 H92  H  N N 325 
PE8 H111 H  N N 326 
PE8 H112 H  N N 327 
PE8 H121 H  N N 328 
PE8 H122 H  N N 329 
PE8 H141 H  N N 330 
PE8 H142 H  N N 331 
PE8 H151 H  N N 332 
PE8 H152 H  N N 333 
PE8 H171 H  N N 334 
PE8 H172 H  N N 335 
PE8 H181 H  N N 336 
PE8 H182 H  N N 337 
PE8 H201 H  N N 338 
PE8 H202 H  N N 339 
PE8 H211 H  N N 340 
PE8 H212 H  N N 341 
PE8 H231 H  N N 342 
PE8 H232 H  N N 343 
PE8 H241 H  N N 344 
PE8 H242 H  N N 345 
PE8 H25  H  N N 346 
PHE N    N  N N 347 
PHE CA   C  N S 348 
PHE C    C  N N 349 
PHE O    O  N N 350 
PHE CB   C  N N 351 
PHE CG   C  Y N 352 
PHE CD1  C  Y N 353 
PHE CD2  C  Y N 354 
PHE CE1  C  Y N 355 
PHE CE2  C  Y N 356 
PHE CZ   C  Y N 357 
PHE OXT  O  N N 358 
PHE H    H  N N 359 
PHE H2   H  N N 360 
PHE HA   H  N N 361 
PHE HB2  H  N N 362 
PHE HB3  H  N N 363 
PHE HD1  H  N N 364 
PHE HD2  H  N N 365 
PHE HE1  H  N N 366 
PHE HE2  H  N N 367 
PHE HZ   H  N N 368 
PHE HXT  H  N N 369 
PRO N    N  N N 370 
PRO CA   C  N S 371 
PRO C    C  N N 372 
PRO O    O  N N 373 
PRO CB   C  N N 374 
PRO CG   C  N N 375 
PRO CD   C  N N 376 
PRO OXT  O  N N 377 
PRO H    H  N N 378 
PRO HA   H  N N 379 
PRO HB2  H  N N 380 
PRO HB3  H  N N 381 
PRO HG2  H  N N 382 
PRO HG3  H  N N 383 
PRO HD2  H  N N 384 
PRO HD3  H  N N 385 
PRO HXT  H  N N 386 
SER N    N  N N 387 
SER CA   C  N S 388 
SER C    C  N N 389 
SER O    O  N N 390 
SER CB   C  N N 391 
SER OG   O  N N 392 
SER OXT  O  N N 393 
SER H    H  N N 394 
SER H2   H  N N 395 
SER HA   H  N N 396 
SER HB2  H  N N 397 
SER HB3  H  N N 398 
SER HG   H  N N 399 
SER HXT  H  N N 400 
THR N    N  N N 401 
THR CA   C  N S 402 
THR C    C  N N 403 
THR O    O  N N 404 
THR CB   C  N R 405 
THR OG1  O  N N 406 
THR CG2  C  N N 407 
THR OXT  O  N N 408 
THR H    H  N N 409 
THR H2   H  N N 410 
THR HA   H  N N 411 
THR HB   H  N N 412 
THR HG1  H  N N 413 
THR HG21 H  N N 414 
THR HG22 H  N N 415 
THR HG23 H  N N 416 
THR HXT  H  N N 417 
TRP N    N  N N 418 
TRP CA   C  N S 419 
TRP C    C  N N 420 
TRP O    O  N N 421 
TRP CB   C  N N 422 
TRP CG   C  Y N 423 
TRP CD1  C  Y N 424 
TRP CD2  C  Y N 425 
TRP NE1  N  Y N 426 
TRP CE2  C  Y N 427 
TRP CE3  C  Y N 428 
TRP CZ2  C  Y N 429 
TRP CZ3  C  Y N 430 
TRP CH2  C  Y N 431 
TRP OXT  O  N N 432 
TRP H    H  N N 433 
TRP H2   H  N N 434 
TRP HA   H  N N 435 
TRP HB2  H  N N 436 
TRP HB3  H  N N 437 
TRP HD1  H  N N 438 
TRP HE1  H  N N 439 
TRP HE3  H  N N 440 
TRP HZ2  H  N N 441 
TRP HZ3  H  N N 442 
TRP HH2  H  N N 443 
TRP HXT  H  N N 444 
TYR N    N  N N 445 
TYR CA   C  N S 446 
TYR C    C  N N 447 
TYR O    O  N N 448 
TYR CB   C  N N 449 
TYR CG   C  Y N 450 
TYR CD1  C  Y N 451 
TYR CD2  C  Y N 452 
TYR CE1  C  Y N 453 
TYR CE2  C  Y N 454 
TYR CZ   C  Y N 455 
TYR OH   O  N N 456 
TYR OXT  O  N N 457 
TYR H    H  N N 458 
TYR H2   H  N N 459 
TYR HA   H  N N 460 
TYR HB2  H  N N 461 
TYR HB3  H  N N 462 
TYR HD1  H  N N 463 
TYR HD2  H  N N 464 
TYR HE1  H  N N 465 
TYR HE2  H  N N 466 
TYR HH   H  N N 467 
TYR HXT  H  N N 468 
VAL N    N  N N 469 
VAL CA   C  N S 470 
VAL C    C  N N 471 
VAL O    O  N N 472 
VAL CB   C  N N 473 
VAL CG1  C  N N 474 
VAL CG2  C  N N 475 
VAL OXT  O  N N 476 
VAL H    H  N N 477 
VAL H2   H  N N 478 
VAL HA   H  N N 479 
VAL HB   H  N N 480 
VAL HG11 H  N N 481 
VAL HG12 H  N N 482 
VAL HG13 H  N N 483 
VAL HG21 H  N N 484 
VAL HG22 H  N N 485 
VAL HG23 H  N N 486 
VAL HXT  H  N N 487 
# 
loop_
_chem_comp_bond.comp_id 
_chem_comp_bond.atom_id_1 
_chem_comp_bond.atom_id_2 
_chem_comp_bond.value_order 
_chem_comp_bond.pdbx_aromatic_flag 
_chem_comp_bond.pdbx_stereo_config 
_chem_comp_bond.pdbx_ordinal 
ALA N   CA   sing N N 1   
ALA N   H    sing N N 2   
ALA N   H2   sing N N 3   
ALA CA  C    sing N N 4   
ALA CA  CB   sing N N 5   
ALA CA  HA   sing N N 6   
ALA C   O    doub N N 7   
ALA C   OXT  sing N N 8   
ALA CB  HB1  sing N N 9   
ALA CB  HB2  sing N N 10  
ALA CB  HB3  sing N N 11  
ALA OXT HXT  sing N N 12  
ARG N   CA   sing N N 13  
ARG N   H    sing N N 14  
ARG N   H2   sing N N 15  
ARG CA  C    sing N N 16  
ARG CA  CB   sing N N 17  
ARG CA  HA   sing N N 18  
ARG C   O    doub N N 19  
ARG C   OXT  sing N N 20  
ARG CB  CG   sing N N 21  
ARG CB  HB2  sing N N 22  
ARG CB  HB3  sing N N 23  
ARG CG  CD   sing N N 24  
ARG CG  HG2  sing N N 25  
ARG CG  HG3  sing N N 26  
ARG CD  NE   sing N N 27  
ARG CD  HD2  sing N N 28  
ARG CD  HD3  sing N N 29  
ARG NE  CZ   sing N N 30  
ARG NE  HE   sing N N 31  
ARG CZ  NH1  sing N N 32  
ARG CZ  NH2  doub N N 33  
ARG NH1 HH11 sing N N 34  
ARG NH1 HH12 sing N N 35  
ARG NH2 HH21 sing N N 36  
ARG NH2 HH22 sing N N 37  
ARG OXT HXT  sing N N 38  
ASN N   CA   sing N N 39  
ASN N   H    sing N N 40  
ASN N   H2   sing N N 41  
ASN CA  C    sing N N 42  
ASN CA  CB   sing N N 43  
ASN CA  HA   sing N N 44  
ASN C   O    doub N N 45  
ASN C   OXT  sing N N 46  
ASN CB  CG   sing N N 47  
ASN CB  HB2  sing N N 48  
ASN CB  HB3  sing N N 49  
ASN CG  OD1  doub N N 50  
ASN CG  ND2  sing N N 51  
ASN ND2 HD21 sing N N 52  
ASN ND2 HD22 sing N N 53  
ASN OXT HXT  sing N N 54  
ASP N   CA   sing N N 55  
ASP N   H    sing N N 56  
ASP N   H2   sing N N 57  
ASP CA  C    sing N N 58  
ASP CA  CB   sing N N 59  
ASP CA  HA   sing N N 60  
ASP C   O    doub N N 61  
ASP C   OXT  sing N N 62  
ASP CB  CG   sing N N 63  
ASP CB  HB2  sing N N 64  
ASP CB  HB3  sing N N 65  
ASP CG  OD1  doub N N 66  
ASP CG  OD2  sing N N 67  
ASP OD2 HD2  sing N N 68  
ASP OXT HXT  sing N N 69  
CYS N   CA   sing N N 70  
CYS N   H    sing N N 71  
CYS N   H2   sing N N 72  
CYS CA  C    sing N N 73  
CYS CA  CB   sing N N 74  
CYS CA  HA   sing N N 75  
CYS C   O    doub N N 76  
CYS C   OXT  sing N N 77  
CYS CB  SG   sing N N 78  
CYS CB  HB2  sing N N 79  
CYS CB  HB3  sing N N 80  
CYS SG  HG   sing N N 81  
CYS OXT HXT  sing N N 82  
GLN N   CA   sing N N 83  
GLN N   H    sing N N 84  
GLN N   H2   sing N N 85  
GLN CA  C    sing N N 86  
GLN CA  CB   sing N N 87  
GLN CA  HA   sing N N 88  
GLN C   O    doub N N 89  
GLN C   OXT  sing N N 90  
GLN CB  CG   sing N N 91  
GLN CB  HB2  sing N N 92  
GLN CB  HB3  sing N N 93  
GLN CG  CD   sing N N 94  
GLN CG  HG2  sing N N 95  
GLN CG  HG3  sing N N 96  
GLN CD  OE1  doub N N 97  
GLN CD  NE2  sing N N 98  
GLN NE2 HE21 sing N N 99  
GLN NE2 HE22 sing N N 100 
GLN OXT HXT  sing N N 101 
GLU N   CA   sing N N 102 
GLU N   H    sing N N 103 
GLU N   H2   sing N N 104 
GLU CA  C    sing N N 105 
GLU CA  CB   sing N N 106 
GLU CA  HA   sing N N 107 
GLU C   O    doub N N 108 
GLU C   OXT  sing N N 109 
GLU CB  CG   sing N N 110 
GLU CB  HB2  sing N N 111 
GLU CB  HB3  sing N N 112 
GLU CG  CD   sing N N 113 
GLU CG  HG2  sing N N 114 
GLU CG  HG3  sing N N 115 
GLU CD  OE1  doub N N 116 
GLU CD  OE2  sing N N 117 
GLU OE2 HE2  sing N N 118 
GLU OXT HXT  sing N N 119 
GLY N   CA   sing N N 120 
GLY N   H    sing N N 121 
GLY N   H2   sing N N 122 
GLY CA  C    sing N N 123 
GLY CA  HA2  sing N N 124 
GLY CA  HA3  sing N N 125 
GLY C   O    doub N N 126 
GLY C   OXT  sing N N 127 
GLY OXT HXT  sing N N 128 
HIS N   CA   sing N N 129 
HIS N   H    sing N N 130 
HIS N   H2   sing N N 131 
HIS CA  C    sing N N 132 
HIS CA  CB   sing N N 133 
HIS CA  HA   sing N N 134 
HIS C   O    doub N N 135 
HIS C   OXT  sing N N 136 
HIS CB  CG   sing N N 137 
HIS CB  HB2  sing N N 138 
HIS CB  HB3  sing N N 139 
HIS CG  ND1  sing Y N 140 
HIS CG  CD2  doub Y N 141 
HIS ND1 CE1  doub Y N 142 
HIS ND1 HD1  sing N N 143 
HIS CD2 NE2  sing Y N 144 
HIS CD2 HD2  sing N N 145 
HIS CE1 NE2  sing Y N 146 
HIS CE1 HE1  sing N N 147 
HIS NE2 HE2  sing N N 148 
HIS OXT HXT  sing N N 149 
HOH O   H1   sing N N 150 
HOH O   H2   sing N N 151 
ILE N   CA   sing N N 152 
ILE N   H    sing N N 153 
ILE N   H2   sing N N 154 
ILE CA  C    sing N N 155 
ILE CA  CB   sing N N 156 
ILE CA  HA   sing N N 157 
ILE C   O    doub N N 158 
ILE C   OXT  sing N N 159 
ILE CB  CG1  sing N N 160 
ILE CB  CG2  sing N N 161 
ILE CB  HB   sing N N 162 
ILE CG1 CD1  sing N N 163 
ILE CG1 HG12 sing N N 164 
ILE CG1 HG13 sing N N 165 
ILE CG2 HG21 sing N N 166 
ILE CG2 HG22 sing N N 167 
ILE CG2 HG23 sing N N 168 
ILE CD1 HD11 sing N N 169 
ILE CD1 HD12 sing N N 170 
ILE CD1 HD13 sing N N 171 
ILE OXT HXT  sing N N 172 
J2C O11 C08  doub N N 173 
J2C C09 C08  sing N N 174 
J2C C09 S10  sing N N 175 
J2C C08 N07  sing N N 176 
J2C C05 C06  sing N N 177 
J2C C05 C04  sing N N 178 
J2C C06 N01  sing N N 179 
J2C N07 C12  sing N N 180 
J2C N07 C04  sing N N 181 
J2C C12 C13  sing N N 182 
J2C S10 C04  sing N N 183 
J2C C04 C03  sing N N 184 
J2C O20 C18  doub N N 185 
J2C C14 C13  doub Y N 186 
J2C C14 C15  sing Y N 187 
J2C C13 O17  sing Y N 188 
J2C N01 C18  sing N N 189 
J2C N01 C02  sing N N 190 
J2C C18 C19  sing N N 191 
J2C C03 C02  sing N N 192 
J2C C15 C16  doub Y N 193 
J2C O17 C16  sing Y N 194 
J2C C12 H1   sing N N 195 
J2C C12 H2   sing N N 196 
J2C C02 H3   sing N N 197 
J2C C02 H4   sing N N 198 
J2C C03 H5   sing N N 199 
J2C C03 H6   sing N N 200 
J2C C05 H7   sing N N 201 
J2C C05 H8   sing N N 202 
J2C C06 H9   sing N N 203 
J2C C06 H10  sing N N 204 
J2C C09 H11  sing N N 205 
J2C C09 H12  sing N N 206 
J2C C14 H13  sing N N 207 
J2C C15 H14  sing N N 208 
J2C C16 H15  sing N N 209 
J2C C19 H16  sing N N 210 
J2C C19 H17  sing N N 211 
J2C C19 CL1  sing N N 212 
LEU N   CA   sing N N 213 
LEU N   H    sing N N 214 
LEU N   H2   sing N N 215 
LEU CA  C    sing N N 216 
LEU CA  CB   sing N N 217 
LEU CA  HA   sing N N 218 
LEU C   O    doub N N 219 
LEU C   OXT  sing N N 220 
LEU CB  CG   sing N N 221 
LEU CB  HB2  sing N N 222 
LEU CB  HB3  sing N N 223 
LEU CG  CD1  sing N N 224 
LEU CG  CD2  sing N N 225 
LEU CG  HG   sing N N 226 
LEU CD1 HD11 sing N N 227 
LEU CD1 HD12 sing N N 228 
LEU CD1 HD13 sing N N 229 
LEU CD2 HD21 sing N N 230 
LEU CD2 HD22 sing N N 231 
LEU CD2 HD23 sing N N 232 
LEU OXT HXT  sing N N 233 
LYS N   CA   sing N N 234 
LYS N   H    sing N N 235 
LYS N   H2   sing N N 236 
LYS CA  C    sing N N 237 
LYS CA  CB   sing N N 238 
LYS CA  HA   sing N N 239 
LYS C   O    doub N N 240 
LYS C   OXT  sing N N 241 
LYS CB  CG   sing N N 242 
LYS CB  HB2  sing N N 243 
LYS CB  HB3  sing N N 244 
LYS CG  CD   sing N N 245 
LYS CG  HG2  sing N N 246 
LYS CG  HG3  sing N N 247 
LYS CD  CE   sing N N 248 
LYS CD  HD2  sing N N 249 
LYS CD  HD3  sing N N 250 
LYS CE  NZ   sing N N 251 
LYS CE  HE2  sing N N 252 
LYS CE  HE3  sing N N 253 
LYS NZ  HZ1  sing N N 254 
LYS NZ  HZ2  sing N N 255 
LYS NZ  HZ3  sing N N 256 
LYS OXT HXT  sing N N 257 
MET N   CA   sing N N 258 
MET N   H    sing N N 259 
MET N   H2   sing N N 260 
MET CA  C    sing N N 261 
MET CA  CB   sing N N 262 
MET CA  HA   sing N N 263 
MET C   O    doub N N 264 
MET C   OXT  sing N N 265 
MET CB  CG   sing N N 266 
MET CB  HB2  sing N N 267 
MET CB  HB3  sing N N 268 
MET CG  SD   sing N N 269 
MET CG  HG2  sing N N 270 
MET CG  HG3  sing N N 271 
MET SD  CE   sing N N 272 
MET CE  HE1  sing N N 273 
MET CE  HE2  sing N N 274 
MET CE  HE3  sing N N 275 
MET OXT HXT  sing N N 276 
PE8 O1  C2   sing N N 277 
PE8 O1  HO1  sing N N 278 
PE8 C2  C3   sing N N 279 
PE8 C2  H21  sing N N 280 
PE8 C2  H22  sing N N 281 
PE8 C3  O4   sing N N 282 
PE8 C3  H31  sing N N 283 
PE8 C3  H32  sing N N 284 
PE8 O4  C5   sing N N 285 
PE8 C5  C6   sing N N 286 
PE8 C5  H51  sing N N 287 
PE8 C5  H52  sing N N 288 
PE8 C6  O7   sing N N 289 
PE8 C6  H61  sing N N 290 
PE8 C6  H62  sing N N 291 
PE8 O7  C8   sing N N 292 
PE8 C8  C9   sing N N 293 
PE8 C8  H81  sing N N 294 
PE8 C8  H82  sing N N 295 
PE8 C9  O10  sing N N 296 
PE8 C9  H91  sing N N 297 
PE8 C9  H92  sing N N 298 
PE8 O10 C11  sing N N 299 
PE8 C11 C12  sing N N 300 
PE8 C11 H111 sing N N 301 
PE8 C11 H112 sing N N 302 
PE8 C12 O13  sing N N 303 
PE8 C12 H121 sing N N 304 
PE8 C12 H122 sing N N 305 
PE8 O13 C14  sing N N 306 
PE8 C14 C15  sing N N 307 
PE8 C14 H141 sing N N 308 
PE8 C14 H142 sing N N 309 
PE8 C15 O16  sing N N 310 
PE8 C15 H151 sing N N 311 
PE8 C15 H152 sing N N 312 
PE8 O16 C17  sing N N 313 
PE8 C17 C18  sing N N 314 
PE8 C17 H171 sing N N 315 
PE8 C17 H172 sing N N 316 
PE8 C18 O19  sing N N 317 
PE8 C18 H181 sing N N 318 
PE8 C18 H182 sing N N 319 
PE8 O19 C20  sing N N 320 
PE8 C20 C21  sing N N 321 
PE8 C20 H201 sing N N 322 
PE8 C20 H202 sing N N 323 
PE8 C21 O22  sing N N 324 
PE8 C21 H211 sing N N 325 
PE8 C21 H212 sing N N 326 
PE8 O22 C23  sing N N 327 
PE8 C23 C24  sing N N 328 
PE8 C23 H231 sing N N 329 
PE8 C23 H232 sing N N 330 
PE8 C24 O25  sing N N 331 
PE8 C24 H241 sing N N 332 
PE8 C24 H242 sing N N 333 
PE8 O25 H25  sing N N 334 
PHE N   CA   sing N N 335 
PHE N   H    sing N N 336 
PHE N   H2   sing N N 337 
PHE CA  C    sing N N 338 
PHE CA  CB   sing N N 339 
PHE CA  HA   sing N N 340 
PHE C   O    doub N N 341 
PHE C   OXT  sing N N 342 
PHE CB  CG   sing N N 343 
PHE CB  HB2  sing N N 344 
PHE CB  HB3  sing N N 345 
PHE CG  CD1  doub Y N 346 
PHE CG  CD2  sing Y N 347 
PHE CD1 CE1  sing Y N 348 
PHE CD1 HD1  sing N N 349 
PHE CD2 CE2  doub Y N 350 
PHE CD2 HD2  sing N N 351 
PHE CE1 CZ   doub Y N 352 
PHE CE1 HE1  sing N N 353 
PHE CE2 CZ   sing Y N 354 
PHE CE2 HE2  sing N N 355 
PHE CZ  HZ   sing N N 356 
PHE OXT HXT  sing N N 357 
PRO N   CA   sing N N 358 
PRO N   CD   sing N N 359 
PRO N   H    sing N N 360 
PRO CA  C    sing N N 361 
PRO CA  CB   sing N N 362 
PRO CA  HA   sing N N 363 
PRO C   O    doub N N 364 
PRO C   OXT  sing N N 365 
PRO CB  CG   sing N N 366 
PRO CB  HB2  sing N N 367 
PRO CB  HB3  sing N N 368 
PRO CG  CD   sing N N 369 
PRO CG  HG2  sing N N 370 
PRO CG  HG3  sing N N 371 
PRO CD  HD2  sing N N 372 
PRO CD  HD3  sing N N 373 
PRO OXT HXT  sing N N 374 
SER N   CA   sing N N 375 
SER N   H    sing N N 376 
SER N   H2   sing N N 377 
SER CA  C    sing N N 378 
SER CA  CB   sing N N 379 
SER CA  HA   sing N N 380 
SER C   O    doub N N 381 
SER C   OXT  sing N N 382 
SER CB  OG   sing N N 383 
SER CB  HB2  sing N N 384 
SER CB  HB3  sing N N 385 
SER OG  HG   sing N N 386 
SER OXT HXT  sing N N 387 
THR N   CA   sing N N 388 
THR N   H    sing N N 389 
THR N   H2   sing N N 390 
THR CA  C    sing N N 391 
THR CA  CB   sing N N 392 
THR CA  HA   sing N N 393 
THR C   O    doub N N 394 
THR C   OXT  sing N N 395 
THR CB  OG1  sing N N 396 
THR CB  CG2  sing N N 397 
THR CB  HB   sing N N 398 
THR OG1 HG1  sing N N 399 
THR CG2 HG21 sing N N 400 
THR CG2 HG22 sing N N 401 
THR CG2 HG23 sing N N 402 
THR OXT HXT  sing N N 403 
TRP N   CA   sing N N 404 
TRP N   H    sing N N 405 
TRP N   H2   sing N N 406 
TRP CA  C    sing N N 407 
TRP CA  CB   sing N N 408 
TRP CA  HA   sing N N 409 
TRP C   O    doub N N 410 
TRP C   OXT  sing N N 411 
TRP CB  CG   sing N N 412 
TRP CB  HB2  sing N N 413 
TRP CB  HB3  sing N N 414 
TRP CG  CD1  doub Y N 415 
TRP CG  CD2  sing Y N 416 
TRP CD1 NE1  sing Y N 417 
TRP CD1 HD1  sing N N 418 
TRP CD2 CE2  doub Y N 419 
TRP CD2 CE3  sing Y N 420 
TRP NE1 CE2  sing Y N 421 
TRP NE1 HE1  sing N N 422 
TRP CE2 CZ2  sing Y N 423 
TRP CE3 CZ3  doub Y N 424 
TRP CE3 HE3  sing N N 425 
TRP CZ2 CH2  doub Y N 426 
TRP CZ2 HZ2  sing N N 427 
TRP CZ3 CH2  sing Y N 428 
TRP CZ3 HZ3  sing N N 429 
TRP CH2 HH2  sing N N 430 
TRP OXT HXT  sing N N 431 
TYR N   CA   sing N N 432 
TYR N   H    sing N N 433 
TYR N   H2   sing N N 434 
TYR CA  C    sing N N 435 
TYR CA  CB   sing N N 436 
TYR CA  HA   sing N N 437 
TYR C   O    doub N N 438 
TYR C   OXT  sing N N 439 
TYR CB  CG   sing N N 440 
TYR CB  HB2  sing N N 441 
TYR CB  HB3  sing N N 442 
TYR CG  CD1  doub Y N 443 
TYR CG  CD2  sing Y N 444 
TYR CD1 CE1  sing Y N 445 
TYR CD1 HD1  sing N N 446 
TYR CD2 CE2  doub Y N 447 
TYR CD2 HD2  sing N N 448 
TYR CE1 CZ   doub Y N 449 
TYR CE1 HE1  sing N N 450 
TYR CE2 CZ   sing Y N 451 
TYR CE2 HE2  sing N N 452 
TYR CZ  OH   sing N N 453 
TYR OH  HH   sing N N 454 
TYR OXT HXT  sing N N 455 
VAL N   CA   sing N N 456 
VAL N   H    sing N N 457 
VAL N   H2   sing N N 458 
VAL CA  C    sing N N 459 
VAL CA  CB   sing N N 460 
VAL CA  HA   sing N N 461 
VAL C   O    doub N N 462 
VAL C   OXT  sing N N 463 
VAL CB  CG1  sing N N 464 
VAL CB  CG2  sing N N 465 
VAL CB  HB   sing N N 466 
VAL CG1 HG11 sing N N 467 
VAL CG1 HG12 sing N N 468 
VAL CG1 HG13 sing N N 469 
VAL CG2 HG21 sing N N 470 
VAL CG2 HG22 sing N N 471 
VAL CG2 HG23 sing N N 472 
VAL OXT HXT  sing N N 473 
# 
_pdbx_initial_refinement_model.id               1 
_pdbx_initial_refinement_model.entity_id_list   ? 
_pdbx_initial_refinement_model.type             'experimental model' 
_pdbx_initial_refinement_model.source_name      PDB 
_pdbx_initial_refinement_model.accession_code   3NTP 
_pdbx_initial_refinement_model.details          ? 
# 
_atom_sites.entry_id                    7EFJ 
_atom_sites.Cartn_transf_matrix[1][1]   ? 
_atom_sites.Cartn_transf_matrix[1][2]   ? 
_atom_sites.Cartn_transf_matrix[1][3]   ? 
_atom_sites.Cartn_transf_matrix[2][1]   ? 
_atom_sites.Cartn_transf_matrix[2][2]   ? 
_atom_sites.Cartn_transf_matrix[2][3]   ? 
_atom_sites.Cartn_transf_matrix[3][1]   ? 
_atom_sites.Cartn_transf_matrix[3][2]   ? 
_atom_sites.Cartn_transf_matrix[3][3]   ? 
_atom_sites.Cartn_transf_vector[1]      ? 
_atom_sites.Cartn_transf_vector[2]      ? 
_atom_sites.Cartn_transf_vector[3]      ? 
_atom_sites.fract_transf_matrix[1][1]   -0.01053161 
_atom_sites.fract_transf_matrix[1][2]   -0.01266814 
_atom_sites.fract_transf_matrix[1][3]   0.00393202 
_atom_sites.fract_transf_matrix[2][1]   -0.00955817 
_atom_sites.fract_transf_matrix[2][2]   0.00095441 
_atom_sites.fract_transf_matrix[2][3]   0.01394964 
_atom_sites.fract_transf_matrix[3][1]   -0.00911163 
_atom_sites.fract_transf_matrix[3][2]   0.00551989 
_atom_sites.fract_transf_matrix[3][3]   -0.00662087 
_atom_sites.fract_transf_vector[1]      0.363461 
_atom_sites.fract_transf_vector[2]      0.604479 
_atom_sites.fract_transf_vector[3]      0.982468 
_atom_sites.solution_primary            ? 
_atom_sites.solution_secondary          ? 
_atom_sites.solution_hydrogens          ? 
_atom_sites.special_details             ? 
# 
loop_
_atom_type.symbol 
C 
H 
N 
O 
S 
# 
loop_
_atom_site.group_PDB 
_atom_site.id 
_atom_site.type_symbol 
_atom_site.label_atom_id 
_atom_site.label_alt_id 
_atom_site.label_comp_id 
_atom_site.label_asym_id 
_atom_site.label_entity_id 
_atom_site.label_seq_id 
_atom_site.pdbx_PDB_ins_code 
_atom_site.Cartn_x 
_atom_site.Cartn_y 
_atom_site.Cartn_z 
_atom_site.occupancy 
_atom_site.B_iso_or_equiv 
_atom_site.pdbx_formal_charge 
_atom_site.auth_seq_id 
_atom_site.auth_comp_id 
_atom_site.auth_asym_id 
_atom_site.auth_atom_id 
_atom_site.pdbx_PDB_model_num 
ATOM   1    N N   . LYS A 1 26  ? 19.518  -4.041  -14.721 1.00 68.78 ?  6   LYS A N   1 
ATOM   2    C CA  . LYS A 1 26  ? 18.971  -5.302  -14.160 1.00 69.60 ?  6   LYS A CA  1 
ATOM   3    C C   . LYS A 1 26  ? 18.037  -4.983  -12.986 1.00 62.97 ?  6   LYS A C   1 
ATOM   4    O O   . LYS A 1 26  ? 18.504  -4.663  -11.897 1.00 71.62 ?  6   LYS A O   1 
ATOM   5    C CB  . LYS A 1 26  ? 20.104  -6.228  -13.718 1.00 75.50 ?  6   LYS A CB  1 
ATOM   6    C CG  . LYS A 1 26  ? 19.659  -7.457  -12.933 1.00 80.00 ?  6   LYS A CG  1 
ATOM   7    C CD  . LYS A 1 26  ? 19.565  -7.216  -11.452 1.00 81.13 ?  6   LYS A CD  1 
ATOM   8    C CE  . LYS A 1 26  ? 20.244  -8.287  -10.628 1.00 79.25 ?  6   LYS A CE  1 
ATOM   9    N NZ  . LYS A 1 26  ? 19.373  -9.469  -10.398 1.00 76.33 1  6   LYS A NZ  1 
ATOM   10   N N   . LEU A 1 27  ? 16.743  -5.025  -13.261 1.00 58.72 ?  7   LEU A N   1 
ATOM   11   C CA  . LEU A 1 27  ? 15.629  -4.825  -12.304 1.00 41.74 ?  7   LEU A CA  1 
ATOM   12   C C   . LEU A 1 27  ? 15.485  -3.347  -11.949 1.00 36.76 ?  7   LEU A C   1 
ATOM   13   O O   . LEU A 1 27  ? 16.474  -2.757  -11.578 1.00 38.43 ?  7   LEU A O   1 
ATOM   14   C CB  . LEU A 1 27  ? 15.868  -5.664  -11.053 1.00 40.20 ?  7   LEU A CB  1 
ATOM   15   C CG  . LEU A 1 27  ? 15.879  -7.167  -11.287 1.00 41.24 ?  7   LEU A CG  1 
ATOM   16   C CD1 . LEU A 1 27  ? 15.691  -7.923  -9.993  1.00 41.38 ?  7   LEU A CD1 1 
ATOM   17   C CD2 . LEU A 1 27  ? 14.822  -7.561  -12.291 1.00 42.63 ?  7   LEU A CD2 1 
ATOM   18   N N   . PRO A 1 28  ? 14.293  -2.725  -12.015 1.00 34.50 ?  8   PRO A N   1 
ATOM   19   C CA  . PRO A 1 28  ? 14.121  -1.355  -11.557 1.00 34.38 ?  8   PRO A CA  1 
ATOM   20   C C   . PRO A 1 28  ? 14.356  -1.084  -10.059 1.00 33.83 ?  8   PRO A C   1 
ATOM   21   O O   . PRO A 1 28  ? 14.463  -1.970  -9.257  1.00 35.64 ?  8   PRO A O   1 
ATOM   22   C CB  . PRO A 1 28  ? 12.652  -1.016  -11.796 1.00 34.83 ?  8   PRO A CB  1 
ATOM   23   C CG  . PRO A 1 28  ? 12.182  -2.016  -12.782 1.00 36.13 ?  8   PRO A CG  1 
ATOM   24   C CD  . PRO A 1 28  ? 13.071  -3.222  -12.629 1.00 35.34 ?  8   PRO A CD  1 
ATOM   25   N N   . PRO A 1 29  ? 14.346  0.197   -9.677  1.00 35.34 ?  9   PRO A N   1 
ATOM   26   C CA  . PRO A 1 29  ? 14.655  0.632   -8.307  1.00 37.32 ?  9   PRO A CA  1 
ATOM   27   C C   . PRO A 1 29  ? 13.881  -0.135  -7.224  1.00 33.48 ?  9   PRO A C   1 
ATOM   28   O O   . PRO A 1 29  ? 12.667  -0.186  -7.296  1.00 31.38 ?  9   PRO A O   1 
ATOM   29   C CB  . PRO A 1 29  ? 14.236  2.109   -8.296  1.00 38.18 ?  9   PRO A CB  1 
ATOM   30   C CG  . PRO A 1 29  ? 14.444  2.557   -9.723  1.00 37.93 ?  9   PRO A CG  1 
ATOM   31   C CD  . PRO A 1 29  ? 14.126  1.343   -10.571 1.00 39.49 ?  9   PRO A CD  1 
ATOM   32   N N   . GLY A 1 30  ? 14.607  -0.707  -6.258  1.00 28.12 ?  10  GLY A N   1 
ATOM   33   C CA  . GLY A 1 30  ? 14.040  -1.460  -5.180  1.00 28.27 ?  10  GLY A CA  1 
ATOM   34   C C   . GLY A 1 30  ? 13.800  -2.953  -5.455  1.00 25.38 ?  10  GLY A C   1 
ATOM   35   O O   . GLY A 1 30  ? 13.547  -3.671  -4.512  1.00 25.99 ?  10  GLY A O   1 
ATOM   36   N N   . TRP A 1 31  ? 13.773  -3.393  -6.722  1.00 27.48 ?  11  TRP A N   1 
ATOM   37   C CA  . TRP A 1 31  ? 13.454  -4.785  -7.082  1.00 29.45 ?  11  TRP A CA  1 
ATOM   38   C C   . TRP A 1 31  ? 14.666  -5.688  -6.875  1.00 30.10 ?  11  TRP A C   1 
ATOM   39   O O   . TRP A 1 31  ? 15.805  -5.375  -7.298  1.00 29.08 ?  11  TRP A O   1 
ATOM   40   C CB  . TRP A 1 31  ? 12.932  -4.914  -8.523  1.00 26.90 ?  11  TRP A CB  1 
ATOM   41   C CG  . TRP A 1 31  ? 11.543  -4.393  -8.689  1.00 23.72 ?  11  TRP A CG  1 
ATOM   42   C CD1 . TRP A 1 31  ? 11.176  -3.161  -9.157  1.00 26.01 ?  11  TRP A CD1 1 
ATOM   43   C CD2 . TRP A 1 31  ? 10.323  -5.082  -8.386  1.00 23.93 ?  11  TRP A CD2 1 
ATOM   44   N NE1 . TRP A 1 31  ? 9.809   -3.031  -9.129  1.00 24.01 ?  11  TRP A NE1 1 
ATOM   45   C CE2 . TRP A 1 31  ? 9.266   -4.213  -8.708  1.00 22.67 ?  11  TRP A CE2 1 
ATOM   46   C CE3 . TRP A 1 31  ? 10.014  -6.350  -7.860  1.00 23.38 ?  11  TRP A CE3 1 
ATOM   47   C CZ2 . TRP A 1 31  ? 7.937   -4.560  -8.520  1.00 23.05 ?  11  TRP A CZ2 1 
ATOM   48   C CZ3 . TRP A 1 31  ? 8.689   -6.686  -7.685  1.00 19.77 ?  11  TRP A CZ3 1 
ATOM   49   C CH2 . TRP A 1 31  ? 7.671   -5.797  -8.004  1.00 21.40 ?  11  TRP A CH2 1 
ATOM   50   N N   . GLU A 1 32  ? 14.397  -6.845  -6.269  1.00 26.23 ?  12  GLU A N   1 
ATOM   51   C CA  . GLU A 1 32  ? 15.378  -7.910  -6.127  1.00 28.77 ?  12  GLU A CA  1 
ATOM   52   C C   . GLU A 1 32  ? 14.699  -9.271  -6.329  1.00 28.73 ?  12  GLU A C   1 
ATOM   53   O O   . GLU A 1 32  ? 13.477  -9.392  -6.308  1.00 23.28 ?  12  GLU A O   1 
ATOM   54   C CB  . GLU A 1 32  ? 16.015  -7.864  -4.732  1.00 35.72 ?  12  GLU A CB  1 
ATOM   55   C CG  . GLU A 1 32  ? 16.694  -6.530  -4.383  1.00 45.81 ?  12  GLU A CG  1 
ATOM   56   C CD  . GLU A 1 32  ? 17.881  -6.086  -5.241  1.00 60.76 ?  12  GLU A CD  1 
ATOM   57   O OE1 . GLU A 1 32  ? 18.198  -4.868  -5.199  1.00 73.79 ?  12  GLU A OE1 1 
ATOM   58   O OE2 . GLU A 1 32  ? 18.505  -6.945  -5.939  1.00 58.05 -1 12  GLU A OE2 1 
ATOM   59   N N   . LYS A 1 33  ? 15.536  -10.286 -6.523  1.00 28.36 ?  13  LYS A N   1 
ATOM   60   C CA  . LYS A 1 33  ? 15.146  -11.655 -6.853  1.00 35.03 ?  13  LYS A CA  1 
ATOM   61   C C   . LYS A 1 33  ? 15.258  -12.437 -5.553  1.00 34.48 ?  13  LYS A C   1 
ATOM   62   O O   . LYS A 1 33  ? 16.109  -12.115 -4.703  1.00 34.38 ?  13  LYS A O   1 
ATOM   63   C CB  . LYS A 1 33  ? 16.054  -12.155 -7.986  1.00 41.26 ?  13  LYS A CB  1 
ATOM   64   C CG  . LYS A 1 33  ? 15.507  -13.260 -8.879  1.00 51.16 ?  13  LYS A CG  1 
ATOM   65   C CD  . LYS A 1 33  ? 16.543  -13.823 -9.848  1.00 54.99 ?  13  LYS A CD  1 
ATOM   66   C CE  . LYS A 1 33  ? 16.912  -12.853 -10.949 1.00 64.36 ?  13  LYS A CE  1 
ATOM   67   N NZ  . LYS A 1 33  ? 17.495  -13.544 -12.124 1.00 67.75 1  13  LYS A NZ  1 
ATOM   68   N N   . ALA A 1 34  ? 14.337  -13.377 -5.322  1.00 32.47 ?  14  ALA A N   1 
ATOM   69   C CA  . ALA A 1 34  ? 14.329  -14.163 -4.086  1.00 33.39 ?  14  ALA A CA  1 
ATOM   70   C C   . ALA A 1 34  ? 13.773  -15.560 -4.391  1.00 32.75 ?  14  ALA A C   1 
ATOM   71   O O   . ALA A 1 34  ? 13.231  -15.803 -5.470  1.00 27.70 ?  14  ALA A O   1 
ATOM   72   C CB  . ALA A 1 34  ? 13.520  -13.478 -3.021  1.00 35.29 ?  14  ALA A CB  1 
ATOM   73   N N   . MET A 1 35  ? 14.027  -16.482 -3.470  1.00 33.02 ?  15  MET A N   1 
ATOM   74   C CA  . MET A 1 35  ? 13.577  -17.858 -3.601  1.00 35.25 ?  15  MET A CA  1 
ATOM   75   C C   . MET A 1 35  ? 12.335  -18.044 -2.732  1.00 30.66 ?  15  MET A C   1 
ATOM   76   O O   . MET A 1 35  ? 12.331  -17.688 -1.566  1.00 32.88 ?  15  MET A O   1 
ATOM   77   C CB  . MET A 1 35  ? 14.699  -18.813 -3.167  1.00 39.58 ?  15  MET A CB  1 
ATOM   78   C CG  . MET A 1 35  ? 14.321  -20.272 -3.231  1.00 43.62 ?  15  MET A CG  1 
ATOM   79   S SD  . MET A 1 35  ? 13.649  -20.739 -4.832  1.00 51.93 ?  15  MET A SD  1 
ATOM   80   C CE  . MET A 1 35  ? 15.096  -20.628 -5.883  1.00 47.23 ?  15  MET A CE  1 
ATOM   81   N N   . SER A 1 36  ? 11.248  -18.570 -3.324  1.00 27.75 ?  16  SER A N   1 
ATOM   82   C CA  . SER A 1 36  ? 10.034  -18.903 -2.580  1.00 34.87 ?  16  SER A CA  1 
ATOM   83   C C   . SER A 1 36  ? 10.267  -20.157 -1.722  1.00 35.11 ?  16  SER A C   1 
ATOM   84   O O   . SER A 1 36  ? 10.672  -21.128 -2.284  1.00 32.16 ?  16  SER A O   1 
ATOM   85   C CB  . SER A 1 36  ? 8.881   -19.199 -3.531  1.00 37.57 ?  16  SER A CB  1 
ATOM   86   O OG  . SER A 1 36  ? 7.770   -19.724 -2.784  1.00 37.51 ?  16  SER A OG  1 
ATOM   87   N N   . ARG A 1 37  ? 10.000  -20.106 -0.427  1.00 37.68 ?  17  ARG A N   1 
ATOM   88   C CA  . ARG A 1 37  ? 10.215  -21.278 0.458   1.00 41.72 ?  17  ARG A CA  1 
ATOM   89   C C   . ARG A 1 37  ? 9.133   -22.311 0.185   1.00 44.00 ?  17  ARG A C   1 
ATOM   90   O O   . ARG A 1 37  ? 9.380   -23.484 0.271   1.00 41.32 ?  17  ARG A O   1 
ATOM   91   C CB  . ARG A 1 37  ? 9.974   -20.877 1.905   1.00 42.95 ?  17  ARG A CB  1 
ATOM   92   C CG  . ARG A 1 37  ? 11.042  -19.951 2.446   1.00 52.82 ?  17  ARG A CG  1 
ATOM   93   C CD  . ARG A 1 37  ? 11.473  -20.454 3.788   1.00 60.93 ?  17  ARG A CD  1 
ATOM   94   N NE  . ARG A 1 37  ? 10.815  -19.627 4.763   1.00 68.73 ?  17  ARG A NE  1 
ATOM   95   C CZ  . ARG A 1 37  ? 10.946  -18.322 4.777   1.00 52.00 ?  17  ARG A CZ  1 
ATOM   96   N NH1 . ARG A 1 37  ? 10.311  -17.599 5.684   1.00 51.89 1  17  ARG A NH1 1 
ATOM   97   N NH2 . ARG A 1 37  ? 11.731  -17.755 3.883   1.00 44.37 ?  17  ARG A NH2 1 
ATOM   98   N N   . SER A 1 38  ? 7.950   -21.827 -0.106  1.00 39.32 ?  18  SER A N   1 
ATOM   99   C CA  . SER A 1 38  ? 6.836   -22.685 -0.333  1.00 43.69 ?  18  SER A CA  1 
ATOM   100  C C   . SER A 1 38  ? 7.029   -23.485 -1.619  1.00 44.97 ?  18  SER A C   1 
ATOM   101  O O   . SER A 1 38  ? 6.857   -24.689 -1.601  1.00 52.43 ?  18  SER A O   1 
ATOM   102  C CB  . SER A 1 38  ? 5.559   -21.872 -0.365  1.00 47.59 ?  18  SER A CB  1 
ATOM   103  O OG  . SER A 1 38  ? 4.566   -22.571 -1.075  1.00 56.00 ?  18  SER A OG  1 
ATOM   104  N N   . SER A 1 39  ? 7.327   -22.791 -2.733  1.00 40.87 ?  19  SER A N   1 
ATOM   105  C CA  . SER A 1 39  ? 7.185   -23.358 -4.089  1.00 39.57 ?  19  SER A CA  1 
ATOM   106  C C   . SER A 1 39  ? 8.541   -23.744 -4.690  1.00 38.87 ?  19  SER A C   1 
ATOM   107  O O   . SER A 1 39  ? 8.569   -24.514 -5.590  1.00 43.06 ?  19  SER A O   1 
ATOM   108  C CB  . SER A 1 39  ? 6.419   -22.382 -5.006  1.00 40.12 ?  19  SER A CB  1 
ATOM   109  O OG  . SER A 1 39  ? 7.269   -21.336 -5.456  1.00 47.68 ?  19  SER A OG  1 
ATOM   110  N N   . GLY A 1 40  ? 9.662   -23.171 -4.188  1.00 43.41 ?  20  GLY A N   1 
ATOM   111  C CA  . GLY A 1 40  ? 11.011  -23.321 -4.812  1.00 42.29 ?  20  GLY A CA  1 
ATOM   112  C C   . GLY A 1 40  ? 11.229  -22.522 -6.111  1.00 39.36 ?  20  GLY A C   1 
ATOM   113  O O   . GLY A 1 40  ? 12.265  -22.634 -6.754  1.00 40.30 ?  20  GLY A O   1 
ATOM   114  N N   . ARG A 1 41  ? 10.250  -21.733 -6.550  1.00 32.37 ?  21  ARG A N   1 
ATOM   115  C CA  . ARG A 1 41  ? 10.411  -20.944 -7.780  1.00 29.71 ?  21  ARG A CA  1 
ATOM   116  C C   . ARG A 1 41  ? 10.979  -19.588 -7.360  1.00 25.10 ?  21  ARG A C   1 
ATOM   117  O O   . ARG A 1 41  ? 10.784  -19.137 -6.248  1.00 26.71 ?  21  ARG A O   1 
ATOM   118  C CB  . ARG A 1 41  ? 9.069   -20.717 -8.483  1.00 32.22 ?  21  ARG A CB  1 
ATOM   119  C CG  . ARG A 1 41  ? 8.741   -21.697 -9.600  1.00 38.64 ?  21  ARG A CG  1 
ATOM   120  C CD  . ARG A 1 41  ? 7.460   -21.270 -10.316 1.00 39.58 ?  21  ARG A CD  1 
ATOM   121  N NE  . ARG A 1 41  ? 6.345   -21.479 -9.403  1.00 36.48 ?  21  ARG A NE  1 
ATOM   122  C CZ  . ARG A 1 41  ? 5.280   -20.681 -9.277  1.00 39.43 ?  21  ARG A CZ  1 
ATOM   123  N NH1 . ARG A 1 41  ? 5.169   -19.571 -10.002 1.00 33.93 1  21  ARG A NH1 1 
ATOM   124  N NH2 . ARG A 1 41  ? 4.366   -21.002 -8.359  1.00 36.78 ?  21  ARG A NH2 1 
ATOM   125  N N   . VAL A 1 42  ? 11.697  -18.948 -8.255  1.00 27.35 ?  22  VAL A N   1 
ATOM   126  C CA  . VAL A 1 42  ? 12.198  -17.596 -8.008  1.00 29.80 ?  22  VAL A CA  1 
ATOM   127  C C   . VAL A 1 42  ? 10.990  -16.632 -8.019  1.00 25.72 ?  22  VAL A C   1 
ATOM   128  O O   . VAL A 1 42  ? 10.023  -16.833 -8.788  1.00 23.06 ?  22  VAL A O   1 
ATOM   129  C CB  . VAL A 1 42  ? 13.233  -17.295 -9.108  1.00 35.69 ?  22  VAL A CB  1 
ATOM   130  C CG1 . VAL A 1 42  ? 13.463  -15.822 -9.328  1.00 41.48 ?  22  VAL A CG1 1 
ATOM   131  C CG2 . VAL A 1 42  ? 14.548  -18.015 -8.809  1.00 40.04 ?  22  VAL A CG2 1 
ATOM   132  N N   . TYR A 1 43  ? 11.050  -15.583 -7.210  1.00 24.04 ?  23  TYR A N   1 
ATOM   133  C CA  . TYR A 1 43  ? 10.078  -14.509 -7.331  1.00 23.09 ?  23  TYR A CA  1 
ATOM   134  C C   . TYR A 1 43  ? 10.850  -13.190 -7.273  1.00 22.73 ?  23  TYR A C   1 
ATOM   135  O O   . TYR A 1 43  ? 12.066  -13.168 -6.962  1.00 22.13 ?  23  TYR A O   1 
ATOM   136  C CB  . TYR A 1 43  ? 8.968   -14.647 -6.285  1.00 22.76 ?  23  TYR A CB  1 
ATOM   137  C CG  . TYR A 1 43  ? 9.342   -14.342 -4.851  1.00 24.34 ?  23  TYR A CG  1 
ATOM   138  C CD1 . TYR A 1 43  ? 9.959   -15.299 -4.029  1.00 25.26 ?  23  TYR A CD1 1 
ATOM   139  C CD2 . TYR A 1 43  ? 9.053   -13.104 -4.293  1.00 24.63 ?  23  TYR A CD2 1 
ATOM   140  C CE1 . TYR A 1 43  ? 10.358  -15.009 -2.731  1.00 25.99 ?  23  TYR A CE1 1 
ATOM   141  C CE2 . TYR A 1 43  ? 9.381   -12.818 -2.973  1.00 25.73 ?  23  TYR A CE2 1 
ATOM   142  C CZ  . TYR A 1 43  ? 10.055  -13.765 -2.191  1.00 28.04 ?  23  TYR A CZ  1 
ATOM   143  O OH  . TYR A 1 43  ? 10.331  -13.464 -0.875  1.00 29.83 ?  23  TYR A OH  1 
ATOM   144  N N   . TYR A 1 44  ? 10.103  -12.099 -7.423  1.00 20.24 ?  24  TYR A N   1 
ATOM   145  C CA  . TYR A 1 44  ? 10.645  -10.760 -7.363  1.00 21.50 ?  24  TYR A CA  1 
ATOM   146  C C   . TYR A 1 44  ? 9.919   -9.962  -6.279  1.00 23.05 ?  24  TYR A C   1 
ATOM   147  O O   . TYR A 1 44  ? 8.703   -10.051 -6.142  1.00 21.69 ?  24  TYR A O   1 
ATOM   148  C CB  . TYR A 1 44  ? 10.528  -10.109 -8.731  1.00 21.49 ?  24  TYR A CB  1 
ATOM   149  C CG  . TYR A 1 44  ? 11.265  -10.859 -9.800  1.00 25.70 ?  24  TYR A CG  1 
ATOM   150  C CD1 . TYR A 1 44  ? 10.688  -11.943 -10.460 1.00 25.02 ?  24  TYR A CD1 1 
ATOM   151  C CD2 . TYR A 1 44  ? 12.549  -10.482 -10.157 1.00 28.33 ?  24  TYR A CD2 1 
ATOM   152  C CE1 . TYR A 1 44  ? 11.374  -12.624 -11.453 1.00 26.78 ?  24  TYR A CE1 1 
ATOM   153  C CE2 . TYR A 1 44  ? 13.245  -11.143 -11.157 1.00 31.00 ?  24  TYR A CE2 1 
ATOM   154  C CZ  . TYR A 1 44  ? 12.653  -12.221 -11.799 1.00 33.32 ?  24  TYR A CZ  1 
ATOM   155  O OH  . TYR A 1 44  ? 13.322  -12.885 -12.785 1.00 39.65 ?  24  TYR A OH  1 
ATOM   156  N N   . PHE A 1 45  ? 10.694  -9.176  -5.510  1.00 22.06 ?  25  PHE A N   1 
ATOM   157  C CA  . PHE A 1 45  ? 10.165  -8.415  -4.388  1.00 22.39 ?  25  PHE A CA  1 
ATOM   158  C C   . PHE A 1 45  ? 10.821  -7.025  -4.440  1.00 21.64 ?  25  PHE A C   1 
ATOM   159  O O   . PHE A 1 45  ? 11.964  -6.857  -4.905  1.00 21.29 ?  25  PHE A O   1 
ATOM   160  C CB  . PHE A 1 45  ? 10.419  -9.200  -3.096  1.00 28.72 ?  25  PHE A CB  1 
ATOM   161  C CG  . PHE A 1 45  ? 10.431  -8.423  -1.813  1.00 41.10 ?  25  PHE A CG  1 
ATOM   162  C CD1 . PHE A 1 45  ? 9.230   -8.198  -1.127  1.00 44.33 ?  25  PHE A CD1 1 
ATOM   163  C CD2 . PHE A 1 45  ? 11.624  -7.953  -1.269  1.00 37.21 ?  25  PHE A CD2 1 
ATOM   164  C CE1 . PHE A 1 45  ? 9.196   -7.485  0.066   1.00 44.60 ?  25  PHE A CE1 1 
ATOM   165  C CE2 . PHE A 1 45  ? 11.586  -7.277  -0.050  1.00 52.20 ?  25  PHE A CE2 1 
ATOM   166  C CZ  . PHE A 1 45  ? 10.375  -7.020  0.597   1.00 49.17 ?  25  PHE A CZ  1 
ATOM   167  N N   . ASN A 1 46  ? 10.077  -6.045  -3.981  1.00 21.01 ?  26  ASN A N   1 
ATOM   168  C CA  . ASN A 1 46  ? 10.529  -4.667  -3.969  1.00 22.67 ?  26  ASN A CA  1 
ATOM   169  C C   . ASN A 1 46  ? 10.608  -4.235  -2.507  1.00 20.79 ?  26  ASN A C   1 
ATOM   170  O O   . ASN A 1 46  ? 9.584   -4.218  -1.766  1.00 20.19 ?  26  ASN A O   1 
ATOM   171  C CB  . ASN A 1 46  ? 9.639   -3.752  -4.788  1.00 22.13 ?  26  ASN A CB  1 
ATOM   172  C CG  . ASN A 1 46  ? 10.269  -2.376  -4.939  1.00 22.87 ?  26  ASN A CG  1 
ATOM   173  O OD1 . ASN A 1 46  ? 10.540  -1.697  -3.946  1.00 21.36 ?  26  ASN A OD1 1 
ATOM   174  N ND2 . ASN A 1 46  ? 10.434  -1.933  -6.164  1.00 22.02 ?  26  ASN A ND2 1 
ATOM   175  N N   . HIS A 1 47  ? 11.843  -4.000  -2.037  1.00 21.44 ?  27  HIS A N   1 
ATOM   176  C CA  . HIS A 1 47  ? 12.026  -3.684  -0.595  1.00 22.50 ?  27  HIS A CA  1 
ATOM   177  C C   . HIS A 1 47  ? 11.566  -2.249  -0.291  1.00 22.63 ?  27  HIS A C   1 
ATOM   178  O O   . HIS A 1 47  ? 11.438  -1.918  0.866   1.00 23.26 ?  27  HIS A O   1 
ATOM   179  C CB  . HIS A 1 47  ? 13.470  -4.007  -0.118  1.00 23.10 ?  27  HIS A CB  1 
ATOM   180  C CG  . HIS A 1 47  ? 14.504  -3.182  -0.774  1.00 25.57 ?  27  HIS A CG  1 
ATOM   181  N ND1 . HIS A 1 47  ? 15.218  -3.635  -1.848  1.00 33.77 ?  27  HIS A ND1 1 
ATOM   182  C CD2 . HIS A 1 47  ? 14.893  -1.906  -0.556  1.00 32.24 ?  27  HIS A CD2 1 
ATOM   183  C CE1 . HIS A 1 47  ? 16.040  -2.678  -2.256  1.00 33.43 ?  27  HIS A CE1 1 
ATOM   184  N NE2 . HIS A 1 47  ? 15.840  -1.603  -1.482  1.00 30.69 ?  27  HIS A NE2 1 
ATOM   185  N N   . ILE A 1 48  ? 11.248  -1.437  -1.306  1.00 21.08 ?  28  ILE A N   1 
ATOM   186  C CA  . ILE A 1 48  ? 10.759  -0.050  -1.075  1.00 21.41 ?  28  ILE A CA  1 
ATOM   187  C C   . ILE A 1 48  ? 9.228   -0.059  -1.022  1.00 23.11 ?  28  ILE A C   1 
ATOM   188  O O   . ILE A 1 48  ? 8.685   0.608   -0.205  1.00 24.43 ?  28  ILE A O   1 
ATOM   189  C CB  . ILE A 1 48  ? 11.249  0.953   -2.132  1.00 22.06 ?  28  ILE A CB  1 
ATOM   190  C CG1 . ILE A 1 48  ? 12.769  0.931   -2.271  1.00 25.47 ?  28  ILE A CG1 1 
ATOM   191  C CG2 . ILE A 1 48  ? 10.766  2.363   -1.765  1.00 25.71 ?  28  ILE A CG2 1 
ATOM   192  C CD1 . ILE A 1 48  ? 13.324  1.635   -3.530  1.00 25.56 ?  28  ILE A CD1 1 
ATOM   193  N N   . THR A 1 49  ? 8.562   -0.882  -1.853  1.00 20.74 ?  29  THR A N   1 
ATOM   194  C CA  . THR A 1 49  ? 7.087   -0.902  -1.890  1.00 19.25 ?  29  THR A CA  1 
ATOM   195  C C   . THR A 1 49  ? 6.448   -2.109  -1.185  1.00 20.91 ?  29  THR A C   1 
ATOM   196  O O   . THR A 1 49  ? 5.221   -2.119  -0.927  1.00 18.75 ?  29  THR A O   1 
ATOM   197  C CB  . THR A 1 49  ? 6.611   -0.904  -3.345  1.00 20.27 ?  29  THR A CB  1 
ATOM   198  O OG1 . THR A 1 49  ? 7.076   -2.132  -3.893  1.00 20.01 ?  29  THR A OG1 1 
ATOM   199  C CG2 . THR A 1 49  ? 7.188   0.231   -4.165  1.00 20.16 ?  29  THR A CG2 1 
ATOM   200  N N   . ASN A 1 50  ? 7.255   -3.111  -0.838  1.00 20.03 ?  30  ASN A N   1 
ATOM   201  C CA  . ASN A 1 50  ? 6.809   -4.389  -0.307  1.00 20.10 ?  30  ASN A CA  1 
ATOM   202  C C   . ASN A 1 50  ? 5.950   -5.146  -1.338  1.00 18.46 ?  30  ASN A C   1 
ATOM   203  O O   . ASN A 1 50  ? 5.268   -6.112  -0.973  1.00 22.09 ?  30  ASN A O   1 
ATOM   204  C CB  . ASN A 1 50  ? 6.128   -4.234  1.049   1.00 22.96 ?  30  ASN A CB  1 
ATOM   205  C CG  . ASN A 1 50  ? 7.135   -4.051  2.166   1.00 23.20 ?  30  ASN A CG  1 
ATOM   206  O OD1 . ASN A 1 50  ? 8.238   -4.546  2.057   1.00 21.10 ?  30  ASN A OD1 1 
ATOM   207  N ND2 . ASN A 1 50  ? 6.782   -3.322  3.200   1.00 18.20 ?  30  ASN A ND2 1 
ATOM   208  N N   . ALA A 1 51  ? 6.026   -4.779  -2.604  1.00 18.29 ?  31  ALA A N   1 
ATOM   209  C CA  . ALA A 1 51  ? 5.370   -5.575  -3.668  1.00 21.21 ?  31  ALA A CA  1 
ATOM   210  C C   . ALA A 1 51  ? 6.135   -6.882  -3.848  1.00 21.94 ?  31  ALA A C   1 
ATOM   211  O O   . ALA A 1 51  ? 7.325   -6.983  -3.554  1.00 20.20 ?  31  ALA A O   1 
ATOM   212  C CB  . ALA A 1 51  ? 5.305   -4.843  -4.983  1.00 24.04 ?  31  ALA A CB  1 
ATOM   213  N N   . SER A 1 52  ? 5.414   -7.913  -4.288  1.00 21.96 ?  32  SER A N   1 
ATOM   214  C CA  . SER A 1 52  ? 5.994   -9.210  -4.552  1.00 21.70 ?  32  SER A CA  1 
ATOM   215  C C   . SER A 1 52  ? 5.160   -9.860  -5.660  1.00 23.23 ?  32  SER A C   1 
ATOM   216  O O   . SER A 1 52  ? 3.942   -9.708  -5.684  1.00 20.99 ?  32  SER A O   1 
ATOM   217  C CB  . SER A 1 52  ? 6.106   -10.099 -3.327  1.00 24.28 ?  32  SER A CB  1 
ATOM   218  O OG  . SER A 1 52  ? 4.890   -10.240 -2.619  1.00 25.57 ?  32  SER A OG  1 
ATOM   219  N N   . GLN A 1 53  ? 5.832   -10.572 -6.564  1.00 22.43 ?  33  GLN A N   1 
ATOM   220  C CA  . GLN A 1 53  ? 5.178   -11.146 -7.717  1.00 24.86 ?  33  GLN A CA  1 
ATOM   221  C C   . GLN A 1 53  ? 6.074   -12.225 -8.323  1.00 24.17 ?  33  GLN A C   1 
ATOM   222  O O   . GLN A 1 53  ? 7.330   -12.192 -8.194  1.00 23.28 ?  33  GLN A O   1 
ATOM   223  C CB  . GLN A 1 53  ? 4.871   -10.047 -8.747  1.00 24.53 ?  33  GLN A CB  1 
ATOM   224  C CG  . GLN A 1 53  ? 6.085   -9.298  -9.293  1.00 24.01 ?  33  GLN A CG  1 
ATOM   225  C CD  . GLN A 1 53  ? 5.710   -8.040  -10.058 1.00 26.89 ?  33  GLN A CD  1 
ATOM   226  O OE1 . GLN A 1 53  ? 4.835   -7.283  -9.643  1.00 27.40 ?  33  GLN A OE1 1 
ATOM   227  N NE2 . GLN A 1 53  ? 6.289   -7.851  -11.237 1.00 24.08 ?  33  GLN A NE2 1 
ATOM   228  N N   . TRP A 1 54  ? 5.459   -13.108 -9.119  1.00 24.76 ?  34  TRP A N   1 
ATOM   229  C CA  . TRP A 1 54  ? 6.246   -14.146 -9.822  1.00 23.05 ?  34  TRP A CA  1 
ATOM   230  C C   . TRP A 1 54  ? 7.000   -13.581 -11.023 1.00 25.51 ?  34  TRP A C   1 
ATOM   231  O O   . TRP A 1 54  ? 8.057   -14.086 -11.374 1.00 24.17 ?  34  TRP A O   1 
ATOM   232  C CB  . TRP A 1 54  ? 5.340   -15.309 -10.251 1.00 22.57 ?  34  TRP A CB  1 
ATOM   233  C CG  . TRP A 1 54  ? 4.720   -16.032 -9.106  1.00 21.90 ?  34  TRP A CG  1 
ATOM   234  C CD1 . TRP A 1 54  ? 3.393   -16.121 -8.842  1.00 23.14 ?  34  TRP A CD1 1 
ATOM   235  C CD2 . TRP A 1 54  ? 5.388   -16.820 -8.110  1.00 21.99 ?  34  TRP A CD2 1 
ATOM   236  N NE1 . TRP A 1 54  ? 3.196   -16.843 -7.705  1.00 22.74 ?  34  TRP A NE1 1 
ATOM   237  C CE2 . TRP A 1 54  ? 4.397   -17.332 -7.269  1.00 24.45 ?  34  TRP A CE2 1 
ATOM   238  C CE3 . TRP A 1 54  ? 6.723   -17.172 -7.883  1.00 23.57 ?  34  TRP A CE3 1 
ATOM   239  C CZ2 . TRP A 1 54  ? 4.694   -18.127 -6.159  1.00 26.14 ?  34  TRP A CZ2 1 
ATOM   240  C CZ3 . TRP A 1 54  ? 7.031   -17.930 -6.772  1.00 24.38 ?  34  TRP A CZ3 1 
ATOM   241  C CH2 . TRP A 1 54  ? 6.028   -18.423 -5.936  1.00 26.20 ?  34  TRP A CH2 1 
ATOM   242  N N   . GLU A 1 55  ? 6.444   -12.550 -11.667 1.00 26.70 ?  35  GLU A N   1 
ATOM   243  C CA  . GLU A 1 55  ? 6.856   -12.051 -12.964 1.00 26.75 ?  35  GLU A CA  1 
ATOM   244  C C   . GLU A 1 55  ? 8.011   -11.040 -12.791 1.00 28.15 ?  35  GLU A C   1 
ATOM   245  O O   . GLU A 1 55  ? 8.004   -10.266 -11.850 1.00 24.98 ?  35  GLU A O   1 
ATOM   246  C CB  . GLU A 1 55  ? 5.647   -11.362 -13.629 1.00 31.85 ?  35  GLU A CB  1 
ATOM   247  C CG  . GLU A 1 55  ? 4.442   -12.281 -13.813 1.00 37.06 ?  35  GLU A CG  1 
ATOM   248  C CD  . GLU A 1 55  ? 3.480   -12.499 -12.635 1.00 41.16 ?  35  GLU A CD  1 
ATOM   249  O OE1 . GLU A 1 55  ? 3.627   -11.791 -11.577 1.00 32.34 ?  35  GLU A OE1 1 
ATOM   250  O OE2 . GLU A 1 55  ? 2.569   -13.428 -12.760 1.00 35.65 -1 35  GLU A OE2 1 
ATOM   251  N N   . ARG A 1 56  ? 8.986   -11.067 -13.702 1.00 26.16 ?  36  ARG A N   1 
ATOM   252  C CA  . ARG A 1 56  ? 10.086  -10.175 -13.688 1.00 32.92 ?  36  ARG A CA  1 
ATOM   253  C C   . ARG A 1 56  ? 9.521   -8.786  -13.990 1.00 35.71 ?  36  ARG A C   1 
ATOM   254  O O   . ARG A 1 56  ? 8.744   -8.615  -14.913 1.00 34.11 ?  36  ARG A O   1 
ATOM   255  C CB  . ARG A 1 56  ? 11.198  -10.576 -14.666 1.00 38.57 ?  36  ARG A CB  1 
ATOM   256  C CG  . ARG A 1 56  ? 12.361  -9.584  -14.707 1.00 44.40 ?  36  ARG A CG  1 
ATOM   257  C CD  . ARG A 1 56  ? 13.564  -9.958  -15.568 1.00 53.58 ?  36  ARG A CD  1 
ATOM   258  N NE  . ARG A 1 56  ? 14.464  -10.886 -14.878 1.00 61.94 ?  36  ARG A NE  1 
ATOM   259  C CZ  . ARG A 1 56  ? 15.719  -10.633 -14.497 1.00 62.71 ?  36  ARG A CZ  1 
ATOM   260  N NH1 . ARG A 1 56  ? 16.330  -9.514  -14.860 1.00 63.20 1  36  ARG A NH1 1 
ATOM   261  N NH2 . ARG A 1 56  ? 16.361  -11.520 -13.750 1.00 58.17 ?  36  ARG A NH2 1 
ATOM   262  N N   . PRO A 1 57  ? 9.764   -7.766  -13.143 1.00 32.03 ?  37  PRO A N   1 
ATOM   263  C CA  . PRO A 1 57  ? 9.122   -6.463  -13.356 1.00 37.04 ?  37  PRO A CA  1 
ATOM   264  C C   . PRO A 1 57  ? 9.500   -5.703  -14.647 1.00 40.81 ?  37  PRO A C   1 
ATOM   265  O O   . PRO A 1 57  ? 8.633   -5.004  -15.259 1.00 48.46 ?  37  PRO A O   1 
ATOM   266  C CB  . PRO A 1 57  ? 9.552   -5.659  -12.124 1.00 34.02 ?  37  PRO A CB  1 
ATOM   267  C CG  . PRO A 1 57  ? 10.794  -6.332  -11.646 1.00 30.47 ?  37  PRO A CG  1 
ATOM   268  C CD  . PRO A 1 57  ? 10.617  -7.809  -11.955 1.00 29.67 ?  37  PRO A CD  1 
ATOM   269  N N   . SER A 1 58  ? 10.760  -5.692  -15.032 1.00 40.28 ?  38  SER A N   1 
ATOM   270  C CA  . SER A 1 58  ? 11.164  -4.874  -16.207 1.00 65.86 ?  38  SER A CA  1 
ATOM   271  C C   . SER A 1 58  ? 12.424  -4.056  -15.915 1.00 67.45 ?  38  SER A C   1 
ATOM   272  O O   . SER A 1 58  ? 12.472  -2.911  -16.437 1.00 54.55 ?  38  SER A O   1 
ATOM   273  C CB  . SER A 1 58  ? 10.044  -3.932  -16.607 1.00 74.27 ?  38  SER A CB  1 
ATOM   274  O OG  . SER A 1 58  ? 10.000  -2.814  -15.735 1.00 72.22 ?  38  SER A OG  1 
ATOM   275  N N   . GLY A 1 70  ? 15.031  9.788   -14.329 1.00 77.52 ?  50  GLY A N   1 
ATOM   276  C CA  . GLY A 1 70  ? 13.825  10.437  -14.879 1.00 74.95 ?  50  GLY A CA  1 
ATOM   277  C C   . GLY A 1 70  ? 12.621  10.247  -13.972 1.00 76.14 ?  50  GLY A C   1 
ATOM   278  O O   . GLY A 1 70  ? 11.495  10.146  -14.499 1.00 83.07 ?  50  GLY A O   1 
ATOM   279  N N   . GLU A 1 71  ? 12.872  10.170  -12.662 1.00 62.37 ?  51  GLU A N   1 
ATOM   280  C CA  . GLU A 1 71  ? 11.818  10.048  -11.625 1.00 58.38 ?  51  GLU A CA  1 
ATOM   281  C C   . GLU A 1 71  ? 10.893  11.251  -11.807 1.00 56.10 ?  51  GLU A C   1 
ATOM   282  O O   . GLU A 1 71  ? 11.401  12.390  -11.817 1.00 54.21 ?  51  GLU A O   1 
ATOM   283  C CB  . GLU A 1 71  ? 12.436  10.003  -10.225 1.00 56.72 ?  51  GLU A CB  1 
ATOM   284  C CG  . GLU A 1 71  ? 11.420  10.174  -9.110  1.00 56.94 ?  51  GLU A CG  1 
ATOM   285  C CD  . GLU A 1 71  ? 12.006  10.120  -7.710  1.00 52.57 ?  51  GLU A CD  1 
ATOM   286  O OE1 . GLU A 1 71  ? 12.530  9.054   -7.331  1.00 50.47 ?  51  GLU A OE1 1 
ATOM   287  O OE2 . GLU A 1 71  ? 11.936  11.145  -7.002  1.00 45.61 -1 51  GLU A OE2 1 
ATOM   288  N N   . PRO A 1 72  ? 9.565   11.058  -11.951 1.00 54.91 ?  52  PRO A N   1 
ATOM   289  C CA  . PRO A 1 72  ? 8.649   12.181  -12.167 1.00 50.56 ?  52  PRO A CA  1 
ATOM   290  C C   . PRO A 1 72  ? 8.712   13.159  -10.990 1.00 43.75 ?  52  PRO A C   1 
ATOM   291  O O   . PRO A 1 72  ? 9.050   12.740  -9.917  1.00 44.50 ?  52  PRO A O   1 
ATOM   292  C CB  . PRO A 1 72  ? 7.273   11.495  -12.221 1.00 46.86 ?  52  PRO A CB  1 
ATOM   293  C CG  . PRO A 1 72  ? 7.469   10.246  -11.423 1.00 42.82 ?  52  PRO A CG  1 
ATOM   294  C CD  . PRO A 1 72  ? 8.859   9.778   -11.788 1.00 49.81 ?  52  PRO A CD  1 
ATOM   295  N N   . ALA A 1 73  ? 8.314   14.413  -11.194 1.00 41.71 ?  53  ALA A N   1 
ATOM   296  C CA  . ALA A 1 73  ? 8.246   15.417  -10.115 1.00 42.53 ?  53  ALA A CA  1 
ATOM   297  C C   . ALA A 1 73  ? 7.068   15.143  -9.185  1.00 39.89 ?  53  ALA A C   1 
ATOM   298  O O   . ALA A 1 73  ? 7.115   15.433  -7.964  1.00 32.91 ?  53  ALA A O   1 
ATOM   299  C CB  . ALA A 1 73  ? 8.101   16.803  -10.706 1.00 45.69 ?  53  ALA A CB  1 
ATOM   300  N N   . ARG A 1 74  ? 5.951   14.712  -9.788  1.00 33.03 ?  54  ARG A N   1 
ATOM   301  C CA  . ARG A 1 74  ? 4.775   14.411  -9.027  1.00 29.46 ?  54  ARG A CA  1 
ATOM   302  C C   . ARG A 1 74  ? 4.255   13.025  -9.429  1.00 27.27 ?  54  ARG A C   1 
ATOM   303  O O   . ARG A 1 74  ? 4.481   12.558  -10.556 1.00 27.63 ?  54  ARG A O   1 
ATOM   304  C CB  . ARG A 1 74  ? 3.697   15.476  -9.241  1.00 33.56 ?  54  ARG A CB  1 
ATOM   305  C CG  . ARG A 1 74  ? 4.193   16.919  -9.205  1.00 41.02 ?  54  ARG A CG  1 
ATOM   306  C CD  . ARG A 1 74  ? 3.042   17.887  -9.397  1.00 45.35 ?  54  ARG A CD  1 
ATOM   307  N NE  . ARG A 1 74  ? 2.265   18.061  -8.180  1.00 53.86 ?  54  ARG A NE  1 
ATOM   308  C CZ  . ARG A 1 74  ? 1.036   18.589  -8.129  1.00 63.59 ?  54  ARG A CZ  1 
ATOM   309  N NH1 . ARG A 1 74  ? 0.335   18.790  -9.237  1.00 62.35 1  54  ARG A NH1 1 
ATOM   310  N NH2 . ARG A 1 74  ? 0.520   18.925  -6.958  1.00 63.38 ?  54  ARG A NH2 1 
ATOM   311  N N   . VAL A 1 75  ? 3.582   12.368  -8.475  1.00 25.36 ?  55  VAL A N   1 
ATOM   312  C CA  . VAL A 1 75  ? 2.826   11.146  -8.752  1.00 25.61 ?  55  VAL A CA  1 
ATOM   313  C C   . VAL A 1 75  ? 1.441   11.390  -8.164  1.00 26.01 ?  55  VAL A C   1 
ATOM   314  O O   . VAL A 1 75  ? 1.254   12.248  -7.275  1.00 27.85 ?  55  VAL A O   1 
ATOM   315  C CB  . VAL A 1 75  ? 3.481   9.877   -8.159  1.00 25.85 ?  55  VAL A CB  1 
ATOM   316  C CG1 . VAL A 1 75  ? 4.813   9.572   -8.802  1.00 26.19 ?  55  VAL A CG1 1 
ATOM   317  C CG2 . VAL A 1 75  ? 3.621   9.982   -6.658  1.00 28.28 ?  55  VAL A CG2 1 
ATOM   318  N N   . ARG A 1 76  ? 0.474   10.616  -8.649  1.00 24.10 ?  56  ARG A N   1 
ATOM   319  C CA  . ARG A 1 76  ? -0.822  10.575  -8.054  1.00 24.62 ?  56  ARG A CA  1 
ATOM   320  C C   . ARG A 1 76  ? -1.085  9.153   -7.545  1.00 24.41 ?  56  ARG A C   1 
ATOM   321  O O   . ARG A 1 76  ? -0.857  8.183   -8.265  1.00 25.54 ?  56  ARG A O   1 
ATOM   322  C CB  . ARG A 1 76  ? -1.873  10.980  -9.092  1.00 26.83 ?  56  ARG A CB  1 
ATOM   323  C CG  . ARG A 1 76  ? -3.282  10.938  -8.545  1.00 26.45 ?  56  ARG A CG  1 
ATOM   324  C CD  . ARG A 1 76  ? -4.314  11.396  -9.542  1.00 32.41 ?  56  ARG A CD  1 
ATOM   325  N NE  . ARG A 1 76  ? -5.645  11.539  -8.958  1.00 34.65 ?  56  ARG A NE  1 
ATOM   326  C CZ  . ARG A 1 76  ? -6.749  11.835  -9.653  1.00 41.84 ?  56  ARG A CZ  1 
ATOM   327  N NH1 . ARG A 1 76  ? -6.738  11.751  -10.978 1.00 36.02 1  56  ARG A NH1 1 
ATOM   328  N NH2 . ARG A 1 76  ? -7.834  12.246  -9.012  1.00 40.76 ?  56  ARG A NH2 1 
ATOM   329  N N   . CYS A 1 77  ? -1.620  9.057   -6.337  1.00 21.83 ?  57  CYS A N   1 
ATOM   330  C CA  . CYS A 1 77  ? -1.809  7.765   -5.678  1.00 22.29 ?  57  CYS A CA  1 
ATOM   331  C C   . CYS A 1 77  ? -3.137  7.756   -4.936  1.00 22.61 ?  57  CYS A C   1 
ATOM   332  O O   . CYS A 1 77  ? -3.609  8.812   -4.484  1.00 21.71 ?  57  CYS A O   1 
ATOM   333  C CB  . CYS A 1 77  ? -0.680  7.423   -4.695  1.00 21.82 ?  57  CYS A CB  1 
ATOM   334  S SG  . CYS A 1 77  ? 0.913   7.138   -5.525  1.00 28.14 ?  57  CYS A SG  1 
ATOM   335  N N   . SER A 1 78  ? -3.676  6.561   -4.802  1.00 19.63 ?  58  SER A N   1 
ATOM   336  C CA  . SER A 1 78  ? -4.805  6.214   -3.920  1.00 16.95 ?  58  SER A CA  1 
ATOM   337  C C   . SER A 1 78  ? -4.235  5.306   -2.825  1.00 17.99 ?  58  SER A C   1 
ATOM   338  O O   . SER A 1 78  ? -3.203  4.704   -3.024  1.00 19.27 ?  58  SER A O   1 
ATOM   339  C CB  . SER A 1 78  ? -5.907  5.559   -4.664  1.00 20.55 ?  58  SER A CB  1 
ATOM   340  O OG  . SER A 1 78  ? -6.428  6.417   -5.624  1.00 20.55 ?  58  SER A OG  1 
ATOM   341  N N   . HIS A 1 79  ? -4.901  5.197   -1.697  1.00 18.50 ?  59  HIS A N   1 
ATOM   342  C CA  . HIS A 1 79  ? -4.439  4.322   -0.604  1.00 19.79 ?  59  HIS A CA  1 
ATOM   343  C C   . HIS A 1 79  ? -5.636  3.768   0.154   1.00 20.34 ?  59  HIS A C   1 
ATOM   344  O O   . HIS A 1 79  ? -6.721  4.253   -0.006  1.00 19.62 ?  59  HIS A O   1 
ATOM   345  C CB  . HIS A 1 79  ? -3.447  5.053   0.311   1.00 20.43 ?  59  HIS A CB  1 
ATOM   346  C CG  . HIS A 1 79  ? -4.043  5.902   1.381   1.00 18.42 ?  59  HIS A CG  1 
ATOM   347  N ND1 . HIS A 1 79  ? -5.028  6.803   1.148   1.00 22.70 ?  59  HIS A ND1 1 
ATOM   348  C CD2 . HIS A 1 79  ? -3.739  6.029   2.675   1.00 22.93 ?  59  HIS A CD2 1 
ATOM   349  C CE1 . HIS A 1 79  ? -5.331  7.420   2.258   1.00 23.83 ?  59  HIS A CE1 1 
ATOM   350  N NE2 . HIS A 1 79  ? -4.563  6.961   3.198   1.00 23.29 ?  59  HIS A NE2 1 
ATOM   351  N N   . LEU A 1 80  ? -5.386  2.719   0.902   1.00 18.66 ?  60  LEU A N   1 
ATOM   352  C CA  . LEU A 1 80  ? -6.335  2.113   1.838   1.00 21.51 ?  60  LEU A CA  1 
ATOM   353  C C   . LEU A 1 80  ? -5.556  2.021   3.146   1.00 22.84 ?  60  LEU A C   1 
ATOM   354  O O   . LEU A 1 80  ? -4.553  1.389   3.152   1.00 19.98 ?  60  LEU A O   1 
ATOM   355  C CB  . LEU A 1 80  ? -6.803  0.759   1.324   1.00 20.17 ?  60  LEU A CB  1 
ATOM   356  C CG  . LEU A 1 80  ? -7.867  0.085   2.177   1.00 22.43 ?  60  LEU A CG  1 
ATOM   357  C CD1 . LEU A 1 80  ? -8.600  -0.977  1.387   1.00 23.96 ?  60  LEU A CD1 1 
ATOM   358  C CD2 . LEU A 1 80  ? -7.271  -0.488  3.439   1.00 24.15 ?  60  LEU A CD2 1 
ATOM   359  N N   . LEU A 1 81  ? -6.028  2.676   4.182   1.00 20.12 ?  61  LEU A N   1 
ATOM   360  C CA  . LEU A 1 81  ? -5.306  2.730   5.467   1.00 20.01 ?  61  LEU A CA  1 
ATOM   361  C C   . LEU A 1 81  ? -6.059  1.864   6.476   1.00 19.40 ?  61  LEU A C   1 
ATOM   362  O O   . LEU A 1 81  ? -7.258  1.979   6.599   1.00 19.73 ?  61  LEU A O   1 
ATOM   363  C CB  . LEU A 1 81  ? -5.269  4.188   5.955   1.00 21.36 ?  61  LEU A CB  1 
ATOM   364  C CG  . LEU A 1 81  ? -4.737  4.439   7.360   1.00 21.10 ?  61  LEU A CG  1 
ATOM   365  C CD1 . LEU A 1 81  ? -3.297  3.967   7.478   1.00 22.07 ?  61  LEU A CD1 1 
ATOM   366  C CD2 . LEU A 1 81  ? -4.855  5.922   7.719   1.00 22.18 ?  61  LEU A CD2 1 
ATOM   367  N N   . VAL A 1 82  ? -5.308  0.992   7.169   1.00 18.56 ?  62  VAL A N   1 
ATOM   368  C CA  . VAL A 1 82  ? -5.806  0.272   8.315   1.00 19.62 ?  62  VAL A CA  1 
ATOM   369  C C   . VAL A 1 82  ? -5.021  0.767   9.531   1.00 22.90 ?  62  VAL A C   1 
ATOM   370  O O   . VAL A 1 82  ? -3.801  0.683   9.602   1.00 19.28 ?  62  VAL A O   1 
ATOM   371  C CB  . VAL A 1 82  ? -5.736  -1.253  8.151   1.00 20.57 ?  62  VAL A CB  1 
ATOM   372  C CG1 . VAL A 1 82  ? -6.392  -1.949  9.358   1.00 20.94 ?  62  VAL A CG1 1 
ATOM   373  C CG2 . VAL A 1 82  ? -6.461  -1.668  6.884   1.00 22.48 ?  62  VAL A CG2 1 
ATOM   374  N N   . LYS A 1 83  ? -5.752  1.412   10.451  1.00 21.64 ?  63  LYS A N   1 
ATOM   375  C CA  . LYS A 1 83  ? -5.158  1.913   11.690  1.00 22.09 ?  63  LYS A CA  1 
ATOM   376  C C   . LYS A 1 83  ? -5.140  0.801   12.743  1.00 22.03 ?  63  LYS A C   1 
ATOM   377  O O   . LYS A 1 83  ? -5.780  -0.260  12.646  1.00 21.64 ?  63  LYS A O   1 
ATOM   378  C CB  . LYS A 1 83  ? -5.986  3.113   12.182  1.00 22.88 ?  63  LYS A CB  1 
ATOM   379  C CG  . LYS A 1 83  ? -5.668  4.386   11.436  1.00 24.09 ?  63  LYS A CG  1 
ATOM   380  C CD  . LYS A 1 83  ? -6.286  5.639   12.054  1.00 24.37 ?  63  LYS A CD  1 
ATOM   381  C CE  . LYS A 1 83  ? -5.788  6.880   11.364  1.00 30.80 ?  63  LYS A CE  1 
ATOM   382  N NZ  . LYS A 1 83  ? -6.200  8.124   12.058  1.00 36.83 1  63  LYS A NZ  1 
ATOM   383  N N   . HIS A 1 84  ? -4.342  1.040   13.788  1.00 23.31 ?  64  HIS A N   1 
ATOM   384  C CA  . HIS A 1 84  ? -4.312  0.163   14.909  1.00 23.98 ?  64  HIS A CA  1 
ATOM   385  C C   . HIS A 1 84  ? -4.066  0.973   16.195  1.00 26.44 ?  64  HIS A C   1 
ATOM   386  O O   . HIS A 1 84  ? -3.886  2.189   16.169  1.00 26.18 ?  64  HIS A O   1 
ATOM   387  C CB  . HIS A 1 84  ? -3.229  -0.916  14.708  1.00 23.16 ?  64  HIS A CB  1 
ATOM   388  C CG  . HIS A 1 84  ? -1.911  -0.356  14.340  1.00 25.19 ?  64  HIS A CG  1 
ATOM   389  N ND1 . HIS A 1 84  ? -1.069  0.251   15.270  1.00 30.04 ?  64  HIS A ND1 1 
ATOM   390  C CD2 . HIS A 1 84  ? -1.284  -0.286  13.134  1.00 28.53 ?  64  HIS A CD2 1 
ATOM   391  C CE1 . HIS A 1 84  ? 0.001   0.682   14.653  1.00 28.55 ?  64  HIS A CE1 1 
ATOM   392  N NE2 . HIS A 1 84  ? -0.131  0.403   13.315  1.00 24.85 ?  64  HIS A NE2 1 
ATOM   393  N N   . SER A 1 85  ? -4.052  0.260   17.330  1.00 31.48 ?  65  SER A N   1 
ATOM   394  C CA  . SER A 1 85  ? -3.870  0.878   18.682  1.00 31.32 ?  65  SER A CA  1 
ATOM   395  C C   . SER A 1 85  ? -2.550  1.681   18.819  1.00 35.64 ?  65  SER A C   1 
ATOM   396  O O   . SER A 1 85  ? -2.477  2.541   19.656  1.00 41.81 ?  65  SER A O   1 
ATOM   397  C CB  . SER A 1 85  ? -4.007  -0.197  19.755  1.00 30.94 ?  65  SER A CB  1 
ATOM   398  O OG  . SER A 1 85  ? -2.872  -1.041  19.685  1.00 33.93 ?  65  SER A OG  1 
ATOM   399  N N   . GLN A 1 86  ? -1.499  1.449   18.021  1.00 30.32 ?  66  GLN A N   1 
ATOM   400  C CA  . GLN A 1 86  ? -0.294  2.271   18.128  1.00 29.58 ?  66  GLN A CA  1 
ATOM   401  C C   . GLN A 1 86  ? -0.273  3.376   17.066  1.00 28.86 ?  66  GLN A C   1 
ATOM   402  O O   . GLN A 1 86  ? 0.723   4.030   16.933  1.00 34.03 ?  66  GLN A O   1 
ATOM   403  C CB  . GLN A 1 86  ? 1.015   1.443   18.053  1.00 33.47 ?  66  GLN A CB  1 
ATOM   404  C CG  . GLN A 1 86  ? 1.247   0.475   19.227  1.00 35.15 ?  66  GLN A CG  1 
ATOM   405  C CD  . GLN A 1 86  ? 2.659   -0.089  19.414  1.00 41.65 ?  66  GLN A CD  1 
ATOM   406  O OE1 . GLN A 1 86  ? 2.857   -1.035  20.178  1.00 49.69 ?  66  GLN A OE1 1 
ATOM   407  N NE2 . GLN A 1 86  ? 3.685   0.482   18.793  1.00 27.27 ?  66  GLN A NE2 1 
ATOM   408  N N   . SER A 1 87  ? -1.330  3.559   16.244  1.00 27.85 ?  67  SER A N   1 
ATOM   409  C CA  . SER A 1 87  ? -1.304  4.611   15.243  1.00 25.48 ?  67  SER A CA  1 
ATOM   410  C C   . SER A 1 87  ? -1.259  5.951   15.982  1.00 31.57 ?  67  SER A C   1 
ATOM   411  O O   . SER A 1 87  ? -1.806  6.049   17.128  1.00 32.86 ?  67  SER A O   1 
ATOM   412  C CB  . SER A 1 87  ? -2.549  4.587   14.357  1.00 30.69 ?  67  SER A CB  1 
ATOM   413  O OG  . SER A 1 87  ? -2.567  3.451   13.526  1.00 28.13 ?  67  SER A OG  1 
ATOM   414  N N   . ARG A 1 88  ? -0.765  6.966   15.294  1.00 31.36 ?  68  ARG A N   1 
ATOM   415  C CA  . ARG A 1 88  ? -0.624  8.297   15.863  1.00 39.94 ?  68  ARG A CA  1 
ATOM   416  C C   . ARG A 1 88  ? -1.962  8.793   16.433  1.00 41.76 ?  68  ARG A C   1 
ATOM   417  O O   . ARG A 1 88  ? -1.998  9.254   17.604  1.00 39.58 ?  68  ARG A O   1 
ATOM   418  C CB  . ARG A 1 88  ? -0.084  9.272   14.829  1.00 41.45 ?  68  ARG A CB  1 
ATOM   419  C CG  . ARG A 1 88  ? 0.660   10.437  15.465  1.00 55.24 ?  68  ARG A CG  1 
ATOM   420  C CD  . ARG A 1 88  ? 0.457   11.763  14.762  1.00 64.04 ?  68  ARG A CD  1 
ATOM   421  N NE  . ARG A 1 88  ? 0.565   11.673  13.312  1.00 68.57 ?  68  ARG A NE  1 
ATOM   422  C CZ  . ARG A 1 88  ? 0.202   12.641  12.483  1.00 78.94 ?  68  ARG A CZ  1 
ATOM   423  N NH1 . ARG A 1 88  ? -0.152  13.828  12.958  1.00 79.72 1  68  ARG A NH1 1 
ATOM   424  N NH2 . ARG A 1 88  ? 0.175   12.404  11.182  1.00 76.14 ?  68  ARG A NH2 1 
ATOM   425  N N   . ARG A 1 89  ? -3.030  8.622   15.666  1.00 34.47 ?  69  ARG A N   1 
ATOM   426  C CA  . ARG A 1 89  ? -4.407  8.946   16.094  1.00 37.16 ?  69  ARG A CA  1 
ATOM   427  C C   . ARG A 1 89  ? -5.272  7.699   15.917  1.00 33.54 ?  69  ARG A C   1 
ATOM   428  O O   . ARG A 1 89  ? -5.764  7.484   14.829  1.00 35.75 ?  69  ARG A O   1 
ATOM   429  C CB  . ARG A 1 89  ? -4.903  10.178  15.344  1.00 46.30 ?  69  ARG A CB  1 
ATOM   430  C CG  . ARG A 1 89  ? -4.396  11.466  15.964  1.00 54.92 ?  69  ARG A CG  1 
ATOM   431  C CD  . ARG A 1 89  ? -5.104  12.696  15.451  1.00 66.52 ?  69  ARG A CD  1 
ATOM   432  N NE  . ARG A 1 89  ? -4.551  13.167  14.194  1.00 62.74 ?  69  ARG A NE  1 
ATOM   433  C CZ  . ARG A 1 89  ? -5.236  13.861  13.290  1.00 40.83 ?  69  ARG A CZ  1 
ATOM   434  N NH1 . ARG A 1 89  ? -5.863  14.972  13.640  1.00 50.08 1  69  ARG A NH1 1 
ATOM   435  N NH2 . ARG A 1 89  ? -5.297  13.444  12.039  1.00 50.21 ?  69  ARG A NH2 1 
ATOM   436  N N   . PRO A 1 90  ? -5.456  6.869   16.957  1.00 33.38 ?  70  PRO A N   1 
ATOM   437  C CA  . PRO A 1 90  ? -6.242  5.637   16.839  1.00 33.48 ?  70  PRO A CA  1 
ATOM   438  C C   . PRO A 1 90  ? -7.760  5.886   16.805  1.00 29.44 ?  70  PRO A C   1 
ATOM   439  O O   . PRO A 1 90  ? -8.516  5.338   17.636  1.00 28.69 ?  70  PRO A O   1 
ATOM   440  C CB  . PRO A 1 90  ? -5.836  4.807   18.068  1.00 36.21 ?  70  PRO A CB  1 
ATOM   441  C CG  . PRO A 1 90  ? -5.381  5.839   19.097  1.00 37.03 ?  70  PRO A CG  1 
ATOM   442  C CD  . PRO A 1 90  ? -4.910  7.053   18.321  1.00 33.54 ?  70  PRO A CD  1 
ATOM   443  N N   . SER A 1 91  ? -8.191  6.580   15.737  1.00 30.86 ?  71  SER A N   1 
ATOM   444  C CA  . SER A 1 91  ? -9.582  6.963   15.497  1.00 29.57 ?  71  SER A CA  1 
ATOM   445  C C   . SER A 1 91  ? -9.817  7.161   13.984  1.00 28.31 ?  71  SER A C   1 
ATOM   446  O O   . SER A 1 91  ? -8.936  7.604   13.285  1.00 29.26 ?  71  SER A O   1 
ATOM   447  C CB  . SER A 1 91  ? -9.892  8.291   16.189  1.00 32.69 ?  71  SER A CB  1 
ATOM   448  O OG  . SER A 1 91  ? -11.291 8.431   16.386  1.00 34.32 ?  71  SER A OG  1 
ATOM   449  N N   . SER A 1 92  ? -11.018 6.848   13.521  1.00 28.48 ?  72  SER A N   1 
ATOM   450  C CA  . SER A 1 92  ? -11.445 7.198   12.160  1.00 28.69 ?  72  SER A CA  1 
ATOM   451  C C   . SER A 1 92  ? -12.971 7.353   12.114  1.00 28.66 ?  72  SER A C   1 
ATOM   452  O O   . SER A 1 92  ? -13.738 6.907   13.046  1.00 34.84 ?  72  SER A O   1 
ATOM   453  C CB  . SER A 1 92  ? -10.980 6.120   11.166  1.00 26.11 ?  72  SER A CB  1 
ATOM   454  O OG  . SER A 1 92  ? -11.782 4.967   11.316  1.00 27.04 ?  72  SER A OG  1 
ATOM   455  N N   . TRP A 1 93  ? -13.427 7.858   10.958  1.00 34.35 ?  73  TRP A N   1 
ATOM   456  C CA  . TRP A 1 93  ? -14.835 7.869   10.569  1.00 30.65 ?  73  TRP A CA  1 
ATOM   457  C C   . TRP A 1 93  ? -15.475 6.500   10.804  1.00 30.79 ?  73  TRP A C   1 
ATOM   458  O O   . TRP A 1 93  ? -16.629 6.421   11.188  1.00 30.69 ?  73  TRP A O   1 
ATOM   459  C CB  . TRP A 1 93  ? -14.943 8.373   9.112   1.00 34.31 ?  73  TRP A CB  1 
ATOM   460  C CG  . TRP A 1 93  ? -14.578 7.376   8.051   1.00 33.25 ?  73  TRP A CG  1 
ATOM   461  C CD1 . TRP A 1 93  ? -13.384 7.232   7.397   1.00 34.52 ?  73  TRP A CD1 1 
ATOM   462  C CD2 . TRP A 1 93  ? -15.453 6.381   7.490   1.00 33.82 ?  73  TRP A CD2 1 
ATOM   463  N NE1 . TRP A 1 93  ? -13.477 6.230   6.450   1.00 31.42 ?  73  TRP A NE1 1 
ATOM   464  C CE2 . TRP A 1 93  ? -14.718 5.674   6.506   1.00 31.64 ?  73  TRP A CE2 1 
ATOM   465  C CE3 . TRP A 1 93  ? -16.790 6.036   7.708   1.00 34.02 ?  73  TRP A CE3 1 
ATOM   466  C CZ2 . TRP A 1 93  ? -15.289 4.665   5.736   1.00 32.50 ?  73  TRP A CZ2 1 
ATOM   467  C CZ3 . TRP A 1 93  ? -17.349 5.025   6.955   1.00 39.17 ?  73  TRP A CZ3 1 
ATOM   468  C CH2 . TRP A 1 93  ? -16.602 4.347   5.989   1.00 36.06 ?  73  TRP A CH2 1 
ATOM   469  N N   . ARG A 1 94  ? -14.734 5.386   10.640  1.00 29.95 ?  74  ARG A N   1 
ATOM   470  C CA  . ARG A 1 94  ? -15.315 4.055   10.821  1.00 28.39 ?  74  ARG A CA  1 
ATOM   471  C C   . ARG A 1 94  ? -15.505 3.690   12.299  1.00 28.32 ?  74  ARG A C   1 
ATOM   472  O O   . ARG A 1 94  ? -16.327 2.890   12.621  1.00 29.75 ?  74  ARG A O   1 
ATOM   473  C CB  . ARG A 1 94  ? -14.432 2.920   10.244  1.00 30.64 ?  74  ARG A CB  1 
ATOM   474  C CG  . ARG A 1 94  ? -14.050 3.137   8.785   1.00 31.62 ?  74  ARG A CG  1 
ATOM   475  C CD  . ARG A 1 94  ? -13.564 1.903   8.034   1.00 32.50 ?  74  ARG A CD  1 
ATOM   476  N NE  . ARG A 1 94  ? -14.512 0.816   8.156   1.00 31.32 ?  74  ARG A NE  1 
ATOM   477  C CZ  . ARG A 1 94  ? -14.257 -0.386  8.639   1.00 37.20 ?  74  ARG A CZ  1 
ATOM   478  N NH1 . ARG A 1 94  ? -13.020 -0.738  8.950   1.00 35.44 1  74  ARG A NH1 1 
ATOM   479  N NH2 . ARG A 1 94  ? -15.251 -1.244  8.765   1.00 31.84 ?  74  ARG A NH2 1 
ATOM   480  N N   . GLN A 1 95  ? -14.602 4.141   13.161  1.00 30.79 ?  75  GLN A N   1 
ATOM   481  C CA  . GLN A 1 95  ? -14.509 3.589   14.493  1.00 33.61 ?  75  GLN A CA  1 
ATOM   482  C C   . GLN A 1 95  ? -13.820 4.636   15.378  1.00 32.79 ?  75  GLN A C   1 
ATOM   483  O O   . GLN A 1 95  ? -12.672 4.930   15.177  1.00 30.76 ?  75  GLN A O   1 
ATOM   484  C CB  . GLN A 1 95  ? -13.713 2.294   14.378  1.00 36.98 ?  75  GLN A CB  1 
ATOM   485  C CG  . GLN A 1 95  ? -13.710 1.459   15.637  1.00 42.94 ?  75  GLN A CG  1 
ATOM   486  C CD  . GLN A 1 95  ? -13.044 0.121   15.422  1.00 42.32 ?  75  GLN A CD  1 
ATOM   487  O OE1 . GLN A 1 95  ? -13.509 -0.895  15.915  1.00 46.77 ?  75  GLN A OE1 1 
ATOM   488  N NE2 . GLN A 1 95  ? -11.956 0.109   14.680  1.00 31.78 ?  75  GLN A NE2 1 
ATOM   489  N N   . GLU A 1 96  ? -14.567 5.236   16.304  1.00 31.25 ?  76  GLU A N   1 
ATOM   490  C CA  . GLU A 1 96  ? -14.050 6.329   17.119  1.00 29.98 ?  76  GLU A CA  1 
ATOM   491  C C   . GLU A 1 96  ? -12.832 5.864   17.945  1.00 24.69 ?  76  GLU A C   1 
ATOM   492  O O   . GLU A 1 96  ? -11.903 6.609   18.092  1.00 29.24 ?  76  GLU A O   1 
ATOM   493  C CB  . GLU A 1 96  ? -15.137 6.890   18.049  1.00 33.11 ?  76  GLU A CB  1 
ATOM   494  C CG  . GLU A 1 96  ? -14.749 8.232   18.644  1.00 37.02 ?  76  GLU A CG  1 
ATOM   495  C CD  . GLU A 1 96  ? -15.857 8.989   19.395  1.00 38.41 ?  76  GLU A CD  1 
ATOM   496  O OE1 . GLU A 1 96  ? -15.631 10.179  19.737  1.00 41.09 ?  76  GLU A OE1 1 
ATOM   497  O OE2 . GLU A 1 96  ? -16.898 8.389   19.663  1.00 36.07 -1 76  GLU A OE2 1 
ATOM   498  N N   . LYS A 1 97  ? -12.880 4.669   18.524  1.00 27.73 ?  77  LYS A N   1 
ATOM   499  C CA  . LYS A 1 97  ? -11.693 4.107   19.214  1.00 30.36 ?  77  LYS A CA  1 
ATOM   500  C C   . LYS A 1 97  ? -11.225 2.843   18.477  1.00 24.37 ?  77  LYS A C   1 
ATOM   501  O O   . LYS A 1 97  ? -11.814 1.803   18.604  1.00 29.75 ?  77  LYS A O   1 
ATOM   502  C CB  . LYS A 1 97  ? -12.024 3.742   20.660  1.00 31.57 ?  77  LYS A CB  1 
ATOM   503  C CG  . LYS A 1 97  ? -10.856 3.252   21.507  1.00 35.22 ?  77  LYS A CG  1 
ATOM   504  C CD  . LYS A 1 97  ? -11.364 2.683   22.825  1.00 41.24 ?  77  LYS A CD  1 
ATOM   505  C CE  . LYS A 1 97  ? -10.306 2.229   23.824  1.00 42.24 ?  77  LYS A CE  1 
ATOM   506  N NZ  . LYS A 1 97  ? -9.212  3.219   23.979  1.00 46.51 1  77  LYS A NZ  1 
ATOM   507  N N   . ILE A 1 98  ? -10.089 2.942   17.792  1.00 29.32 ?  78  ILE A N   1 
ATOM   508  C CA  . ILE A 1 98  ? -9.534  1.742   17.155  1.00 28.24 ?  78  ILE A CA  1 
ATOM   509  C C   . ILE A 1 98  ? -8.726  0.986   18.209  1.00 28.84 ?  78  ILE A C   1 
ATOM   510  O O   . ILE A 1 98  ? -7.825  1.549   18.787  1.00 29.72 ?  78  ILE A O   1 
ATOM   511  C CB  . ILE A 1 98  ? -8.712  2.185   15.946  1.00 30.37 ?  78  ILE A CB  1 
ATOM   512  C CG1 . ILE A 1 98  ? -9.680  2.843   14.940  1.00 33.10 ?  78  ILE A CG1 1 
ATOM   513  C CG2 . ILE A 1 98  ? -7.927  1.007   15.362  1.00 30.35 ?  78  ILE A CG2 1 
ATOM   514  C CD1 . ILE A 1 98  ? -9.054  3.538   13.813  1.00 34.75 ?  78  ILE A CD1 1 
ATOM   515  N N   . THR A 1 99  ? -9.014  -0.291  18.366  1.00 28.49 ?  79  THR A N   1 
ATOM   516  C CA  . THR A 1 99  ? -8.409  -1.115  19.375  1.00 33.58 ?  79  THR A CA  1 
ATOM   517  C C   . THR A 1 99  ? -7.618  -2.290  18.783  1.00 35.57 ?  79  THR A C   1 
ATOM   518  O O   . THR A 1 99  ? -6.955  -2.993  19.536  1.00 30.96 ?  79  THR A O   1 
ATOM   519  C CB  . THR A 1 99  ? -9.507  -1.612  20.307  1.00 35.67 ?  79  THR A CB  1 
ATOM   520  O OG1 . THR A 1 99  ? -10.518 -2.205  19.490  1.00 39.98 ?  79  THR A OG1 1 
ATOM   521  C CG2 . THR A 1 99  ? -10.124 -0.484  21.109  1.00 40.30 ?  79  THR A CG2 1 
ATOM   522  N N   . ARG A 1 100 ? -7.682  -2.540  17.460  1.00 30.93 ?  80  ARG A N   1 
ATOM   523  C CA  . ARG A 1 100 ? -7.005  -3.714  16.916  1.00 27.32 ?  80  ARG A CA  1 
ATOM   524  C C   . ARG A 1 100 ? -5.496  -3.521  17.153  1.00 25.14 ?  80  ARG A C   1 
ATOM   525  O O   . ARG A 1 100 ? -4.996  -2.457  17.162  1.00 25.61 ?  80  ARG A O   1 
ATOM   526  C CB  . ARG A 1 100 ? -7.431  -3.940  15.448  1.00 25.87 ?  80  ARG A CB  1 
ATOM   527  C CG  . ARG A 1 100 ? -6.886  -2.912  14.469  1.00 24.26 ?  80  ARG A CG  1 
ATOM   528  C CD  . ARG A 1 100 ? -7.226  -3.192  12.997  1.00 24.72 ?  80  ARG A CD  1 
ATOM   529  N NE  . ARG A 1 100 ? -8.680  -3.038  12.757  1.00 24.30 ?  80  ARG A NE  1 
ATOM   530  C CZ  . ARG A 1 100 ? -9.274  -1.945  12.319  1.00 24.86 ?  80  ARG A CZ  1 
ATOM   531  N NH1 . ARG A 1 100 ? -8.557  -0.851  12.124  1.00 25.56 1  80  ARG A NH1 1 
ATOM   532  N NH2 . ARG A 1 100 ? -10.562 -1.985  11.965  1.00 24.38 ?  80  ARG A NH2 1 
ATOM   533  N N   . THR A 1 101 ? -4.767  -4.628  17.288  1.00 28.14 ?  81  THR A N   1 
ATOM   534  C CA  . THR A 1 101 ? -3.377  -4.584  17.378  1.00 26.45 ?  81  THR A CA  1 
ATOM   535  C C   . THR A 1 101 ? -2.769  -4.349  15.983  1.00 29.33 ?  81  THR A C   1 
ATOM   536  O O   . THR A 1 101 ? -3.405  -4.589  14.945  1.00 25.56 ?  81  THR A O   1 
ATOM   537  C CB  . THR A 1 101 ? -2.835  -5.902  17.927  1.00 31.54 ?  81  THR A CB  1 
ATOM   538  O OG1 . THR A 1 101 ? -3.186  -6.943  17.012  1.00 31.23 ?  81  THR A OG1 1 
ATOM   539  C CG2 . THR A 1 101 ? -3.368  -6.209  19.313  1.00 30.71 ?  81  THR A CG2 1 
ATOM   540  N N   . LYS A 1 102 ? -1.501  -3.966  15.969  1.00 26.22 ?  82  LYS A N   1 
ATOM   541  C CA  . LYS A 1 102 ? -0.789  -3.797  14.731  1.00 31.81 ?  82  LYS A CA  1 
ATOM   542  C C   . LYS A 1 102 ? -0.736  -5.116  13.951  1.00 31.47 ?  82  LYS A C   1 
ATOM   543  O O   . LYS A 1 102 ? -0.723  -5.079  12.726  1.00 27.73 ?  82  LYS A O   1 
ATOM   544  C CB  . LYS A 1 102 ? 0.583   -3.169  14.966  1.00 34.45 ?  82  LYS A CB  1 
ATOM   545  C CG  . LYS A 1 102 ? 1.518   -3.920  15.883  1.00 37.85 ?  82  LYS A CG  1 
ATOM   546  C CD  . LYS A 1 102 ? 2.560   -2.993  16.460  1.00 44.02 ?  82  LYS A CD  1 
ATOM   547  C CE  . LYS A 1 102 ? 3.654   -3.739  17.198  1.00 49.80 ?  82  LYS A CE  1 
ATOM   548  N NZ  . LYS A 1 102 ? 4.936   -3.025  17.035  1.00 56.73 1  82  LYS A NZ  1 
ATOM   549  N N   . GLU A 1 103 ? -0.684  -6.250  14.655  1.00 31.00 ?  83  GLU A N   1 
ATOM   550  C CA  . GLU A 1 103 ? -0.616  -7.538  14.044  1.00 30.90 ?  83  GLU A CA  1 
ATOM   551  C C   . GLU A 1 103 ? -1.947  -7.810  13.329  1.00 31.00 ?  83  GLU A C   1 
ATOM   552  O O   . GLU A 1 103 ? -1.980  -8.370  12.187  1.00 25.73 ?  83  GLU A O   1 
ATOM   553  C CB  . GLU A 1 103 ? -0.245  -8.624  15.072  1.00 32.69 ?  83  GLU A CB  1 
ATOM   554  C CG  . GLU A 1 103 ? 1.196   -8.474  15.620  1.00 34.88 ?  83  GLU A CG  1 
ATOM   555  C CD  . GLU A 1 103 ? 1.414   -7.425  16.724  1.00 43.76 ?  83  GLU A CD  1 
ATOM   556  O OE1 . GLU A 1 103 ? 0.407   -6.982  17.336  1.00 37.31 ?  83  GLU A OE1 1 
ATOM   557  O OE2 . GLU A 1 103 ? 2.591   -6.994  16.945  1.00 47.46 -1 83  GLU A OE2 1 
ATOM   558  N N   . GLU A 1 104 ? -3.058  -7.452  13.980  1.00 29.18 ?  84  GLU A N   1 
ATOM   559  C CA  . GLU A 1 104 ? -4.361  -7.647  13.433  1.00 27.63 ?  84  GLU A CA  1 
ATOM   560  C C   . GLU A 1 104 ? -4.584  -6.692  12.246  1.00 26.60 ?  84  GLU A C   1 
ATOM   561  O O   . GLU A 1 104 ? -5.258  -7.038  11.301  1.00 21.98 ?  84  GLU A O   1 
ATOM   562  C CB  . GLU A 1 104 ? -5.450  -7.407  14.485  1.00 31.35 ?  84  GLU A CB  1 
ATOM   563  C CG  . GLU A 1 104 ? -5.549  -8.491  15.547  1.00 39.53 ?  84  GLU A CG  1 
ATOM   564  C CD  . GLU A 1 104 ? -6.468  -8.149  16.730  1.00 41.30 ?  84  GLU A CD  1 
ATOM   565  O OE1 . GLU A 1 104 ? -6.580  -6.979  17.061  1.00 35.18 ?  84  GLU A OE1 1 
ATOM   566  O OE2 . GLU A 1 104 ? -7.055  -9.069  17.307  1.00 51.43 -1 84  GLU A OE2 1 
ATOM   567  N N   . ALA A 1 105 ? -4.045  -5.483  12.306  1.00 23.75 ?  85  ALA A N   1 
ATOM   568  C CA  . ALA A 1 105 ? -4.163  -4.568  11.173  1.00 24.81 ?  85  ALA A CA  1 
ATOM   569  C C   . ALA A 1 105 ? -3.431  -5.154  9.952   1.00 26.09 ?  85  ALA A C   1 
ATOM   570  O O   . ALA A 1 105 ? -3.874  -4.947  8.831   1.00 21.36 ?  85  ALA A O   1 
ATOM   571  C CB  . ALA A 1 105 ? -3.587  -3.231  11.487  1.00 25.27 ?  85  ALA A CB  1 
ATOM   572  N N   . LEU A 1 106 ? -2.248  -5.744  10.185  1.00 21.30 ?  86  LEU A N   1 
ATOM   573  C CA  . LEU A 1 106 ? -1.487  -6.288  9.074   1.00 24.39 ?  86  LEU A CA  1 
ATOM   574  C C   . LEU A 1 106 ? -2.227  -7.482  8.472   1.00 23.21 ?  86  LEU A C   1 
ATOM   575  O O   . LEU A 1 106 ? -2.218  -7.636  7.244   1.00 21.78 ?  86  LEU A O   1 
ATOM   576  C CB  . LEU A 1 106 ? -0.088  -6.654  9.566   1.00 22.97 ?  86  LEU A CB  1 
ATOM   577  C CG  . LEU A 1 106 ? 0.827   -7.272  8.519   1.00 25.48 ?  86  LEU A CG  1 
ATOM   578  C CD1 . LEU A 1 106 ? 0.975   -6.374  7.301   1.00 26.58 ?  86  LEU A CD1 1 
ATOM   579  C CD2 . LEU A 1 106 ? 2.184   -7.588  9.156   1.00 28.59 ?  86  LEU A CD2 1 
ATOM   580  N N   . GLU A 1 107 ? -2.886  -8.307  9.303   1.00 23.41 ?  87  GLU A N   1 
ATOM   581  C CA  . GLU A 1 107 ? -3.682  -9.402  8.756   1.00 26.19 ?  87  GLU A CA  1 
ATOM   582  C C   . GLU A 1 107 ? -4.820  -8.870  7.882   1.00 24.69 ?  87  GLU A C   1 
ATOM   583  O O   . GLU A 1 107 ? -5.132  -9.465  6.841   1.00 23.33 ?  87  GLU A O   1 
ATOM   584  C CB  . GLU A 1 107 ? -4.180  -10.372 9.843   1.00 30.05 ?  87  GLU A CB  1 
ATOM   585  C CG  . GLU A 1 107 ? -3.176  -11.496 10.090  1.00 46.41 ?  87  GLU A CG  1 
ATOM   586  C CD  . GLU A 1 107 ? -2.716  -12.210 8.802   1.00 62.54 ?  87  GLU A CD  1 
ATOM   587  O OE1 . GLU A 1 107 ? -3.602  -12.744 8.079   1.00 72.63 ?  87  GLU A OE1 1 
ATOM   588  O OE2 . GLU A 1 107 ? -1.485  -12.190 8.475   1.00 60.51 -1 87  GLU A OE2 1 
ATOM   589  N N   . LEU A 1 108 ? -5.479  -7.788  8.303   1.00 20.99 ?  88  LEU A N   1 
ATOM   590  C CA  . LEU A 1 108 ? -6.505  -7.171  7.495   1.00 20.75 ?  88  LEU A CA  1 
ATOM   591  C C   . LEU A 1 108 ? -5.945  -6.697  6.172   1.00 19.92 ?  88  LEU A C   1 
ATOM   592  O O   . LEU A 1 108 ? -6.568  -6.947  5.117   1.00 20.03 ?  88  LEU A O   1 
ATOM   593  C CB  . LEU A 1 108 ? -7.138  -5.994  8.253   1.00 23.68 ?  88  LEU A CB  1 
ATOM   594  C CG  . LEU A 1 108 ? -8.150  -6.375  9.336   1.00 28.67 ?  88  LEU A CG  1 
ATOM   595  C CD1 . LEU A 1 108 ? -8.540  -5.172  10.229  1.00 28.23 ?  88  LEU A CD1 1 
ATOM   596  C CD2 . LEU A 1 108 ? -9.398  -6.959  8.693   1.00 30.42 ?  88  LEU A CD2 1 
ATOM   597  N N   . ILE A 1 109 ? -4.834  -5.950  6.235   1.00 20.29 ?  89  ILE A N   1 
ATOM   598  C CA  . ILE A 1 109 ? -4.167  -5.432  5.041   1.00 20.02 ?  89  ILE A CA  1 
ATOM   599  C C   . ILE A 1 109 ? -3.853  -6.601  4.080   1.00 21.06 ?  89  ILE A C   1 
ATOM   600  O O   . ILE A 1 109 ? -4.095  -6.507  2.876   1.00 20.95 ?  89  ILE A O   1 
ATOM   601  C CB  . ILE A 1 109 ? -2.910  -4.657  5.430   1.00 20.99 ?  89  ILE A CB  1 
ATOM   602  C CG1 . ILE A 1 109 ? -3.219  -3.236  5.949   1.00 21.22 ?  89  ILE A CG1 1 
ATOM   603  C CG2 . ILE A 1 109 ? -1.929  -4.652  4.287   1.00 24.02 ?  89  ILE A CG2 1 
ATOM   604  C CD1 . ILE A 1 109 ? -3.600  -2.210  4.869   1.00 19.75 ?  89  ILE A CD1 1 
ATOM   605  N N   . ASN A 1 110 ? -3.297  -7.698  4.618   1.00 20.41 ?  90  ASN A N   1 
ATOM   606  C CA  . ASN A 1 110 ? -2.887  -8.844  3.796   1.00 21.50 ?  90  ASN A CA  1 
ATOM   607  C C   . ASN A 1 110 ? -4.114  -9.430  3.103   1.00 21.85 ?  90  ASN A C   1 
ATOM   608  O O   . ASN A 1 110 ? -4.066  -9.835  1.942   1.00 22.19 ?  90  ASN A O   1 
ATOM   609  C CB  . ASN A 1 110 ? -2.114  -9.859  4.633   1.00 23.63 ?  90  ASN A CB  1 
ATOM   610  C CG  . ASN A 1 110 ? -0.695  -9.423  4.946   1.00 24.29 ?  90  ASN A CG  1 
ATOM   611  O OD1 . ASN A 1 110 ? -0.126  -8.524  4.312   1.00 29.61 ?  90  ASN A OD1 1 
ATOM   612  N ND2 . ASN A 1 110 ? -0.128  -10.040 5.952   1.00 26.67 ?  90  ASN A ND2 1 
ATOM   613  N N   . GLY A 1 111 ? -5.210  -9.522  3.845   1.00 23.76 ?  91  GLY A N   1 
ATOM   614  C CA  . GLY A 1 111 ? -6.485  -9.965  3.300   1.00 23.91 ?  91  GLY A CA  1 
ATOM   615  C C   . GLY A 1 111 ? -7.032  -9.097  2.175   1.00 24.87 ?  91  GLY A C   1 
ATOM   616  O O   . GLY A 1 111 ? -7.570  -9.624  1.175   1.00 24.01 ?  91  GLY A O   1 
ATOM   617  N N   . TYR A 1 112 ? -6.958  -7.769  2.324   1.00 21.04 ?  92  TYR A N   1 
ATOM   618  C CA  . TYR A 1 112 ? -7.385  -6.844  1.274   1.00 19.85 ?  92  TYR A CA  1 
ATOM   619  C C   . TYR A 1 112 ? -6.513  -7.028  0.024   1.00 19.43 ?  92  TYR A C   1 
ATOM   620  O O   . TYR A 1 112 ? -7.023  -7.064  -1.074  1.00 18.97 ?  92  TYR A O   1 
ATOM   621  C CB  . TYR A 1 112 ? -7.377  -5.401  1.785   1.00 20.34 ?  92  TYR A CB  1 
ATOM   622  C CG  . TYR A 1 112 ? -8.367  -5.125  2.898   1.00 21.45 ?  92  TYR A CG  1 
ATOM   623  C CD1 . TYR A 1 112 ? -9.653  -5.661  2.899   1.00 24.77 ?  92  TYR A CD1 1 
ATOM   624  C CD2 . TYR A 1 112 ? -8.042  -4.258  3.925   1.00 23.84 ?  92  TYR A CD2 1 
ATOM   625  C CE1 . TYR A 1 112 ? -10.535 -5.437  3.951   1.00 26.45 ?  92  TYR A CE1 1 
ATOM   626  C CE2 . TYR A 1 112 ? -8.933  -3.987  4.965   1.00 22.77 ?  92  TYR A CE2 1 
ATOM   627  C CZ  . TYR A 1 112 ? -10.186 -4.567  4.976   1.00 25.36 ?  92  TYR A CZ  1 
ATOM   628  O OH  . TYR A 1 112 ? -11.032 -4.307  6.015   1.00 24.25 ?  92  TYR A OH  1 
ATOM   629  N N   . ILE A 1 113 ? -5.197  -7.167  0.207   1.00 18.83 ?  93  ILE A N   1 
ATOM   630  C CA  . ILE A 1 113 ? -4.288  -7.376  -0.921  1.00 19.80 ?  93  ILE A CA  1 
ATOM   631  C C   . ILE A 1 113 ? -4.718  -8.666  -1.637  1.00 19.48 ?  93  ILE A C   1 
ATOM   632  O O   . ILE A 1 113 ? -4.777  -8.717  -2.884  1.00 19.97 ?  93  ILE A O   1 
ATOM   633  C CB  . ILE A 1 113 ? -2.817  -7.362  -0.472  1.00 19.19 ?  93  ILE A CB  1 
ATOM   634  C CG1 . ILE A 1 113 ? -2.395  -5.956  -0.031  1.00 21.29 ?  93  ILE A CG1 1 
ATOM   635  C CG2 . ILE A 1 113 ? -1.912  -7.893  -1.568  1.00 21.09 ?  93  ILE A CG2 1 
ATOM   636  C CD1 . ILE A 1 113 ? -1.073  -5.888  0.682   1.00 21.69 ?  93  ILE A CD1 1 
ATOM   637  N N   . GLN A 1 114 ? -4.976  -9.718  -0.862  1.00 21.01 ?  94  GLN A N   1 
ATOM   638  C CA  . GLN A 1 114 ? -5.417  -10.997 -1.492  1.00 22.92 ?  94  GLN A CA  1 
ATOM   639  C C   . GLN A 1 114 ? -6.679  -10.803 -2.335  1.00 22.45 ?  94  GLN A C   1 
ATOM   640  O O   . GLN A 1 114 ? -6.703  -11.258 -3.496  1.00 23.74 ?  94  GLN A O   1 
ATOM   641  C CB  . GLN A 1 114 ? -5.631  -12.075 -0.446  1.00 23.66 ?  94  GLN A CB  1 
ATOM   642  C CG  . GLN A 1 114 ? -4.345  -12.557 0.175   1.00 26.77 ?  94  GLN A CG  1 
ATOM   643  C CD  . GLN A 1 114 ? -4.609  -13.683 1.142   1.00 34.84 ?  94  GLN A CD  1 
ATOM   644  O OE1 . GLN A 1 114 ? -5.609  -13.680 1.842   1.00 39.96 ?  94  GLN A OE1 1 
ATOM   645  N NE2 . GLN A 1 114 ? -3.773  -14.705 1.087   1.00 42.68 ?  94  GLN A NE2 1 
ATOM   646  N N   . LYS A 1 115 ? -7.652  -10.056 -1.826  1.00 19.84 ?  95  LYS A N   1 
ATOM   647  C CA  . LYS A 1 115 ? -8.941  -9.797  -2.515  1.00 21.99 ?  95  LYS A CA  1 
ATOM   648  C C   . LYS A 1 115 ? -8.705  -8.964  -3.781  1.00 19.23 ?  95  LYS A C   1 
ATOM   649  O O   . LYS A 1 115 ? -9.297  -9.240  -4.783  1.00 22.19 ?  95  LYS A O   1 
ATOM   650  C CB  . LYS A 1 115 ? -9.940  -9.139  -1.561  1.00 28.40 ?  95  LYS A CB  1 
ATOM   651  C CG  . LYS A 1 115 ? -10.555 -10.073 -0.528  1.00 37.29 ?  95  LYS A CG  1 
ATOM   652  C CD  . LYS A 1 115 ? -11.783 -9.512  0.154   1.00 47.15 ?  95  LYS A CD  1 
ATOM   653  C CE  . LYS A 1 115 ? -11.639 -9.298  1.648   1.00 58.59 ?  95  LYS A CE  1 
ATOM   654  N NZ  . LYS A 1 115 ? -12.589 -8.277  2.175   1.00 64.01 1  95  LYS A NZ  1 
ATOM   655  N N   . ILE A 1 116 ? -7.835  -7.987  -3.712  1.00 18.89 ?  96  ILE A N   1 
ATOM   656  C CA  . ILE A 1 116 ? -7.525  -7.137  -4.891  1.00 19.19 ?  96  ILE A CA  1 
ATOM   657  C C   . ILE A 1 116 ? -6.785  -7.944  -5.952  1.00 20.83 ?  96  ILE A C   1 
ATOM   658  O O   . ILE A 1 116 ? -7.102  -7.872  -7.131  1.00 21.05 ?  96  ILE A O   1 
ATOM   659  C CB  . ILE A 1 116 ? -6.709  -5.903  -4.464  1.00 19.29 ?  96  ILE A CB  1 
ATOM   660  C CG1 . ILE A 1 116 ? -7.532  -4.997  -3.529  1.00 22.25 ?  96  ILE A CG1 1 
ATOM   661  C CG2 . ILE A 1 116 ? -6.131  -5.161  -5.664  1.00 22.20 ?  96  ILE A CG2 1 
ATOM   662  C CD1 . ILE A 1 116 ? -6.661  -4.034  -2.717  1.00 24.41 ?  96  ILE A CD1 1 
ATOM   663  N N   . LYS A 1 117 ? -5.767  -8.687  -5.537  1.00 20.45 ?  97  LYS A N   1 
ATOM   664  C CA  . LYS A 1 117 ? -4.965  -9.438  -6.476  1.00 20.95 ?  97  LYS A CA  1 
ATOM   665  C C   . LYS A 1 117 ? -5.764  -10.548 -7.169  1.00 21.52 ?  97  LYS A C   1 
ATOM   666  O O   . LYS A 1 117 ? -5.472  -10.871 -8.347  1.00 24.75 ?  97  LYS A O   1 
ATOM   667  C CB  . LYS A 1 117 ? -3.743  -10.020 -5.801  1.00 21.27 ?  97  LYS A CB  1 
ATOM   668  C CG  . LYS A 1 117 ? -2.686  -8.984  -5.525  1.00 23.50 ?  97  LYS A CG  1 
ATOM   669  C CD  . LYS A 1 117 ? -1.402  -9.688  -5.226  1.00 28.10 ?  97  LYS A CD  1 
ATOM   670  C CE  . LYS A 1 117 ? -0.214  -8.781  -5.317  1.00 28.26 ?  97  LYS A CE  1 
ATOM   671  N NZ  . LYS A 1 117 ? 1.041   -9.572  -5.196  1.00 24.97 1  97  LYS A NZ  1 
ATOM   672  N N   . SER A 1 118 ? -6.725  -11.132 -6.461  1.00 21.83 ?  98  SER A N   1 
ATOM   673  C CA  . SER A 1 118 ? -7.561  -12.188 -6.983  1.00 22.62 ?  98  SER A CA  1 
ATOM   674  C C   . SER A 1 118 ? -8.620  -11.633 -7.937  1.00 24.10 ?  98  SER A C   1 
ATOM   675  O O   . SER A 1 118 ? -9.283  -12.402 -8.648  1.00 25.37 ?  98  SER A O   1 
ATOM   676  C CB  . SER A 1 118 ? -8.201  -12.963 -5.855  1.00 25.11 ?  98  SER A CB  1 
ATOM   677  O OG  . SER A 1 118 ? -9.291  -12.233 -5.330  1.00 26.25 ?  98  SER A OG  1 
ATOM   678  N N   . GLY A 1 119 ? -8.836  -10.312 -7.921  1.00 23.53 ?  99  GLY A N   1 
ATOM   679  C CA  . GLY A 1 119 ? -9.931  -9.685  -8.618  1.00 22.99 ?  99  GLY A CA  1 
ATOM   680  C C   . GLY A 1 119 ? -11.287 -9.920  -7.997  1.00 26.90 ?  99  GLY A C   1 
ATOM   681  O O   . GLY A 1 119 ? -12.272 -9.470  -8.618  1.00 28.07 ?  99  GLY A O   1 
ATOM   682  N N   . GLU A 1 120 ? -11.372 -10.489 -6.778  1.00 24.58 ?  100 GLU A N   1 
ATOM   683  C CA  . GLU A 1 120 ? -12.653 -10.584 -6.061  1.00 29.92 ?  100 GLU A CA  1 
ATOM   684  C C   . GLU A 1 120 ? -13.235 -9.202  -5.725  1.00 31.29 ?  100 GLU A C   1 
ATOM   685  O O   . GLU A 1 120 ? -14.439 -8.984  -5.738  1.00 29.70 ?  100 GLU A O   1 
ATOM   686  C CB  . GLU A 1 120 ? -12.521 -11.313 -4.725  1.00 38.57 ?  100 GLU A CB  1 
ATOM   687  C CG  . GLU A 1 120 ? -12.465 -12.818 -4.844  1.00 53.53 ?  100 GLU A CG  1 
ATOM   688  C CD  . GLU A 1 120 ? -12.003 -13.465 -3.547  1.00 63.77 ?  100 GLU A CD  1 
ATOM   689  O OE1 . GLU A 1 120 ? -10.939 -14.139 -3.565  1.00 70.22 ?  100 GLU A OE1 1 
ATOM   690  O OE2 . GLU A 1 120 ? -12.687 -13.242 -2.509  1.00 67.32 -1 100 GLU A OE2 1 
ATOM   691  N N   . GLU A 1 121 ? -12.381 -8.249  -5.379  1.00 28.88 ?  101 GLU A N   1 
ATOM   692  C CA  . GLU A 1 121 ? -12.815 -6.905  -5.065  1.00 32.58 ?  101 GLU A CA  1 
ATOM   693  C C   . GLU A 1 121 ? -11.820 -5.946  -5.715  1.00 31.52 ?  101 GLU A C   1 
ATOM   694  O O   . GLU A 1 121 ? -10.659 -6.312  -5.861  1.00 34.01 ?  101 GLU A O   1 
ATOM   695  C CB  . GLU A 1 121 ? -12.831 -6.698  -3.548  1.00 39.58 ?  101 GLU A CB  1 
ATOM   696  C CG  . GLU A 1 121 ? -14.011 -7.343  -2.864  1.00 49.82 ?  101 GLU A CG  1 
ATOM   697  C CD  . GLU A 1 121 ? -15.306 -6.716  -3.332  1.00 56.32 ?  101 GLU A CD  1 
ATOM   698  O OE1 . GLU A 1 121 ? -15.257 -5.549  -3.816  1.00 59.96 ?  101 GLU A OE1 1 
ATOM   699  O OE2 . GLU A 1 121 ? -16.335 -7.412  -3.291  1.00 69.44 -1 101 GLU A OE2 1 
ATOM   700  N N   . ASP A 1 122 ? -12.258 -4.777  -6.166  1.00 24.92 ?  102 ASP A N   1 
ATOM   701  C CA  . ASP A 1 122 ? -11.235 -3.886  -6.670  1.00 27.51 ?  102 ASP A CA  1 
ATOM   702  C C   . ASP A 1 122 ? -10.793 -2.943  -5.536  1.00 26.68 ?  102 ASP A C   1 
ATOM   703  O O   . ASP A 1 122 ? -11.450 -2.818  -4.519  1.00 21.37 ?  102 ASP A O   1 
ATOM   704  C CB  . ASP A 1 122 ? -11.583 -3.201  -7.990  1.00 34.85 ?  102 ASP A CB  1 
ATOM   705  C CG  . ASP A 1 122 ? -12.866 -2.436  -7.993  1.00 39.62 ?  102 ASP A CG  1 
ATOM   706  O OD1 . ASP A 1 122 ? -13.259 -2.002  -6.913  1.00 46.88 ?  102 ASP A OD1 1 
ATOM   707  O OD2 . ASP A 1 122 ? -13.490 -2.337  -9.114  1.00 49.77 -1 102 ASP A OD2 1 
ATOM   708  N N   . PHE A 1 123 ? -9.649  -2.324  -5.767  1.00 24.15 ?  103 PHE A N   1 
ATOM   709  C CA  . PHE A 1 123 ? -9.015  -1.453  -4.813  1.00 27.15 ?  103 PHE A CA  1 
ATOM   710  C C   . PHE A 1 123 ? -9.992  -0.359  -4.341  1.00 24.11 ?  103 PHE A C   1 
ATOM   711  O O   . PHE A 1 123 ? -10.149 -0.136  -3.166  1.00 21.42 ?  103 PHE A O   1 
ATOM   712  C CB  . PHE A 1 123 ? -7.749  -0.900  -5.450  1.00 26.55 ?  103 PHE A CB  1 
ATOM   713  C CG  . PHE A 1 123 ? -7.016  0.049   -4.541  1.00 25.47 ?  103 PHE A CG  1 
ATOM   714  C CD1 . PHE A 1 123 ? -7.421  1.374   -4.441  1.00 25.47 ?  103 PHE A CD1 1 
ATOM   715  C CD2 . PHE A 1 123 ? -5.939  -0.382  -3.802  1.00 28.47 ?  103 PHE A CD2 1 
ATOM   716  C CE1 . PHE A 1 123 ? -6.764  2.236   -3.592  1.00 27.62 ?  103 PHE A CE1 1 
ATOM   717  C CE2 . PHE A 1 123 ? -5.265  0.496   -2.963  1.00 29.91 ?  103 PHE A CE2 1 
ATOM   718  C CZ  . PHE A 1 123 ? -5.694  1.797   -2.853  1.00 25.19 ?  103 PHE A CZ  1 
ATOM   719  N N   . GLU A 1 124 ? -10.678 0.281   -5.288  1.00 25.04 ?  104 GLU A N   1 
ATOM   720  C CA  . GLU A 1 124 ? -11.516 1.461   -5.012  1.00 28.19 ?  104 GLU A CA  1 
ATOM   721  C C   . GLU A 1 124 ? -12.663 1.073   -4.083  1.00 25.21 ?  104 GLU A C   1 
ATOM   722  O O   . GLU A 1 124 ? -13.009 1.804   -3.134  1.00 23.89 ?  104 GLU A O   1 
ATOM   723  C CB  . GLU A 1 124 ? -12.081 2.067   -6.298  1.00 31.91 ?  104 GLU A CB  1 
ATOM   724  C CG  . GLU A 1 124 ? -11.019 2.714   -7.167  1.00 31.36 ?  104 GLU A CG  1 
ATOM   725  C CD  . GLU A 1 124 ? -10.405 1.767   -8.195  1.00 36.40 ?  104 GLU A CD  1 
ATOM   726  O OE1 . GLU A 1 124 ? -10.562 0.504   -8.052  1.00 26.05 ?  104 GLU A OE1 1 
ATOM   727  O OE2 . GLU A 1 124 ? -9.779  2.278   -9.129  1.00 38.42 -1 104 GLU A OE2 1 
ATOM   728  N N   . SER A 1 125 ? -13.201 -0.123  -4.320  1.00 23.62 ?  105 SER A N   1 
ATOM   729  C CA  . SER A 1 125 ? -14.304 -0.636  -3.559  1.00 23.80 ?  105 SER A CA  1 
ATOM   730  C C   . SER A 1 125 ? -13.897 -0.877  -2.106  1.00 21.61 ?  105 SER A C   1 
ATOM   731  O O   . SER A 1 125 ? -14.620 -0.532  -1.163  1.00 21.08 ?  105 SER A O   1 
ATOM   732  C CB  . SER A 1 125 ? -14.829 -1.869  -4.230  1.00 29.65 ?  105 SER A CB  1 
ATOM   733  O OG  . SER A 1 125 ? -15.722 -2.502  -3.389  1.00 32.69 ?  105 SER A OG  1 
ATOM   734  N N   . LEU A 1 126 ? -12.726 -1.464  -1.902  1.00 23.11 ?  106 LEU A N   1 
ATOM   735  C CA  . LEU A 1 126 ? -12.306 -1.726  -0.558  1.00 20.91 ?  106 LEU A CA  1 
ATOM   736  C C   . LEU A 1 126 ? -11.896 -0.444  0.144   1.00 19.44 ?  106 LEU A C   1 
ATOM   737  O O   . LEU A 1 126 ? -12.067 -0.350  1.345   1.00 22.20 ?  106 LEU A O   1 
ATOM   738  C CB  . LEU A 1 126 ? -11.153 -2.728  -0.545  1.00 23.84 ?  106 LEU A CB  1 
ATOM   739  C CG  . LEU A 1 126 ? -11.483 -4.136  -1.033  1.00 25.96 ?  106 LEU A CG  1 
ATOM   740  C CD1 . LEU A 1 126 ? -10.222 -4.997  -1.037  1.00 26.97 ?  106 LEU A CD1 1 
ATOM   741  C CD2 . LEU A 1 126 ? -12.544 -4.793  -0.170  1.00 28.10 ?  106 LEU A CD2 1 
ATOM   742  N N   . ALA A 1 127 ? -11.233 0.467   -0.553  1.00 21.36 ?  107 ALA A N   1 
ATOM   743  C CA  . ALA A 1 127 ? -10.814 1.725   0.052   1.00 21.43 ?  107 ALA A CA  1 
ATOM   744  C C   . ALA A 1 127 ? -12.071 2.474   0.523   1.00 24.64 ?  107 ALA A C   1 
ATOM   745  O O   . ALA A 1 127 ? -12.117 2.967   1.654   1.00 20.95 ?  107 ALA A O   1 
ATOM   746  C CB  . ALA A 1 127 ? -9.998  2.516   -0.920  1.00 20.84 ?  107 ALA A CB  1 
ATOM   747  N N   . SER A 1 128 ? -13.106 2.537   -0.337  1.00 21.77 ?  108 SER A N   1 
ATOM   748  C CA  . SER A 1 128 ? -14.327 3.257   -0.027  1.00 21.86 ?  108 SER A CA  1 
ATOM   749  C C   . SER A 1 128 ? -14.979 2.719   1.229   1.00 22.75 ?  108 SER A C   1 
ATOM   750  O O   . SER A 1 128 ? -15.564 3.490   2.004   1.00 25.64 ?  108 SER A O   1 
ATOM   751  C CB  . SER A 1 128 ? -15.340 3.146   -1.159  1.00 22.31 ?  108 SER A CB  1 
ATOM   752  O OG  . SER A 1 128 ? -14.822 3.887   -2.194  1.00 26.55 ?  108 SER A OG  1 
ATOM   753  N N   . GLN A 1 129 ? -14.972 1.396   1.367   1.00 22.13 ?  109 GLN A N   1 
ATOM   754  C CA  . GLN A 1 129 ? -15.675 0.764   2.469   1.00 23.32 ?  109 GLN A CA  1 
ATOM   755  C C   . GLN A 1 129 ? -14.851 0.713   3.753   1.00 24.66 ?  109 GLN A C   1 
ATOM   756  O O   . GLN A 1 129 ? -15.431 0.768   4.805   1.00 27.68 ?  109 GLN A O   1 
ATOM   757  C CB  . GLN A 1 129 ? -16.058 -0.668  2.078   1.00 28.58 ?  109 GLN A CB  1 
ATOM   758  C CG  . GLN A 1 129 ? -17.181 -0.724  1.056   1.00 30.50 ?  109 GLN A CG  1 
ATOM   759  C CD  . GLN A 1 129 ? -17.462 -2.143  0.613   1.00 33.12 ?  109 GLN A CD  1 
ATOM   760  O OE1 . GLN A 1 129 ? -16.912 -2.644  -0.360  1.00 36.83 ?  109 GLN A OE1 1 
ATOM   761  N NE2 . GLN A 1 129 ? -18.337 -2.798  1.317   1.00 29.35 ?  109 GLN A NE2 1 
ATOM   762  N N   . PHE A 1 130 ? -13.534 0.459   3.664   1.00 22.41 ?  110 PHE A N   1 
ATOM   763  C CA  . PHE A 1 130 ? -12.804 -0.022  4.817   1.00 22.29 ?  110 PHE A CA  1 
ATOM   764  C C   . PHE A 1 130 ? -11.623 0.863   5.238   1.00 22.53 ?  110 PHE A C   1 
ATOM   765  O O   . PHE A 1 130 ? -11.041 0.612   6.316   1.00 23.97 ?  110 PHE A O   1 
ATOM   766  C CB  . PHE A 1 130 ? -12.311 -1.455  4.576   1.00 24.75 ?  110 PHE A CB  1 
ATOM   767  C CG  . PHE A 1 130 ? -13.426 -2.429  4.344   1.00 24.53 ?  110 PHE A CG  1 
ATOM   768  C CD1 . PHE A 1 130 ? -14.427 -2.576  5.293   1.00 27.74 ?  110 PHE A CD1 1 
ATOM   769  C CD2 . PHE A 1 130 ? -13.526 -3.155  3.172   1.00 26.43 ?  110 PHE A CD2 1 
ATOM   770  C CE1 . PHE A 1 130 ? -15.511 -3.406  5.063   1.00 28.15 ?  110 PHE A CE1 1 
ATOM   771  C CE2 . PHE A 1 130 ? -14.599 -3.988  2.942   1.00 28.58 ?  110 PHE A CE2 1 
ATOM   772  C CZ  . PHE A 1 130 ? -15.582 -4.132  3.895   1.00 30.72 ?  110 PHE A CZ  1 
ATOM   773  N N   . SER A 1 131 ? -11.237 1.851   4.442   1.00 19.06 ?  111 SER A N   1 
ATOM   774  C CA  . SER A 1 131 ? -10.060 2.660   4.773   1.00 19.63 ?  111 SER A CA  1 
ATOM   775  C C   . SER A 1 131 ? -10.397 3.521   5.995   1.00 22.09 ?  111 SER A C   1 
ATOM   776  O O   . SER A 1 131 ? -11.450 4.206   6.010   1.00 21.35 ?  111 SER A O   1 
ATOM   777  C CB  . SER A 1 131 ? -9.655  3.511   3.671   1.00 18.45 ?  111 SER A CB  1 
ATOM   778  O OG  . SER A 1 131 ? -8.488  4.270   3.969   1.00 19.56 ?  111 SER A OG  1 
ATOM   779  N N   . ASP A 1 132 ? -9.472  3.565   6.947   1.00 21.41 ?  112 ASP A N   1 
ATOM   780  C CA  . ASP A 1 132 ? -9.633  4.375   8.167   1.00 26.50 ?  112 ASP A CA  1 
ATOM   781  C C   . ASP A 1 132 ? -9.133  5.804   7.947   1.00 29.91 ?  112 ASP A C   1 
ATOM   782  O O   . ASP A 1 132 ? -8.414  6.320   8.781   1.00 32.03 ?  112 ASP A O   1 
ATOM   783  C CB  . ASP A 1 132 ? -8.834  3.760   9.307   1.00 24.33 ?  112 ASP A CB  1 
ATOM   784  C CG  . ASP A 1 132 ? -9.471  2.587   9.987   1.00 24.64 ?  112 ASP A CG  1 
ATOM   785  O OD1 . ASP A 1 132 ? -10.685 2.690   10.365  1.00 24.55 ?  112 ASP A OD1 1 
ATOM   786  O OD2 . ASP A 1 132 ? -8.720  1.572   10.252  1.00 23.82 -1 112 ASP A OD2 1 
ATOM   787  N N   . CYS A 1 133 ? -9.405  6.392   6.776   1.00 31.00 ?  113 CYS A N   1 
ATOM   788  C CA  . CYS A 1 133 ? -9.071  7.736   6.420   1.00 28.53 ?  113 CYS A CA  1 
ATOM   789  C C   . CYS A 1 133 ? -10.250 8.298   5.626   1.00 30.40 ?  113 CYS A C   1 
ATOM   790  O O   . CYS A 1 133 ? -10.889 7.588   4.886   1.00 26.24 ?  113 CYS A O   1 
ATOM   791  C CB  . CYS A 1 133 ? -7.795  7.793   5.587   1.00 27.12 ?  113 CYS A CB  1 
ATOM   792  S SG  . CYS A 1 133 ? -7.211  9.349   4.965   1.00 32.61 ?  113 CYS A SG  1 
ATOM   793  N N   . SER A 1 134 ? -10.471 9.604   5.712   1.00 31.86 ?  114 SER A N   1 
ATOM   794  C CA  . SER A 1 134 ? -11.572 10.242  4.981   1.00 29.84 ?  114 SER A CA  1 
ATOM   795  C C   . SER A 1 134 ? -11.313 10.264  3.468   1.00 26.33 ?  114 SER A C   1 
ATOM   796  O O   . SER A 1 134 ? -12.263 10.487  2.696   1.00 26.00 ?  114 SER A O   1 
ATOM   797  C CB  . SER A 1 134 ? -11.836 11.614  5.537   1.00 29.94 ?  114 SER A CB  1 
ATOM   798  O OG  . SER A 1 134 ? -10.648 12.398  5.454   1.00 34.99 ?  114 SER A OG  1 
ATOM   799  N N   . SER A 1 135 ? -10.066 10.019  3.021   1.00 22.80 ?  115 SER A N   1 
ATOM   800  C CA  . SER A 1 135 ? -9.780  9.723   1.624   1.00 23.54 ?  115 SER A CA  1 
ATOM   801  C C   . SER A 1 135 ? -10.666 8.585   1.063   1.00 21.69 ?  115 SER A C   1 
ATOM   802  O O   . SER A 1 135 ? -10.859 8.489   -0.163  1.00 25.51 ?  115 SER A O   1 
ATOM   803  C CB  . SER A 1 135 ? -8.307  9.389   1.424   1.00 23.48 ?  115 SER A CB  1 
ATOM   804  O OG  . SER A 1 135 ? -7.992  8.229   2.164   1.00 26.18 ?  115 SER A OG  1 
ATOM   805  N N   . ALA A 1 136 ? -11.212 7.731   1.922   1.00 22.00 ?  116 ALA A N   1 
ATOM   806  C CA  . ALA A 1 136 ? -12.131 6.684   1.534   1.00 24.17 ?  116 ALA A CA  1 
ATOM   807  C C   . ALA A 1 136 ? -13.295 7.262   0.709   1.00 26.70 ?  116 ALA A C   1 
ATOM   808  O O   . ALA A 1 136 ? -13.843 6.601   -0.166  1.00 21.40 ?  116 ALA A O   1 
ATOM   809  C CB  . ALA A 1 136 ? -12.661 5.986   2.757   1.00 23.30 ?  116 ALA A CB  1 
ATOM   810  N N   . LYS A 1 137 ? -13.679 8.508   0.995   1.00 24.15 ?  117 LYS A N   1 
ATOM   811  C CA  . LYS A 1 137 ? -14.821 9.085   0.310   1.00 27.06 ?  117 LYS A CA  1 
ATOM   812  C C   . LYS A 1 137 ? -14.500 9.415   -1.150  1.00 21.86 ?  117 LYS A C   1 
ATOM   813  O O   . LYS A 1 137 ? -15.421 9.645   -1.927  1.00 22.46 ?  117 LYS A O   1 
ATOM   814  C CB  . LYS A 1 137 ? -15.328 10.339  1.031   1.00 28.51 ?  117 LYS A CB  1 
ATOM   815  C CG  . LYS A 1 137 ? -15.647 10.120  2.490   1.00 36.72 ?  117 LYS A CG  1 
ATOM   816  C CD  . LYS A 1 137 ? -16.499 8.938   2.787   1.00 42.81 ?  117 LYS A CD  1 
ATOM   817  C CE  . LYS A 1 137 ? -16.336 8.485   4.228   1.00 50.58 ?  117 LYS A CE  1 
ATOM   818  N NZ  . LYS A 1 137 ? -17.436 7.586   4.634   1.00 52.11 1  117 LYS A NZ  1 
ATOM   819  N N   . ALA A 1 138 ? -13.214 9.507   -1.516  1.00 20.99 ?  118 ALA A N   1 
ATOM   820  C CA  . ALA A 1 138 ? -12.802 9.683   -2.870  1.00 21.31 ?  118 ALA A CA  1 
ATOM   821  C C   . ALA A 1 138 ? -12.128 8.404   -3.434  1.00 19.43 ?  118 ALA A C   1 
ATOM   822  O O   . ALA A 1 138 ? -11.180 8.514   -4.194  1.00 20.66 ?  118 ALA A O   1 
ATOM   823  C CB  . ALA A 1 138 ? -11.882 10.890  -2.965  1.00 20.91 ?  118 ALA A CB  1 
ATOM   824  N N   . ARG A 1 139 ? -12.604 7.223   -3.033  1.00 21.66 ?  119 ARG A N   1 
ATOM   825  C CA  . ARG A 1 139 ? -12.081 5.899   -3.507  1.00 21.82 ?  119 ARG A CA  1 
ATOM   826  C C   . ARG A 1 139 ? -10.587 5.803   -3.192  1.00 21.06 ?  119 ARG A C   1 
ATOM   827  O O   . ARG A 1 139 ? -9.838  5.098   -3.893  1.00 20.60 ?  119 ARG A O   1 
ATOM   828  C CB  . ARG A 1 139 ? -12.248 5.699   -5.020  1.00 22.80 ?  119 ARG A CB  1 
ATOM   829  C CG  . ARG A 1 139 ? -13.694 5.802   -5.473  1.00 22.27 ?  119 ARG A CG  1 
ATOM   830  C CD  . ARG A 1 139 ? -13.907 5.728   -6.985  1.00 24.34 ?  119 ARG A CD  1 
ATOM   831  N NE  . ARG A 1 139 ? -15.311 5.405   -7.127  1.00 28.50 ?  119 ARG A NE  1 
ATOM   832  C CZ  . ARG A 1 139 ? -15.880 4.753   -8.134  1.00 35.44 ?  119 ARG A CZ  1 
ATOM   833  N NH1 . ARG A 1 139 ? -15.109 4.201   -9.063  1.00 31.76 1  119 ARG A NH1 1 
ATOM   834  N NH2 . ARG A 1 139 ? -17.202 4.570   -8.115  1.00 30.94 ?  119 ARG A NH2 1 
ATOM   835  N N   . GLY A 1 140 ? -10.174 6.482   -2.108  1.00 23.22 ?  120 GLY A N   1 
ATOM   836  C CA  . GLY A 1 140 ? -8.808  6.451   -1.586  1.00 22.18 ?  120 GLY A CA  1 
ATOM   837  C C   . GLY A 1 140 ? -7.861  7.419   -2.252  1.00 20.57 ?  120 GLY A C   1 
ATOM   838  O O   . GLY A 1 140 ? -6.684  7.478   -1.905  1.00 20.66 ?  120 GLY A O   1 
ATOM   839  N N   . ASP A 1 141 ? -8.343  8.234   -3.192  1.00 20.23 ?  121 ASP A N   1 
ATOM   840  C CA  . ASP A 1 141 ? -7.469  9.104   -3.959  1.00 20.33 ?  121 ASP A CA  1 
ATOM   841  C C   . ASP A 1 141 ? -6.974  10.237  -3.058  1.00 23.41 ?  121 ASP A C   1 
ATOM   842  O O   . ASP A 1 141 ? -7.770  10.854  -2.384  1.00 24.78 ?  121 ASP A O   1 
ATOM   843  C CB  . ASP A 1 141 ? -8.174  9.649   -5.196  1.00 24.58 ?  121 ASP A CB  1 
ATOM   844  C CG  . ASP A 1 141 ? -7.395  10.663  -6.027  1.00 28.56 ?  121 ASP A CG  1 
ATOM   845  O OD1 . ASP A 1 141 ? -6.175  10.491  -6.234  1.00 27.63 ?  121 ASP A OD1 1 
ATOM   846  O OD2 . ASP A 1 141 ? -8.033  11.610  -6.527  1.00 32.97 -1 121 ASP A OD2 1 
ATOM   847  N N   . LEU A 1 142 ? -5.662  10.470  -3.074  1.00 23.02 ?  122 LEU A N   1 
ATOM   848  C CA  . LEU A 1 142 ? -5.015  11.578  -2.353  1.00 28.02 ?  122 LEU A CA  1 
ATOM   849  C C   . LEU A 1 142 ? -4.625  12.714  -3.289  1.00 25.56 ?  122 LEU A C   1 
ATOM   850  O O   . LEU A 1 142 ? -4.147  13.742  -2.805  1.00 27.37 ?  122 LEU A O   1 
ATOM   851  C CB  . LEU A 1 142 ? -3.753  11.080  -1.650  1.00 27.46 ?  122 LEU A CB  1 
ATOM   852  C CG  . LEU A 1 142 ? -4.005  10.040  -0.571  1.00 28.56 ?  122 LEU A CG  1 
ATOM   853  C CD1 . LEU A 1 142 ? -2.687  9.432   -0.105  1.00 31.58 ?  122 LEU A CD1 1 
ATOM   854  C CD2 . LEU A 1 142 ? -4.779  10.616  0.588   1.00 31.28 ?  122 LEU A CD2 1 
ATOM   855  N N   . GLY A 1 143 ? -4.762  12.498  -4.590  1.00 27.98 ?  123 GLY A N   1 
ATOM   856  C CA  . GLY A 1 143 ? -4.306  13.428  -5.607  1.00 29.97 ?  123 GLY A CA  1 
ATOM   857  C C   . GLY A 1 143 ? -2.828  13.331  -5.867  1.00 31.53 ?  123 GLY A C   1 
ATOM   858  O O   . GLY A 1 143 ? -2.147  12.338  -5.471  1.00 30.15 ?  123 GLY A O   1 
ATOM   859  N N   . ALA A 1 144 ? -2.318  14.384  -6.527  1.00 27.31 ?  124 ALA A N   1 
ATOM   860  C CA  . ALA A 1 144 ? -0.928  14.479  -6.987  1.00 27.50 ?  124 ALA A CA  1 
ATOM   861  C C   . ALA A 1 144 ? -0.079  15.081  -5.866  1.00 27.98 ?  124 ALA A C   1 
ATOM   862  O O   . ALA A 1 144 ? -0.559  15.937  -5.127  1.00 32.68 ?  124 ALA A O   1 
ATOM   863  C CB  . ALA A 1 144 ? -0.823  15.324  -8.234  1.00 29.93 ?  124 ALA A CB  1 
ATOM   864  N N   . PHE A 1 145 ? 1.162   14.617  -5.741  1.00 26.26 ?  125 PHE A N   1 
ATOM   865  C CA  . PHE A 1 145 ? 2.116   15.178  -4.757  1.00 27.68 ?  125 PHE A CA  1 
ATOM   866  C C   . PHE A 1 145 ? 3.535   14.980  -5.233  1.00 26.54 ?  125 PHE A C   1 
ATOM   867  O O   . PHE A 1 145 ? 3.824   14.213  -6.138  1.00 28.16 ?  125 PHE A O   1 
ATOM   868  C CB  . PHE A 1 145 ? 1.909   14.600  -3.358  1.00 29.46 ?  125 PHE A CB  1 
ATOM   869  C CG  . PHE A 1 145 ? 1.924   13.089  -3.314  1.00 30.28 ?  125 PHE A CG  1 
ATOM   870  C CD1 . PHE A 1 145 ? 3.103   12.386  -3.136  1.00 33.40 ?  125 PHE A CD1 1 
ATOM   871  C CD2 . PHE A 1 145 ? 0.746   12.387  -3.474  1.00 30.88 ?  125 PHE A CD2 1 
ATOM   872  C CE1 . PHE A 1 145 ? 3.101   10.995  -3.084  1.00 29.99 ?  125 PHE A CE1 1 
ATOM   873  C CE2 . PHE A 1 145 ? 0.748   11.003  -3.427  1.00 31.51 ?  125 PHE A CE2 1 
ATOM   874  C CZ  . PHE A 1 145 ? 1.932   10.319  -3.256  1.00 29.04 ?  125 PHE A CZ  1 
ATOM   875  N N   . SER A 1 146 ? 4.435   15.769  -4.651  1.00 29.90 ?  126 SER A N   1 
ATOM   876  C CA  . SER A 1 146 ? 5.836   15.647  -4.945  1.00 29.30 ?  126 SER A CA  1 
ATOM   877  C C   . SER A 1 146 ? 6.528   15.084  -3.705  1.00 26.20 ?  126 SER A C   1 
ATOM   878  O O   . SER A 1 146 ? 5.921   14.973  -2.626  1.00 30.35 ?  126 SER A O   1 
ATOM   879  C CB  . SER A 1 146 ? 6.429   16.998  -5.355  1.00 35.47 ?  126 SER A CB  1 
ATOM   880  O OG  . SER A 1 146 ? 6.531   17.824  -4.222  1.00 33.11 ?  126 SER A OG  1 
ATOM   881  N N   . ARG A 1 147 ? 7.813   14.747  -3.860  1.00 28.98 ?  127 ARG A N   1 
ATOM   882  C CA  . ARG A 1 147 ? 8.668   14.448  -2.687  1.00 29.94 ?  127 ARG A CA  1 
ATOM   883  C C   . ARG A 1 147 ? 8.665   15.650  -1.753  1.00 36.86 ?  127 ARG A C   1 
ATOM   884  O O   . ARG A 1 147 ? 8.489   16.794  -2.220  1.00 37.23 ?  127 ARG A O   1 
ATOM   885  C CB  . ARG A 1 147 ? 10.071  14.084  -3.156  1.00 31.99 ?  127 ARG A CB  1 
ATOM   886  C CG  . ARG A 1 147 ? 10.131  12.717  -3.810  1.00 31.91 ?  127 ARG A CG  1 
ATOM   887  C CD  . ARG A 1 147 ? 11.524  12.161  -3.707  1.00 31.25 ?  127 ARG A CD  1 
ATOM   888  N NE  . ARG A 1 147 ? 11.620  10.871  -4.362  1.00 31.93 ?  127 ARG A NE  1 
ATOM   889  C CZ  . ARG A 1 147 ? 11.605  9.694   -3.734  1.00 29.78 ?  127 ARG A CZ  1 
ATOM   890  N NH1 . ARG A 1 147 ? 11.312  9.600   -2.441  1.00 26.94 1  127 ARG A NH1 1 
ATOM   891  N NH2 . ARG A 1 147 ? 11.984  8.644   -4.416  1.00 27.64 ?  127 ARG A NH2 1 
ATOM   892  N N   . GLY A 1 148 ? 8.785   15.374  -0.447  1.00 35.38 ?  128 GLY A N   1 
ATOM   893  C CA  . GLY A 1 148 ? 8.838   16.383  0.558   1.00 36.35 ?  128 GLY A CA  1 
ATOM   894  C C   . GLY A 1 148 ? 7.483   16.837  1.068   1.00 37.14 ?  128 GLY A C   1 
ATOM   895  O O   . GLY A 1 148 ? 7.453   17.827  1.783   1.00 38.05 ?  128 GLY A O   1 
ATOM   896  N N   . GLN A 1 149 ? 6.375   16.144  0.744   1.00 32.98 ?  129 GLN A N   1 
ATOM   897  C CA  . GLN A 1 149 ? 5.027   16.516  1.290   1.00 32.08 ?  129 GLN A CA  1 
ATOM   898  C C   . GLN A 1 149 ? 4.408   15.422  2.160   1.00 31.22 ?  129 GLN A C   1 
ATOM   899  O O   . GLN A 1 149 ? 3.697   15.717  3.085   1.00 32.23 ?  129 GLN A O   1 
ATOM   900  C CB  . GLN A 1 149 ? 3.923   16.646  0.234   1.00 36.75 ?  129 GLN A CB  1 
ATOM   901  C CG  . GLN A 1 149 ? 4.246   17.533  -0.931  1.00 39.49 ?  129 GLN A CG  1 
ATOM   902  C CD  . GLN A 1 149 ? 3.078   17.679  -1.885  1.00 35.88 ?  129 GLN A CD  1 
ATOM   903  O OE1 . GLN A 1 149 ? 3.274   17.763  -3.081  1.00 33.44 ?  129 GLN A OE1 1 
ATOM   904  N NE2 . GLN A 1 149 ? 1.854   17.694  -1.381  1.00 43.77 ?  129 GLN A NE2 1 
ATOM   905  N N   . MET A 1 150 ? 4.597   14.144  1.784   1.00 27.04 ?  130 MET A N   1 
ATOM   906  C CA  . MET A 1 150 ? 3.970   13.054  2.473   1.00 26.67 ?  130 MET A CA  1 
ATOM   907  C C   . MET A 1 150 ? 4.962   12.445  3.471   1.00 27.38 ?  130 MET A C   1 
ATOM   908  O O   . MET A 1 150 ? 6.151   12.646  3.367   1.00 26.98 ?  130 MET A O   1 
ATOM   909  C CB  . MET A 1 150 ? 3.567   11.953  1.474   1.00 30.17 ?  130 MET A CB  1 
ATOM   910  C CG  . MET A 1 150 ? 2.739   12.439  0.332   1.00 34.50 ?  130 MET A CG  1 
ATOM   911  S SD  . MET A 1 150 ? 1.287   13.410  0.801   1.00 42.05 ?  130 MET A SD  1 
ATOM   912  C CE  . MET A 1 150 ? 0.119   12.174  1.317   1.00 36.89 ?  130 MET A CE  1 
ATOM   913  N N   . GLN A 1 151 ? 4.429   11.630  4.369   1.00 25.17 ?  131 GLN A N   1 
ATOM   914  C CA  . GLN A 1 151 ? 5.195   10.777  5.266   1.00 27.40 ?  131 GLN A CA  1 
ATOM   915  C C   . GLN A 1 151 ? 6.210   9.996   4.420   1.00 26.17 ?  131 GLN A C   1 
ATOM   916  O O   . GLN A 1 151 ? 5.866   9.463   3.354   1.00 23.58 ?  131 GLN A O   1 
ATOM   917  C CB  . GLN A 1 151 ? 4.223   9.853   5.982   1.00 26.02 ?  131 GLN A CB  1 
ATOM   918  C CG  . GLN A 1 151 ? 3.395   10.505  7.063   1.00 27.26 ?  131 GLN A CG  1 
ATOM   919  C CD  . GLN A 1 151 ? 2.297   9.571   7.507   1.00 28.12 ?  131 GLN A CD  1 
ATOM   920  O OE1 . GLN A 1 151 ? 1.801   8.719   6.752   1.00 26.46 ?  131 GLN A OE1 1 
ATOM   921  N NE2 . GLN A 1 151 ? 1.896   9.721   8.743   1.00 29.87 ?  131 GLN A NE2 1 
ATOM   922  N N   . LYS A 1 152 ? 7.468   9.900   4.882   1.00 24.08 ?  132 LYS A N   1 
ATOM   923  C CA  . LYS A 1 152 ? 8.562   9.494   4.023   1.00 24.55 ?  132 LYS A CA  1 
ATOM   924  C C   . LYS A 1 152 ? 8.379   8.062   3.511   1.00 22.94 ?  132 LYS A C   1 
ATOM   925  O O   . LYS A 1 152 ? 8.714   7.793   2.377   1.00 21.17 ?  132 LYS A O   1 
ATOM   926  C CB  . LYS A 1 152 ? 9.926   9.697   4.709   1.00 29.93 ?  132 LYS A CB  1 
ATOM   927  C CG  . LYS A 1 152 ? 11.159  9.261   3.926   1.00 31.80 ?  132 LYS A CG  1 
ATOM   928  C CD  . LYS A 1 152 ? 11.530  10.038  2.665   1.00 39.44 ?  132 LYS A CD  1 
ATOM   929  C CE  . LYS A 1 152 ? 11.406  11.556  2.788   1.00 41.74 ?  132 LYS A CE  1 
ATOM   930  N NZ  . LYS A 1 152 ? 11.898  12.288  1.587   1.00 38.85 1  132 LYS A NZ  1 
ATOM   931  N N   . PRO A 1 153 ? 7.935   7.077   4.303   1.00 24.16 ?  133 PRO A N   1 
ATOM   932  C CA  . PRO A 1 153 ? 7.769   5.710   3.797   1.00 24.15 ?  133 PRO A CA  1 
ATOM   933  C C   . PRO A 1 153 ? 6.652   5.647   2.740   1.00 23.34 ?  133 PRO A C   1 
ATOM   934  O O   . PRO A 1 153 ? 6.761   4.876   1.772   1.00 21.10 ?  133 PRO A O   1 
ATOM   935  C CB  . PRO A 1 153 ? 7.314   4.916   5.005   1.00 23.65 ?  133 PRO A CB  1 
ATOM   936  C CG  . PRO A 1 153 ? 7.691   5.755   6.194   1.00 26.25 ?  133 PRO A CG  1 
ATOM   937  C CD  . PRO A 1 153 ? 7.592   7.182   5.723   1.00 23.03 ?  133 PRO A CD  1 
ATOM   938  N N   . PHE A 1 154 ? 5.658   6.514   2.921   1.00 22.04 ?  134 PHE A N   1 
ATOM   939  C CA  . PHE A 1 154 ? 4.559   6.648   1.951   1.00 23.27 ?  134 PHE A CA  1 
ATOM   940  C C   . PHE A 1 154 ? 5.096   7.191   0.638   1.00 22.33 ?  134 PHE A C   1 
ATOM   941  O O   . PHE A 1 154 ? 4.835   6.667   -0.485  1.00 20.02 ?  134 PHE A O   1 
ATOM   942  C CB  . PHE A 1 154 ? 3.397   7.441   2.535   1.00 22.14 ?  134 PHE A CB  1 
ATOM   943  C CG  . PHE A 1 154 ? 2.134   7.378   1.708   1.00 21.51 ?  134 PHE A CG  1 
ATOM   944  C CD1 . PHE A 1 154 ? 2.011   8.107   0.541   1.00 24.00 ?  134 PHE A CD1 1 
ATOM   945  C CD2 . PHE A 1 154 ? 1.096   6.532   2.068   1.00 23.07 ?  134 PHE A CD2 1 
ATOM   946  C CE1 . PHE A 1 154 ? 0.861   8.011   -0.248  1.00 24.42 ?  134 PHE A CE1 1 
ATOM   947  C CE2 . PHE A 1 154 ? -0.048  6.419   1.273   1.00 25.52 ?  134 PHE A CE2 1 
ATOM   948  C CZ  . PHE A 1 154 ? -0.172  7.173   0.127   1.00 23.28 ?  134 PHE A CZ  1 
ATOM   949  N N   . GLU A 1 155 ? 5.873   8.271   0.752   1.00 22.15 ?  135 GLU A N   1 
ATOM   950  C CA  . GLU A 1 155 ? 6.473   8.904   -0.404  1.00 20.43 ?  135 GLU A CA  1 
ATOM   951  C C   . GLU A 1 155 ? 7.357   7.928   -1.145  1.00 20.91 ?  135 GLU A C   1 
ATOM   952  O O   . GLU A 1 155 ? 7.327   7.840   -2.397  1.00 20.30 ?  135 GLU A O   1 
ATOM   953  C CB  . GLU A 1 155 ? 7.303   10.136  0.020   1.00 20.74 ?  135 GLU A CB  1 
ATOM   954  C CG  . GLU A 1 155 ? 8.203   10.656  -1.048  1.00 23.73 ?  135 GLU A CG  1 
ATOM   955  C CD  . GLU A 1 155 ? 9.166   11.697  -0.466  1.00 28.93 ?  135 GLU A CD  1 
ATOM   956  O OE1 . GLU A 1 155 ? 8.675   12.633  0.204   1.00 30.25 ?  135 GLU A OE1 1 
ATOM   957  O OE2 . GLU A 1 155 ? 10.379  11.498  -0.613  1.00 33.87 -1 135 GLU A OE2 1 
ATOM   958  N N   . ASP A 1 156 ? 8.228   7.244   -0.396  1.00 22.15 ?  136 ASP A N   1 
ATOM   959  C CA  . ASP A 1 156 ? 9.213   6.410   -1.047  1.00 21.03 ?  136 ASP A CA  1 
ATOM   960  C C   . ASP A 1 156 ? 8.524   5.299   -1.859  1.00 19.05 ?  136 ASP A C   1 
ATOM   961  O O   . ASP A 1 156 ? 8.934   4.988   -2.962  1.00 21.29 ?  136 ASP A O   1 
ATOM   962  C CB  . ASP A 1 156 ? 10.231  5.808   -0.078  1.00 24.63 ?  136 ASP A CB  1 
ATOM   963  C CG  . ASP A 1 156 ? 11.326  6.779   0.373   1.00 32.55 ?  136 ASP A CG  1 
ATOM   964  O OD1 . ASP A 1 156 ? 11.623  7.784   -0.371  1.00 28.48 ?  136 ASP A OD1 1 
ATOM   965  O OD2 . ASP A 1 156 ? 11.916  6.498   1.436   1.00 32.31 -1 136 ASP A OD2 1 
ATOM   966  N N   . ALA A 1 157 ? 7.530   4.678   -1.275  1.00 20.77 ?  137 ALA A N   1 
ATOM   967  C CA  . ALA A 1 157 ? 6.770   3.605   -1.967  1.00 21.38 ?  137 ALA A CA  1 
ATOM   968  C C   . ALA A 1 157 ? 6.068   4.156   -3.199  1.00 21.33 ?  137 ALA A C   1 
ATOM   969  O O   . ALA A 1 157 ? 6.142   3.563   -4.238  1.00 22.38 ?  137 ALA A O   1 
ATOM   970  C CB  . ALA A 1 157 ? 5.799   3.007   -0.980  1.00 21.84 ?  137 ALA A CB  1 
ATOM   971  N N   . SER A 1 158 ? 5.461   5.338   -3.063  1.00 21.84 ?  138 SER A N   1 
ATOM   972  C CA  . SER A 1 158 ? 4.720   5.959   -4.146  1.00 21.13 ?  138 SER A CA  1 
ATOM   973  C C   . SER A 1 158 ? 5.600   6.207   -5.372  1.00 22.92 ?  138 SER A C   1 
ATOM   974  O O   . SER A 1 158 ? 5.222   5.949   -6.504  1.00 25.53 ?  138 SER A O   1 
ATOM   975  C CB  . SER A 1 158 ? 4.096   7.219   -3.655  1.00 21.32 ?  138 SER A CB  1 
ATOM   976  O OG  . SER A 1 158 ? 3.050   6.943   -2.756  1.00 21.39 ?  138 SER A OG  1 
ATOM   977  N N   . PHE A 1 159 ? 6.799   6.734   -5.151  1.00 22.71 ?  139 PHE A N   1 
ATOM   978  C CA  . PHE A 1 159 ? 7.729   7.063   -6.212  1.00 23.52 ?  139 PHE A CA  1 
ATOM   979  C C   . PHE A 1 159 ? 8.489   5.846   -6.743  1.00 26.76 ?  139 PHE A C   1 
ATOM   980  O O   . PHE A 1 159 ? 9.056   5.929   -7.802  1.00 29.09 ?  139 PHE A O   1 
ATOM   981  C CB  . PHE A 1 159 ? 8.689   8.161   -5.719  1.00 26.25 ?  139 PHE A CB  1 
ATOM   982  C CG  . PHE A 1 159 ? 8.103   9.546   -5.854  1.00 23.15 ?  139 PHE A CG  1 
ATOM   983  C CD1 . PHE A 1 159 ? 7.326   10.073  -4.853  1.00 25.03 ?  139 PHE A CD1 1 
ATOM   984  C CD2 . PHE A 1 159 ? 8.260   10.270  -7.030  1.00 28.77 ?  139 PHE A CD2 1 
ATOM   985  C CE1 . PHE A 1 159 ? 6.737   11.330  -4.990  1.00 28.80 ?  139 PHE A CE1 1 
ATOM   986  C CE2 . PHE A 1 159 ? 7.695   11.537  -7.150  1.00 26.25 ?  139 PHE A CE2 1 
ATOM   987  C CZ  . PHE A 1 159 ? 6.932   12.060  -6.133  1.00 24.85 ?  139 PHE A CZ  1 
ATOM   988  N N   . ALA A 1 160 ? 8.439   4.702   -6.060  1.00 25.04 ?  140 ALA A N   1 
ATOM   989  C CA  . ALA A 1 160 ? 9.065   3.505   -6.572  1.00 23.26 ?  140 ALA A CA  1 
ATOM   990  C C   . ALA A 1 160 ? 8.063   2.664   -7.371  1.00 23.43 ?  140 ALA A C   1 
ATOM   991  O O   . ALA A 1 160 ? 8.472   1.784   -8.087  1.00 27.60 ?  140 ALA A O   1 
ATOM   992  C CB  . ALA A 1 160 ? 9.632   2.688   -5.434  1.00 24.34 ?  140 ALA A CB  1 
ATOM   993  N N   . LEU A 1 161 ? 6.771   2.977   -7.279  1.00 23.93 ?  141 LEU A N   1 
ATOM   994  C CA  . LEU A 1 161 ? 5.722   2.341   -8.098  1.00 22.18 ?  141 LEU A CA  1 
ATOM   995  C C   . LEU A 1 161 ? 5.739   2.954   -9.486  1.00 23.28 ?  141 LEU A C   1 
ATOM   996  O O   . LEU A 1 161 ? 5.881   4.178   -9.628  1.00 25.33 ?  141 LEU A O   1 
ATOM   997  C CB  . LEU A 1 161 ? 4.361   2.584   -7.446  1.00 21.36 ?  141 LEU A CB  1 
ATOM   998  C CG  . LEU A 1 161 ? 4.070   1.852   -6.138  1.00 19.73 ?  141 LEU A CG  1 
ATOM   999  C CD1 . LEU A 1 161 ? 2.722   2.316   -5.582  1.00 19.50 ?  141 LEU A CD1 1 
ATOM   1000 C CD2 . LEU A 1 161 ? 4.040   0.346   -6.359  1.00 21.67 ?  141 LEU A CD2 1 
ATOM   1001 N N   . ARG A 1 162 ? 5.485   2.129   -10.502 1.00 25.90 ?  142 ARG A N   1 
ATOM   1002 C CA  . ARG A 1 162 ? 5.140   2.660   -11.833 1.00 27.80 ?  142 ARG A CA  1 
ATOM   1003 C C   . ARG A 1 162 ? 3.624   2.800   -11.911 1.00 25.68 ?  142 ARG A C   1 
ATOM   1004 O O   . ARG A 1 162 ? 2.879   2.174   -11.169 1.00 23.06 ?  142 ARG A O   1 
ATOM   1005 C CB  . ARG A 1 162 ? 5.740   1.796   -12.942 1.00 31.75 ?  142 ARG A CB  1 
ATOM   1006 C CG  . ARG A 1 162 ? 7.233   2.049   -13.166 1.00 36.48 ?  142 ARG A CG  1 
ATOM   1007 C CD  . ARG A 1 162 ? 8.113   1.385   -12.134 1.00 40.14 ?  142 ARG A CD  1 
ATOM   1008 N NE  . ARG A 1 162 ? 7.848   -0.056  -12.063 1.00 42.73 ?  142 ARG A NE  1 
ATOM   1009 C CZ  . ARG A 1 162 ? 8.393   -0.964  -12.870 1.00 43.32 ?  142 ARG A CZ  1 
ATOM   1010 N NH1 . ARG A 1 162 ? 9.226   -0.584  -13.832 1.00 40.22 1  142 ARG A NH1 1 
ATOM   1011 N NH2 . ARG A 1 162 ? 8.170   -2.247  -12.655 1.00 34.32 ?  142 ARG A NH2 1 
ATOM   1012 N N   . THR A 1 163 ? 3.166   3.651   -12.818 1.00 24.66 ?  143 THR A N   1 
ATOM   1013 C CA  . THR A 1 163 ? 1.787   3.889   -12.998 1.00 25.67 ?  143 THR A CA  1 
ATOM   1014 C C   . THR A 1 163 ? 1.050   2.567   -13.200 1.00 23.85 ?  143 THR A C   1 
ATOM   1015 O O   . THR A 1 163 ? 1.497   1.746   -13.977 1.00 25.40 ?  143 THR A O   1 
ATOM   1016 C CB  . THR A 1 163 ? 1.541   4.822   -14.190 1.00 27.85 ?  143 THR A CB  1 
ATOM   1017 O OG1 . THR A 1 163 ? 2.109   6.054   -13.787 1.00 32.97 ?  143 THR A OG1 1 
ATOM   1018 C CG2 . THR A 1 163 ? 0.070   5.042   -14.428 1.00 29.75 ?  143 THR A CG2 1 
ATOM   1019 N N   . GLY A 1 164 ? -0.036  2.355   -12.456 1.00 21.05 ?  144 GLY A N   1 
ATOM   1020 C CA  . GLY A 1 164 ? -0.800  1.129   -12.526 1.00 25.01 ?  144 GLY A CA  1 
ATOM   1021 C C   . GLY A 1 164 ? -0.427  0.129   -11.436 1.00 25.96 ?  144 GLY A C   1 
ATOM   1022 O O   . GLY A 1 164 ? -1.202  -0.754  -11.161 1.00 25.55 ?  144 GLY A O   1 
ATOM   1023 N N   . GLU A 1 165 ? 0.750   0.280   -10.811 1.00 21.80 ?  145 GLU A N   1 
ATOM   1024 C CA  . GLU A 1 165 ? 1.240   -0.727  -9.869  1.00 23.08 ?  145 GLU A CA  1 
ATOM   1025 C C   . GLU A 1 165 ? 0.729   -0.427  -8.466  1.00 21.67 ?  145 GLU A C   1 
ATOM   1026 O O   . GLU A 1 165 ? 0.442   0.755   -8.085  1.00 20.45 ?  145 GLU A O   1 
ATOM   1027 C CB  . GLU A 1 165 ? 2.762   -0.806  -9.798  1.00 24.61 ?  145 GLU A CB  1 
ATOM   1028 C CG  . GLU A 1 165 ? 3.444   -1.423  -11.024 1.00 27.23 ?  145 GLU A CG  1 
ATOM   1029 C CD  . GLU A 1 165 ? 4.977   -1.507  -10.875 1.00 31.15 ?  145 GLU A CD  1 
ATOM   1030 O OE1 . GLU A 1 165 ? 5.599   -0.635  -10.131 1.00 30.47 ?  145 GLU A OE1 1 
ATOM   1031 O OE2 . GLU A 1 165 ? 5.577   -2.463  -11.425 1.00 37.54 -1 145 GLU A OE2 1 
ATOM   1032 N N   . MET A 1 166 ? 0.729   -1.484  -7.661  1.00 18.87 ?  146 MET A N   1 
ATOM   1033 C CA  . MET A 1 166 ? 0.239   -1.447  -6.281  1.00 20.06 ?  146 MET A CA  1 
ATOM   1034 C C   . MET A 1 166 ? 1.361   -1.920  -5.360  1.00 19.63 ?  146 MET A C   1 
ATOM   1035 O O   . MET A 1 166 ? 2.177   -2.785  -5.701  1.00 19.96 ?  146 MET A O   1 
ATOM   1036 C CB  . MET A 1 166 ? -0.978  -2.348  -6.145  1.00 21.52 ?  146 MET A CB  1 
ATOM   1037 C CG  . MET A 1 166 ? -1.688  -2.230  -4.829  1.00 25.70 ?  146 MET A CG  1 
ATOM   1038 S SD  . MET A 1 166 ? -3.167  -3.299  -4.726  1.00 28.77 ?  146 MET A SD  1 
ATOM   1039 C CE  . MET A 1 166 ? -2.415  -4.904  -4.470  1.00 27.63 ?  146 MET A CE  1 
ATOM   1040 N N   . SER A 1 167 ? 1.401   -1.333  -4.173  1.00 17.67 ?  147 SER A N   1 
ATOM   1041 C CA  . SER A 1 167 ? 2.384   -1.690  -3.136  1.00 16.70 ?  147 SER A CA  1 
ATOM   1042 C C   . SER A 1 167 ? 1.946   -2.957  -2.383  1.00 18.50 ?  147 SER A C   1 
ATOM   1043 O O   . SER A 1 167 ? 0.789   -3.401  -2.456  1.00 17.06 ?  147 SER A O   1 
ATOM   1044 C CB  . SER A 1 167 ? 2.542   -0.524  -2.190  1.00 18.07 ?  147 SER A CB  1 
ATOM   1045 O OG  . SER A 1 167 ? 1.418   -0.434  -1.320  1.00 17.00 ?  147 SER A OG  1 
ATOM   1046 N N   . GLY A 1 168 ? 2.842   -3.511  -1.566  1.00 17.22 ?  148 GLY A N   1 
ATOM   1047 C CA  . GLY A 1 168 ? 2.355   -4.328  -0.457  1.00 17.09 ?  148 GLY A CA  1 
ATOM   1048 C C   . GLY A 1 168 ? 2.099   -3.441  0.764   1.00 19.50 ?  148 GLY A C   1 
ATOM   1049 O O   . GLY A 1 168 ? 1.860   -2.235  0.639   1.00 20.51 ?  148 GLY A O   1 
ATOM   1050 N N   . PRO A 1 169 ? 2.190   -3.981  1.991   1.00 20.72 ?  149 PRO A N   1 
ATOM   1051 C CA  . PRO A 1 169 ? 1.946   -3.184  3.179   1.00 19.86 ?  149 PRO A CA  1 
ATOM   1052 C C   . PRO A 1 169 ? 3.010   -2.092  3.323   1.00 20.05 ?  149 PRO A C   1 
ATOM   1053 O O   . PRO A 1 169 ? 4.204   -2.350  3.163   1.00 22.52 ?  149 PRO A O   1 
ATOM   1054 C CB  . PRO A 1 169 ? 2.012   -4.143  4.373   1.00 22.35 ?  149 PRO A CB  1 
ATOM   1055 C CG  . PRO A 1 169 ? 1.988   -5.532  3.749   1.00 24.68 ?  149 PRO A CG  1 
ATOM   1056 C CD  . PRO A 1 169 ? 2.436   -5.396  2.302   1.00 22.30 ?  149 PRO A CD  1 
ATOM   1057 N N   . VAL A 1 170 ? 2.550   -0.853  3.535   1.00 20.34 ?  150 VAL A N   1 
ATOM   1058 C CA  . VAL A 1 170 ? 3.469   0.278   3.728   1.00 20.02 ?  150 VAL A CA  1 
ATOM   1059 C C   . VAL A 1 170 ? 3.158   0.868   5.108   1.00 20.86 ?  150 VAL A C   1 
ATOM   1060 O O   . VAL A 1 170 ? 2.021   1.190   5.430   1.00 20.08 ?  150 VAL A O   1 
ATOM   1061 C CB  . VAL A 1 170 ? 3.350   1.292   2.579   1.00 21.16 ?  150 VAL A CB  1 
ATOM   1062 C CG1 . VAL A 1 170 ? 4.138   2.550   2.871   1.00 23.33 ?  150 VAL A CG1 1 
ATOM   1063 C CG2 . VAL A 1 170 ? 3.776   0.686   1.257   1.00 19.98 ?  150 VAL A CG2 1 
ATOM   1064 N N   . PHE A 1 171 ? 4.193   0.964   5.953   1.00 19.67 ?  151 PHE A N   1 
ATOM   1065 C CA  . PHE A 1 171 ? 4.031   1.290   7.338   1.00 21.66 ?  151 PHE A CA  1 
ATOM   1066 C C   . PHE A 1 171 ? 4.427   2.763   7.567   1.00 20.64 ?  151 PHE A C   1 
ATOM   1067 O O   . PHE A 1 171 ? 5.520   3.180   7.190   1.00 23.38 ?  151 PHE A O   1 
ATOM   1068 C CB  . PHE A 1 171 ? 4.940   0.381   8.169   1.00 23.29 ?  151 PHE A CB  1 
ATOM   1069 C CG  . PHE A 1 171 ? 4.604   -1.088  8.083   1.00 22.98 ?  151 PHE A CG  1 
ATOM   1070 C CD1 . PHE A 1 171 ? 5.108   -1.867  7.054   1.00 22.97 ?  151 PHE A CD1 1 
ATOM   1071 C CD2 . PHE A 1 171 ? 3.789   -1.676  9.027   1.00 22.92 ?  151 PHE A CD2 1 
ATOM   1072 C CE1 . PHE A 1 171 ? 4.759   -3.211  6.943   1.00 22.52 ?  151 PHE A CE1 1 
ATOM   1073 C CE2 . PHE A 1 171 ? 3.479   -3.024  8.941   1.00 23.66 ?  151 PHE A CE2 1 
ATOM   1074 C CZ  . PHE A 1 171 ? 3.981   -3.794  7.917   1.00 25.15 ?  151 PHE A CZ  1 
ATOM   1075 N N   . THR A 1 172 ? 3.517   3.508   8.182   1.00 24.07 ?  152 THR A N   1 
ATOM   1076 C CA  . THR A 1 172 ? 3.774   4.869   8.632   1.00 22.52 ?  152 THR A CA  1 
ATOM   1077 C C   . THR A 1 172 ? 3.222   5.012   10.049  1.00 22.71 ?  152 THR A C   1 
ATOM   1078 O O   . THR A 1 172 ? 2.534   4.152   10.561  1.00 21.27 ?  152 THR A O   1 
ATOM   1079 C CB  . THR A 1 172 ? 3.193   5.922   7.673   1.00 24.36 ?  152 THR A CB  1 
ATOM   1080 O OG1 . THR A 1 172 ? 1.801   6.032   7.953   1.00 24.03 ?  152 THR A OG1 1 
ATOM   1081 C CG2 . THR A 1 172 ? 3.405   5.635   6.203   1.00 23.86 ?  152 THR A CG2 1 
ATOM   1082 N N   . ASP A 1 173 ? 3.433   6.195   10.667  1.00 26.15 ?  153 ASP A N   1 
ATOM   1083 C CA  . ASP A 1 173 ? 2.854   6.455   11.980  1.00 26.20 ?  153 ASP A CA  1 
ATOM   1084 C C   . ASP A 1 173 ? 1.315   6.474   11.981  1.00 25.52 ?  153 ASP A C   1 
ATOM   1085 O O   . ASP A 1 173 ? 0.711   6.249   12.998  1.00 29.23 ?  153 ASP A O   1 
ATOM   1086 C CB  . ASP A 1 173 ? 3.450   7.760   12.520  1.00 33.07 ?  153 ASP A CB  1 
ATOM   1087 C CG  . ASP A 1 173 ? 4.896   7.552   12.939  1.00 44.51 ?  153 ASP A CG  1 
ATOM   1088 O OD1 . ASP A 1 173 ? 5.260   6.374   13.290  1.00 46.98 -1 153 ASP A OD1 1 
ATOM   1089 O OD2 . ASP A 1 173 ? 5.659   8.510   12.826  1.00 50.02 -1 153 ASP A OD2 1 
ATOM   1090 N N   . SER A 1 174 ? 0.669   6.682   10.829  1.00 22.82 ?  154 SER A N   1 
ATOM   1091 C CA  . SER A 1 174 ? -0.761  6.694   10.743  1.00 23.86 ?  154 SER A CA  1 
ATOM   1092 C C   . SER A 1 174 ? -1.321  5.288   10.814  1.00 23.51 ?  154 SER A C   1 
ATOM   1093 O O   . SER A 1 174 ? -2.449  5.083   11.254  1.00 26.14 ?  154 SER A O   1 
ATOM   1094 C CB  . SER A 1 174 ? -1.217  7.307   9.472   1.00 25.77 ?  154 SER A CB  1 
ATOM   1095 O OG  . SER A 1 174 ? -0.818  8.625   9.413   1.00 26.12 ?  154 SER A OG  1 
ATOM   1096 N N   . GLY A 1 175 ? -0.525  4.312   10.372  1.00 22.80 ?  155 GLY A N   1 
ATOM   1097 C CA  . GLY A 1 175 ? -1.015  2.985   10.298  1.00 23.12 ?  155 GLY A CA  1 
ATOM   1098 C C   . GLY A 1 175 ? -0.382  2.225   9.136   1.00 20.16 ?  155 GLY A C   1 
ATOM   1099 O O   . GLY A 1 175 ? 0.684   2.540   8.706   1.00 21.49 ?  155 GLY A O   1 
ATOM   1100 N N   . ILE A 1 176 ? -1.101  1.232   8.615   1.00 20.74 ?  156 ILE A N   1 
ATOM   1101 C CA  . ILE A 1 176 ? -0.578  0.393   7.463   1.00 20.61 ?  156 ILE A CA  1 
ATOM   1102 C C   . ILE A 1 176 ? -1.396  0.733   6.205   1.00 19.30 ?  156 ILE A C   1 
ATOM   1103 O O   . ILE A 1 176 ? -2.653  0.660   6.229   1.00 19.99 ?  156 ILE A O   1 
ATOM   1104 C CB  . ILE A 1 176 ? -0.635  -1.111  7.804   1.00 18.59 ?  156 ILE A CB  1 
ATOM   1105 C CG1 . ILE A 1 176 ? -0.081  -1.411  9.201   1.00 23.38 ?  156 ILE A CG1 1 
ATOM   1106 C CG2 . ILE A 1 176 ? 0.103   -1.928  6.771   1.00 20.54 ?  156 ILE A CG2 1 
ATOM   1107 C CD1 . ILE A 1 176 ? -0.202  -2.844  9.614   1.00 24.38 ?  156 ILE A CD1 1 
ATOM   1108 N N   . HIS A 1 177 ? -0.690  1.006   5.094   1.00 18.35 ?  157 HIS A N   1 
ATOM   1109 C CA  . HIS A 1 177 ? -1.363  1.334   3.867   1.00 19.48 ?  157 HIS A CA  1 
ATOM   1110 C C   . HIS A 1 177 ? -1.121  0.289   2.756   1.00 20.40 ?  157 HIS A C   1 
ATOM   1111 O O   . HIS A 1 177 ? -0.061  -0.373  2.700   1.00 17.40 ?  157 HIS A O   1 
ATOM   1112 C CB  . HIS A 1 177 ? -0.845  2.650   3.313   1.00 21.67 ?  157 HIS A CB  1 
ATOM   1113 C CG  . HIS A 1 177 ? -0.740  3.796   4.277   1.00 23.75 ?  157 HIS A CG  1 
ATOM   1114 N ND1 . HIS A 1 177 ? -1.538  4.946   4.135   1.00 24.61 ?  157 HIS A ND1 1 
ATOM   1115 C CD2 . HIS A 1 177 ? 0.126   4.031   5.309   1.00 21.26 ?  157 HIS A CD2 1 
ATOM   1116 C CE1 . HIS A 1 177 ? -1.159  5.856   5.043   1.00 26.10 ?  157 HIS A CE1 1 
ATOM   1117 N NE2 . HIS A 1 177 ? -0.147  5.301   5.810   1.00 24.33 ?  157 HIS A NE2 1 
ATOM   1118 N N   . ILE A 1 178 ? -2.075  0.241   1.835   1.00 16.25 ?  158 ILE A N   1 
ATOM   1119 C CA  . ILE A 1 178 ? -1.877  -0.248  0.476   1.00 19.45 ?  158 ILE A CA  1 
ATOM   1120 C C   . ILE A 1 178 ? -1.945  0.962   -0.445  1.00 17.74 ?  158 ILE A C   1 
ATOM   1121 O O   . ILE A 1 178 ? -2.870  1.760   -0.296  1.00 19.04 ?  158 ILE A O   1 
ATOM   1122 C CB  . ILE A 1 178 ? -2.935  -1.286  0.056   1.00 21.65 ?  158 ILE A CB  1 
ATOM   1123 C CG1 . ILE A 1 178 ? -3.094  -2.411  1.075   1.00 24.70 ?  158 ILE A CG1 1 
ATOM   1124 C CG2 . ILE A 1 178 ? -2.579  -1.849  -1.321  1.00 24.84 ?  158 ILE A CG2 1 
ATOM   1125 C CD1 . ILE A 1 178 ? -4.480  -3.050  1.031   1.00 25.31 ?  158 ILE A CD1 1 
ATOM   1126 N N   . ILE A 1 179 ? -0.961  1.122   -1.323  1.00 16.48 ?  159 ILE A N   1 
ATOM   1127 C CA  . ILE A 1 179 ? -0.866  2.270   -2.207  1.00 18.32 ?  159 ILE A CA  1 
ATOM   1128 C C   . ILE A 1 179 ? -1.023  1.807   -3.656  1.00 19.81 ?  159 ILE A C   1 
ATOM   1129 O O   . ILE A 1 179 ? -0.416  0.821   -4.057  1.00 19.41 ?  159 ILE A O   1 
ATOM   1130 C CB  . ILE A 1 179 ? 0.483   3.005   -2.005  1.00 18.92 ?  159 ILE A CB  1 
ATOM   1131 C CG1 . ILE A 1 179 ? 0.702   3.421   -0.556  1.00 20.34 ?  159 ILE A CG1 1 
ATOM   1132 C CG2 . ILE A 1 179 ? 0.581   4.208   -2.960  1.00 21.31 ?  159 ILE A CG2 1 
ATOM   1133 C CD1 . ILE A 1 179 ? 2.088   4.001   -0.272  1.00 20.95 ?  159 ILE A CD1 1 
ATOM   1134 N N   . LEU A 1 180 ? -1.808  2.564   -4.423  1.00 17.84 ?  160 LEU A N   1 
ATOM   1135 C CA  . LEU A 1 180 ? -1.955  2.338   -5.856  1.00 19.51 ?  160 LEU A CA  1 
ATOM   1136 C C   . LEU A 1 180 ? -1.598  3.619   -6.597  1.00 17.88 ?  160 LEU A C   1 
ATOM   1137 O O   . LEU A 1 180 ? -2.216  4.661   -6.371  1.00 20.40 ?  160 LEU A O   1 
ATOM   1138 C CB  . LEU A 1 180 ? -3.406  1.989   -6.156  1.00 20.38 ?  160 LEU A CB  1 
ATOM   1139 C CG  . LEU A 1 180 ? -3.757  1.828   -7.635  1.00 23.20 ?  160 LEU A CG  1 
ATOM   1140 C CD1 . LEU A 1 180 ? -3.198  0.536   -8.192  1.00 26.97 ?  160 LEU A CD1 1 
ATOM   1141 C CD2 . LEU A 1 180 ? -5.272  1.822   -7.812  1.00 27.65 ?  160 LEU A CD2 1 
ATOM   1142 N N   . ARG A 1 181 ? -0.603  3.520   -7.459  1.00 18.69 ?  161 ARG A N   1 
ATOM   1143 C CA  . ARG A 1 181 ? -0.156  4.671   -8.225  1.00 21.22 ?  161 ARG A CA  1 
ATOM   1144 C C   . ARG A 1 181 ? -1.020  4.768   -9.475  1.00 22.16 ?  161 ARG A C   1 
ATOM   1145 O O   . ARG A 1 181 ? -1.035  3.849   -10.285 1.00 21.01 ?  161 ARG A O   1 
ATOM   1146 C CB  . ARG A 1 181 ? 1.310   4.572   -8.628  1.00 20.75 ?  161 ARG A CB  1 
ATOM   1147 C CG  . ARG A 1 181 ? 1.721   5.797   -9.436  1.00 23.59 ?  161 ARG A CG  1 
ATOM   1148 C CD  . ARG A 1 181 ? 3.201   5.975   -9.666  1.00 26.20 ?  161 ARG A CD  1 
ATOM   1149 N NE  . ARG A 1 181 ? 3.422   7.021   -10.646 1.00 26.77 ?  161 ARG A NE  1 
ATOM   1150 C CZ  . ARG A 1 181 ? 4.471   7.111   -11.465 1.00 30.32 ?  161 ARG A CZ  1 
ATOM   1151 N NH1 . ARG A 1 181 ? 5.492   6.298   -11.302 1.00 29.08 1  161 ARG A NH1 1 
ATOM   1152 N NH2 . ARG A 1 181 ? 4.489   8.035   -12.439 1.00 28.89 ?  161 ARG A NH2 1 
ATOM   1153 N N   . THR A 1 182 ? -1.744  5.870   -9.603  1.00 22.64 ?  162 THR A N   1 
ATOM   1154 C CA  . THR A 1 182 ? -2.673  6.014   -10.715 1.00 26.44 ?  162 THR A CA  1 
ATOM   1155 C C   . THR A 1 182 ? -2.138  6.973   -11.796 1.00 32.25 ?  162 THR A C   1 
ATOM   1156 O O   . THR A 1 182 ? -2.659  6.955   -12.876 1.00 34.17 ?  162 THR A O   1 
ATOM   1157 C CB  . THR A 1 182 ? -4.035  6.469   -10.203 1.00 26.91 ?  162 THR A CB  1 
ATOM   1158 O OG1 . THR A 1 182 ? -3.819  7.737   -9.586  1.00 28.10 ?  162 THR A OG1 1 
ATOM   1159 C CG2 . THR A 1 182 ? -4.677  5.479   -9.252  1.00 24.15 ?  162 THR A CG2 1 
ATOM   1160 N N   . GLU A 1 183 ? -1.123  7.791   -11.505 1.00 28.13 ?  163 GLU A N   1 
ATOM   1161 C CA  . GLU A 1 183 ? -0.470  8.702   -12.507 1.00 33.09 ?  163 GLU A CA  1 
ATOM   1162 C C   . GLU A 1 183 ? 0.978   8.971   -12.080 1.00 35.94 ?  163 GLU A C   1 
ATOM   1163 O O   . GLU A 1 183 ? 1.254   8.905   -10.858 1.00 30.39 ?  163 GLU A O   1 
ATOM   1164 C CB  . GLU A 1 183 ? -1.169  10.070  -12.599 1.00 34.03 ?  163 GLU A CB  1 
ATOM   1165 C CG  . GLU A 1 183 ? -2.621  10.027  -13.028 1.00 36.32 ?  163 GLU A CG  1 
ATOM   1166 C CD  . GLU A 1 183 ? -3.271  11.410  -13.130 1.00 43.02 ?  163 GLU A CD  1 
ATOM   1167 O OE1 . GLU A 1 183 ? -2.539  12.430  -13.034 1.00 50.77 ?  163 GLU A OE1 1 
ATOM   1168 O OE2 . GLU A 1 183 ? -4.512  11.470  -13.240 1.00 43.23 -1 163 GLU A OE2 1 
ATOM   1169 O OXT . GLU A 1 183 ? 1.874   9.285   -12.898 1.00 37.27 -1 163 GLU A OXT 1 
HETATM 1170 C C12 . J2C B 2 .   ? -0.436  12.768  5.627   1.00 44.38 ?  201 J2C A C12 1 
HETATM 1171 N N01 . J2C B 2 .   ? -4.270  10.001  6.190   1.00 31.82 ?  201 J2C A N01 1 
HETATM 1172 C C02 . J2C B 2 .   ? -4.223  10.664  4.885   1.00 31.90 ?  201 J2C A C02 1 
HETATM 1173 C C03 . J2C B 2 .   ? -2.969  11.484  4.795   1.00 31.50 ?  201 J2C A C03 1 
HETATM 1174 C C04 . J2C B 2 .   ? -1.749  10.659  5.083   1.00 31.19 ?  201 J2C A C04 1 
HETATM 1175 C C05 . J2C B 2 .   ? -1.789  10.105  6.484   1.00 29.46 ?  201 J2C A C05 1 
HETATM 1176 C C06 . J2C B 2 .   ? -3.037  9.322   6.731   1.00 31.54 ?  201 J2C A C06 1 
HETATM 1177 N N07 . J2C B 2 .   ? -0.521  11.439  4.950   1.00 32.03 ?  201 J2C A N07 1 
HETATM 1178 C C08 . J2C B 2 .   ? 0.452   10.833  4.308   1.00 32.02 ?  201 J2C A C08 1 
HETATM 1179 C C09 . J2C B 2 .   ? 0.157   9.420   3.722   1.00 31.41 ?  201 J2C A C09 1 
HETATM 1180 S S10 . J2C B 2 .   ? -1.587  9.302   3.873   1.00 32.01 ?  201 J2C A S10 1 
HETATM 1181 O O11 . J2C B 2 .   ? 1.514   11.333  4.111   1.00 32.10 ?  201 J2C A O11 1 
HETATM 1182 C C13 . J2C B 2 .   ? -0.668  14.006  4.797   1.00 51.04 ?  201 J2C A C13 1 
HETATM 1183 C C14 . J2C B 2 .   ? 0.308   14.727  4.088   1.00 59.33 ?  201 J2C A C14 1 
HETATM 1184 C C15 . J2C B 2 .   ? -0.320  15.814  3.471   1.00 64.20 ?  201 J2C A C15 1 
HETATM 1185 C C16 . J2C B 2 .   ? -1.670  15.783  3.812   1.00 60.39 ?  201 J2C A C16 1 
HETATM 1186 O O17 . J2C B 2 .   ? -1.878  14.678  4.642   1.00 63.47 ?  201 J2C A O17 1 
HETATM 1187 C C18 . J2C B 2 .   ? -5.400  9.935   6.869   1.00 31.06 ?  201 J2C A C18 1 
HETATM 1188 C C19 . J2C B 2 .   ? -6.684  10.495  6.303   1.00 34.64 ?  201 J2C A C19 1 
HETATM 1189 O O20 . J2C B 2 .   ? -5.476  9.322   7.890   1.00 34.37 ?  201 J2C A O20 1 
HETATM 1190 O O1  . PE8 C 3 .   ? 2.517   -8.733  -11.684 1.00 50.50 ?  202 PE8 A O1  1 
HETATM 1191 C C2  . PE8 C 3 .   ? 2.037   -7.696  -10.833 1.00 56.40 ?  202 PE8 A C2  1 
HETATM 1192 C C3  . PE8 C 3 .   ? 1.832   -8.115  -9.377  1.00 53.76 ?  202 PE8 A C3  1 
HETATM 1193 O O4  . PE8 C 3 .   ? 1.593   -7.007  -8.520  1.00 60.35 ?  202 PE8 A O4  1 
HETATM 1194 C C5  . PE8 C 3 .   ? 1.636   -7.190  -7.122  1.00 34.10 ?  202 PE8 A C5  1 
HETATM 1195 C C6  . PE8 C 3 .   ? 2.116   -5.972  -6.277  1.00 36.81 ?  202 PE8 A C6  1 
HETATM 1196 O O7  . PE8 C 3 .   ? 1.742   -6.073  -4.882  1.00 39.57 ?  202 PE8 A O7  1 
HETATM 1197 C C8  . PE8 C 3 .   ? 2.251   -7.101  -4.118  1.00 22.25 ?  202 PE8 A C8  1 
HETATM 1198 C C9  . PE8 C 3 .   ? 1.960   -7.385  -2.560  1.00 28.20 ?  202 PE8 A C9  1 
HETATM 1199 O O10 . PE8 C 3 .   ? 1.378   -8.771  -2.391  1.00 22.34 ?  202 PE8 A O10 1 
HETATM 1200 C C11 . PE8 C 3 .   ? 1.502   -9.885  -1.511  1.00 25.47 ?  202 PE8 A C11 1 
HETATM 1201 C C12 . PE8 C 3 .   ? 0.527   -11.063 -1.875  1.00 24.54 ?  202 PE8 A C12 1 
HETATM 1202 O O13 . PE8 C 3 .   ? 0.790   -11.536 -3.161  1.00 26.07 ?  202 PE8 A O13 1 
HETATM 1203 C C14 . PE8 C 3 .   ? 0.090   -12.759 -3.485  1.00 26.91 ?  202 PE8 A C14 1 
HETATM 1204 C C15 . PE8 C 3 .   ? 0.570   -13.231 -4.816  1.00 24.80 ?  202 PE8 A C15 1 
HETATM 1205 O O16 . PE8 C 3 .   ? 1.958   -13.443 -4.697  1.00 26.49 ?  202 PE8 A O16 1 
HETATM 1206 C C17 . PE8 C 3 .   ? 2.470   -14.038 -5.866  1.00 24.32 ?  202 PE8 A C17 1 
HETATM 1207 C C18 . PE8 C 3 .   ? 3.979   -14.025 -5.856  1.00 25.97 ?  202 PE8 A C18 1 
HETATM 1208 O O19 . PE8 C 3 .   ? 4.388   -14.799 -4.759  1.00 27.36 ?  202 PE8 A O19 1 
HETATM 1209 C C20 . PE8 C 3 .   ? 5.773   -14.906 -4.649  1.00 28.30 ?  202 PE8 A C20 1 
HETATM 1210 C C21 . PE8 C 3 .   ? 6.107   -15.523 -3.335  1.00 32.47 ?  202 PE8 A C21 1 
HETATM 1211 O O22 . PE8 C 3 .   ? 5.979   -14.506 -2.396  1.00 36.08 ?  202 PE8 A O22 1 
HETATM 1212 C C23 . PE8 C 3 .   ? 6.478   -14.826 -1.136  1.00 40.35 ?  202 PE8 A C23 1 
HETATM 1213 C C24 . PE8 C 3 .   ? 6.501   -13.538 -0.312  1.00 40.14 ?  202 PE8 A C24 1 
HETATM 1214 O O25 . PE8 C 3 .   ? 5.262   -13.470 0.314   1.00 45.02 ?  202 PE8 A O25 1 
HETATM 1215 O O   . HOH D 4 .   ? 6.929   -26.579 -2.865  1.00 44.73 ?  301 HOH A O   1 
HETATM 1216 O O   . HOH D 4 .   ? -4.736  -12.250 6.090   1.00 60.58 ?  302 HOH A O   1 
HETATM 1217 O O   . HOH D 4 .   ? -8.967  4.544   -8.786  1.00 62.95 ?  303 HOH A O   1 
HETATM 1218 O O   . HOH D 4 .   ? 8.371   13.545  2.667   1.00 42.71 ?  304 HOH A O   1 
HETATM 1219 O O   . HOH D 4 .   ? 2.589   -12.616 -9.456  1.00 25.36 ?  305 HOH A O   1 
HETATM 1220 O O   . HOH D 4 .   ? -9.974  -0.311  8.421   1.00 32.04 ?  306 HOH A O   1 
HETATM 1221 O O   . HOH D 4 .   ? -13.038 -5.772  6.536   1.00 45.19 ?  307 HOH A O   1 
HETATM 1222 O O   . HOH D 4 .   ? -8.752  5.558   -6.274  1.00 29.12 ?  308 HOH A O   1 
HETATM 1223 O O   . HOH D 4 .   ? -10.439 -2.954  8.109   1.00 28.94 ?  309 HOH A O   1 
HETATM 1224 O O   . HOH D 4 .   ? 0.375   -8.950  1.836   1.00 35.04 ?  310 HOH A O   1 
HETATM 1225 O O   . HOH D 4 .   ? -0.125  -9.942  11.372  1.00 44.07 ?  311 HOH A O   1 
HETATM 1226 O O   . HOH D 4 .   ? 12.226  -14.847 -14.042 1.00 48.63 ?  312 HOH A O   1 
HETATM 1227 O O   . HOH D 4 .   ? -1.706  5.643   19.674  1.00 54.72 ?  313 HOH A O   1 
HETATM 1228 O O   . HOH D 4 .   ? -13.800 0.495   19.620  1.00 43.07 ?  314 HOH A O   1 
HETATM 1229 O O   . HOH D 4 .   ? 7.778   -0.834  -8.741  1.00 23.11 ?  315 HOH A O   1 
HETATM 1230 O O   . HOH D 4 .   ? -15.224 -4.538  -6.210  1.00 39.34 ?  316 HOH A O   1 
HETATM 1231 O O   . HOH D 4 .   ? 3.373   11.523  -12.669 1.00 38.91 ?  317 HOH A O   1 
HETATM 1232 O O   . HOH D 4 .   ? 2.284   -0.592  -14.815 1.00 40.03 ?  318 HOH A O   1 
HETATM 1233 O O   . HOH D 4 .   ? 10.743  13.329  -7.828  1.00 37.63 ?  319 HOH A O   1 
HETATM 1234 O O   . HOH D 4 .   ? -6.665  2.611   20.893  1.00 43.06 ?  320 HOH A O   1 
HETATM 1235 O O   . HOH D 4 .   ? 5.310   -3.055  19.638  1.00 43.08 ?  321 HOH A O   1 
HETATM 1236 O O   . HOH D 4 .   ? 9.023   2.283   1.796   1.00 30.00 ?  322 HOH A O   1 
HETATM 1237 O O   . HOH D 4 .   ? -17.990 0.256   5.159   1.00 48.47 ?  323 HOH A O   1 
HETATM 1238 O O   . HOH D 4 .   ? 9.004   -16.637 -11.210 1.00 35.37 ?  324 HOH A O   1 
HETATM 1239 O O   . HOH D 4 .   ? 6.775   -2.192  -6.519  1.00 24.15 ?  325 HOH A O   1 
HETATM 1240 O O   . HOH D 4 .   ? 10.614  -3.536  2.803   1.00 26.69 ?  326 HOH A O   1 
HETATM 1241 O O   . HOH D 4 .   ? -5.419  8.142   -7.377  1.00 26.23 ?  327 HOH A O   1 
HETATM 1242 O O   . HOH D 4 .   ? -8.484  5.656   1.647   1.00 21.91 ?  328 HOH A O   1 
HETATM 1243 O O   . HOH D 4 .   ? 6.100   13.444  -0.443  1.00 27.57 ?  329 HOH A O   1 
HETATM 1244 O O   . HOH D 4 .   ? 4.179   -4.691  -9.854  1.00 29.72 ?  330 HOH A O   1 
HETATM 1245 O O   . HOH D 4 .   ? -0.859  -2.237  18.351  1.00 39.30 ?  331 HOH A O   1 
HETATM 1246 O O   . HOH D 4 .   ? -15.551 6.470   -2.512  1.00 27.06 ?  332 HOH A O   1 
HETATM 1247 O O   . HOH D 4 .   ? -8.281  -5.968  -8.644  1.00 18.69 ?  333 HOH A O   1 
HETATM 1248 O O   . HOH D 4 .   ? 1.627   -13.777 -15.277 1.00 27.50 ?  334 HOH A O   1 
HETATM 1249 O O   . HOH D 4 .   ? 8.006   2.119   6.951   1.00 27.38 ?  335 HOH A O   1 
HETATM 1250 O O   . HOH D 4 .   ? -3.077  -10.099 -9.364  1.00 28.10 ?  336 HOH A O   1 
HETATM 1251 O O   . HOH D 4 .   ? -7.755  8.820   9.940   1.00 46.88 ?  337 HOH A O   1 
HETATM 1252 O O   . HOH D 4 .   ? -2.120  -2.844  -9.674  1.00 34.56 ?  338 HOH A O   1 
HETATM 1253 O O   . HOH D 4 .   ? 1.448   9.223   -15.593 1.00 49.03 ?  339 HOH A O   1 
HETATM 1254 O O   . HOH D 4 .   ? 13.836  9.257   0.244   1.00 50.88 ?  340 HOH A O   1 
HETATM 1255 O O   . HOH D 4 .   ? 3.785   -12.747 -2.630  1.00 26.84 ?  341 HOH A O   1 
HETATM 1256 O O   . HOH D 4 .   ? -1.084  -6.457  -8.233  1.00 49.34 ?  342 HOH A O   1 
HETATM 1257 O O   . HOH D 4 .   ? 9.320   15.238  -6.322  1.00 32.00 ?  343 HOH A O   1 
HETATM 1258 O O   . HOH D 4 .   ? 10.931  1.018   -9.138  1.00 33.54 ?  344 HOH A O   1 
HETATM 1259 O O   . HOH D 4 .   ? -11.594 9.214   -6.877  1.00 42.95 ?  345 HOH A O   1 
HETATM 1260 O O   . HOH D 4 .   ? -17.061 12.566  20.155  1.00 50.03 ?  346 HOH A O   1 
HETATM 1261 O O   . HOH D 4 .   ? -13.155 13.075  2.047   1.00 40.19 ?  347 HOH A O   1 
HETATM 1262 O O   . HOH D 4 .   ? 1.784   -19.832 -8.185  1.00 30.00 ?  348 HOH A O   1 
HETATM 1263 O O   . HOH D 4 .   ? 18.260  -9.669  -7.044  1.00 41.25 ?  349 HOH A O   1 
HETATM 1264 O O   . HOH D 4 .   ? -2.650  7.451   -15.683 1.00 47.05 ?  350 HOH A O   1 
HETATM 1265 O O   . HOH D 4 .   ? 12.072  -20.331 -10.723 1.00 40.43 ?  351 HOH A O   1 
HETATM 1266 O O   . HOH D 4 .   ? 17.038  -3.095  -8.492  1.00 39.40 ?  352 HOH A O   1 
HETATM 1267 O O   . HOH D 4 .   ? -8.971  -8.485  5.220   1.00 32.39 ?  353 HOH A O   1 
HETATM 1268 O O   . HOH D 4 .   ? 4.373   -3.020  -7.525  1.00 29.33 ?  354 HOH A O   1 
HETATM 1269 O O   . HOH D 4 .   ? 2.701   -16.319 -2.994  1.00 37.07 ?  355 HOH A O   1 
HETATM 1270 O O   . HOH D 4 .   ? -10.763 11.355  -7.396  1.00 47.14 ?  356 HOH A O   1 
HETATM 1271 O O   . HOH D 4 .   ? -1.442  -10.525 0.935   1.00 29.84 ?  357 HOH A O   1 
HETATM 1272 O O   . HOH D 4 .   ? 14.226  -17.401 0.604   1.00 47.72 ?  358 HOH A O   1 
HETATM 1273 O O   . HOH D 4 .   ? -7.039  1.970   25.439  1.00 48.41 ?  359 HOH A O   1 
HETATM 1274 O O   . HOH D 4 .   ? 0.142   20.832  -4.792  1.00 73.58 ?  360 HOH A O   1 
HETATM 1275 O O   . HOH D 4 .   ? 3.954   2.229   12.236  1.00 46.65 ?  361 HOH A O   1 
HETATM 1276 O O   . HOH D 4 .   ? 9.547   -11.048 0.575   1.00 46.90 ?  362 HOH A O   1 
HETATM 1277 O O   . HOH D 4 .   ? 1.285   -10.817 -7.833  1.00 28.22 ?  363 HOH A O   1 
HETATM 1278 O O   . HOH D 4 .   ? 16.116  -16.143 -1.449  1.00 46.61 ?  364 HOH A O   1 
HETATM 1279 O O   . HOH D 4 .   ? 7.914   11.313  7.409   1.00 33.19 ?  365 HOH A O   1 
HETATM 1280 O O   . HOH D 4 .   ? -7.460  -6.768  19.869  1.00 60.62 ?  366 HOH A O   1 
HETATM 1281 O O   . HOH D 4 .   ? -15.389 3.212   19.082  1.00 35.82 ?  367 HOH A O   1 
HETATM 1282 O O   . HOH D 4 .   ? -17.482 4.623   16.376  1.00 37.20 ?  368 HOH A O   1 
HETATM 1283 O O   . HOH D 4 .   ? -16.847 3.528   -4.354  1.00 30.00 ?  369 HOH A O   1 
HETATM 1284 O O   . HOH D 4 .   ? -7.598  -8.855  11.876  1.00 50.09 ?  370 HOH A O   1 
HETATM 1285 O O   . HOH D 4 .   ? 17.383  0.352   -3.222  1.00 66.09 ?  371 HOH A O   1 
HETATM 1286 O O   . HOH D 4 .   ? 2.236   -4.871  12.061  1.00 45.71 ?  372 HOH A O   1 
HETATM 1287 O O   . HOH D 4 .   ? 5.485   7.994   9.291   1.00 34.93 ?  373 HOH A O   1 
HETATM 1288 O O   . HOH D 4 .   ? 2.060   1.201   11.334  1.00 41.59 ?  374 HOH A O   1 
HETATM 1289 O O   . HOH D 4 .   ? -4.076  4.343   -13.898 1.00 49.86 ?  375 HOH A O   1 
HETATM 1290 O O   . HOH D 4 .   ? 2.846   -9.093  5.488   1.00 40.66 ?  376 HOH A O   1 
HETATM 1291 O O   . HOH D 4 .   ? 6.159   4.280   11.101  1.00 46.11 ?  377 HOH A O   1 
HETATM 1292 O O   . HOH D 4 .   ? -16.971 7.279   -5.195  1.00 30.00 ?  378 HOH A O   1 
HETATM 1293 O O   . HOH D 4 .   ? 7.134   0.422   4.795   1.00 30.00 ?  379 HOH A O   1 
HETATM 1294 O O   . HOH D 4 .   ? -17.710 1.105   7.965   1.00 51.12 ?  380 HOH A O   1 
HETATM 1295 O O   . HOH D 4 .   ? 17.342  -12.674 -1.756  1.00 62.29 ?  381 HOH A O   1 
HETATM 1296 O O   . HOH D 4 .   ? -2.049  20.822  -10.157 1.00 61.63 ?  382 HOH A O   1 
HETATM 1297 O O   . HOH D 4 .   ? 7.384   -10.665 -17.090 1.00 45.96 ?  383 HOH A O   1 
HETATM 1298 O O   . HOH D 4 .   ? -11.062 -5.263  13.379  1.00 30.00 ?  384 HOH A O   1 
HETATM 1299 O O   . HOH D 4 .   ? 17.908  -0.351  -6.427  1.00 30.00 ?  385 HOH A O   1 
HETATM 1300 O O   . HOH D 4 .   ? -6.330  8.642   -12.141 1.00 61.17 ?  386 HOH A O   1 
HETATM 1301 O O   . HOH D 4 .   ? -10.272 10.861  8.814   1.00 30.00 ?  387 HOH A O   1 
HETATM 1302 O O   . HOH D 4 .   ? -8.326  -10.588 6.802   1.00 43.37 ?  388 HOH A O   1 
HETATM 1303 O O   . HOH D 4 .   ? -12.770 -4.013  9.837   1.00 30.00 ?  389 HOH A O   1 
HETATM 1304 O O   . HOH D 4 .   ? -9.954  9.469   -9.348  1.00 61.50 ?  390 HOH A O   1 
HETATM 1305 O O   . HOH D 4 .   ? 2.718   2.672   14.258  1.00 47.48 ?  391 HOH A O   1 
HETATM 1306 O O   . HOH D 4 .   ? 2.084   -14.781 -1.004  1.00 53.51 ?  392 HOH A O   1 
HETATM 1307 O O   . HOH D 4 .   ? -7.506  8.175   -9.147  1.00 35.92 ?  393 HOH A O   1 
HETATM 1308 O O   . HOH D 4 .   ? 5.711   4.859   -15.400 1.00 30.00 ?  394 HOH A O   1 
HETATM 1309 O O   . HOH D 4 .   ? -2.349  2.111   -15.669 1.00 46.22 ?  395 HOH A O   1 
HETATM 1310 O O   . HOH D 4 .   ? 0.296   -14.352 -9.611  1.00 42.07 ?  396 HOH A O   1 
HETATM 1311 O O   . HOH D 4 .   ? 11.097  3.180   -10.756 1.00 47.31 ?  397 HOH A O   1 
HETATM 1312 O O   . HOH D 4 .   ? 1.237   -18.049 -11.010 1.00 30.00 ?  398 HOH A O   1 
HETATM 1313 O O   . HOH D 4 .   ? 4.937   -6.765  -15.144 0.50 30.00 ?  399 HOH A O   1 
HETATM 1314 O O   . HOH D 4 .   ? -9.871  6.937   -7.822  1.00 53.88 ?  400 HOH A O   1 
HETATM 1315 O O   . HOH D 4 .   ? -9.108  -7.759  13.551  1.00 51.13 ?  401 HOH A O   1 
HETATM 1316 O O   . HOH D 4 .   ? -8.374  -10.495 10.211  1.00 59.59 ?  402 HOH A O   1 
HETATM 1317 O O   . HOH D 4 .   ? -7.800  5.789   -11.183 1.00 50.96 ?  403 HOH A O   1 
HETATM 1318 O O   . HOH D 4 .   ? -2.398  14.364  -17.904 1.00 30.00 ?  404 HOH A O   1 
# 
